data_5SWC
#
_entry.id   5SWC
#
_cell.length_a   202.950
_cell.length_b   202.950
_cell.length_c   70.510
_cell.angle_alpha   90.00
_cell.angle_beta   90.00
_cell.angle_gamma   90.00
#
_symmetry.space_group_name_H-M   'I 4'
#
loop_
_entity.id
_entity.type
_entity.pdbx_description
1 polymer 'Carbonic anhydrase'
2 non-polymer 'ZINC ION'
3 non-polymer 'CHLORIDE ION'
4 non-polymer 'FORMIC ACID'
5 water water
#
_entity_poly.entity_id   1
_entity_poly.type   'polypeptide(L)'
_entity_poly.pdbx_seq_one_letter_code
;MGSSHHHHHSSGLVPRGSHMQRLIEGLQKFREGYFSSHRDLFEQLSHGQHPRILFICCSDSRVDPNLITQSEVGDLFVIR
NAGNIIPPYGAANGGEGAAMEYALVALEINQIIVCGHSHCGAMKGLLKLNSLQEKLPLVYDWLKHTEATRRLVLDNYSHL
EGEDLIEVAVAENILTQLKNLQTYPAIHSRLHRGDLSLHGWIYRIEEGEVLAYDGVLHDFVAPQSRINALEPEDEYALH
;
_entity_poly.pdbx_strand_id   A,B,C,D,E,F
#
loop_
_chem_comp.id
_chem_comp.type
_chem_comp.name
_chem_comp.formula
CL non-polymer 'CHLORIDE ION' 'Cl -1'
FMT non-polymer 'FORMIC ACID' 'C H2 O2'
ZN non-polymer 'ZINC ION' 'Zn 2'
#
# COMPACT_ATOMS: atom_id res chain seq x y z
N GLY A 17 -36.41 27.95 -6.23
CA GLY A 17 -35.05 28.49 -6.55
C GLY A 17 -34.05 27.40 -6.88
N SER A 18 -32.79 27.65 -6.54
CA SER A 18 -31.72 26.71 -6.85
C SER A 18 -31.85 25.42 -6.04
N HIS A 19 -31.09 24.42 -6.43
CA HIS A 19 -31.06 23.20 -5.66
C HIS A 19 -30.64 23.45 -4.22
N MET A 20 -29.63 24.30 -4.01
CA MET A 20 -29.19 24.65 -2.65
C MET A 20 -30.28 25.41 -1.88
N GLN A 21 -30.97 26.34 -2.54
CA GLN A 21 -32.03 27.06 -1.88
C GLN A 21 -33.13 26.09 -1.43
N ARG A 22 -33.48 25.12 -2.26
CA ARG A 22 -34.47 24.11 -1.90
C ARG A 22 -34.05 23.32 -0.69
N LEU A 23 -32.79 22.90 -0.66
CA LEU A 23 -32.28 22.14 0.43
C LEU A 23 -32.37 22.90 1.73
N ILE A 24 -31.96 24.16 1.68
CA ILE A 24 -31.92 25.01 2.86
C ILE A 24 -33.34 25.28 3.38
N GLU A 25 -34.29 25.52 2.48
CA GLU A 25 -35.70 25.63 2.87
C GLU A 25 -36.18 24.34 3.50
N GLY A 26 -35.70 23.21 3.00
CA GLY A 26 -36.07 21.91 3.52
C GLY A 26 -35.63 21.71 4.98
N LEU A 27 -34.48 22.25 5.35
CA LEU A 27 -34.04 22.21 6.73
C LEU A 27 -35.08 22.79 7.68
N GLN A 28 -35.67 23.92 7.30
CA GLN A 28 -36.63 24.55 8.18
C GLN A 28 -37.92 23.75 8.23
N LYS A 29 -38.32 23.18 7.10
CA LYS A 29 -39.52 22.33 7.09
CA LYS A 29 -39.52 22.35 7.08
C LYS A 29 -39.33 21.12 7.98
N PHE A 30 -38.16 20.50 7.90
CA PHE A 30 -37.84 19.41 8.83
C PHE A 30 -37.97 19.84 10.28
N ARG A 31 -37.36 20.95 10.63
CA ARG A 31 -37.33 21.37 12.03
C ARG A 31 -38.74 21.64 12.55
N GLU A 32 -39.60 22.24 11.72
CA GLU A 32 -40.92 22.67 12.22
C GLU A 32 -41.99 21.58 12.06
N GLY A 33 -41.65 20.56 11.29
CA GLY A 33 -42.57 19.45 11.00
C GLY A 33 -42.15 18.19 11.70
N TYR A 34 -41.47 17.33 10.99
CA TYR A 34 -41.04 16.03 11.52
C TYR A 34 -40.26 16.12 12.82
N PHE A 35 -39.34 17.05 12.94
CA PHE A 35 -38.56 17.18 14.17
C PHE A 35 -39.50 17.45 15.34
N SER A 36 -40.45 18.34 15.17
CA SER A 36 -41.40 18.61 16.25
C SER A 36 -42.21 17.38 16.71
N SER A 37 -42.70 16.60 15.77
CA SER A 37 -43.50 15.45 16.14
C SER A 37 -42.66 14.31 16.68
N HIS A 38 -41.34 14.40 16.51
CA HIS A 38 -40.40 13.38 16.98
C HIS A 38 -39.43 13.98 17.96
N ARG A 39 -39.83 15.02 18.64
CA ARG A 39 -38.94 15.75 19.51
C ARG A 39 -38.43 14.89 20.66
N ASP A 40 -39.28 14.02 21.21
CA ASP A 40 -38.79 13.16 22.32
C ASP A 40 -37.79 12.16 21.79
N LEU A 41 -38.05 11.59 20.62
CA LEU A 41 -37.13 10.64 20.00
C LEU A 41 -35.77 11.27 19.78
N PHE A 42 -35.73 12.47 19.24
CA PHE A 42 -34.44 13.10 18.96
C PHE A 42 -33.73 13.44 20.25
N GLU A 43 -34.45 13.84 21.31
CA GLU A 43 -33.83 14.06 22.61
C GLU A 43 -33.20 12.76 23.12
N GLN A 44 -33.92 11.66 23.01
CA GLN A 44 -33.40 10.38 23.46
C GLN A 44 -32.16 10.02 22.66
N LEU A 45 -32.26 10.15 21.35
CA LEU A 45 -31.15 9.78 20.46
C LEU A 45 -29.93 10.64 20.70
N SER A 46 -30.08 11.85 21.22
CA SER A 46 -28.92 12.72 21.48
C SER A 46 -27.98 12.12 22.52
N HIS A 47 -28.46 11.16 23.29
CA HIS A 47 -27.65 10.48 24.28
C HIS A 47 -26.90 9.27 23.80
N GLY A 48 -27.23 8.80 22.60
CA GLY A 48 -26.56 7.66 22.03
C GLY A 48 -27.37 6.95 20.98
N GLN A 49 -26.68 6.41 19.98
CA GLN A 49 -27.36 5.64 18.95
C GLN A 49 -27.30 4.15 19.29
N HIS A 50 -28.38 3.46 18.96
CA HIS A 50 -28.48 2.01 19.20
C HIS A 50 -29.14 1.29 18.04
N PRO A 51 -28.56 1.44 16.85
CA PRO A 51 -29.13 0.76 15.68
C PRO A 51 -28.94 -0.71 15.79
N ARG A 52 -29.80 -1.46 15.11
CA ARG A 52 -29.63 -2.89 15.15
C ARG A 52 -29.27 -3.45 13.75
N ILE A 53 -29.29 -2.60 12.73
CA ILE A 53 -28.99 -3.05 11.37
C ILE A 53 -27.91 -2.20 10.73
N LEU A 54 -26.90 -2.85 10.11
CA LEU A 54 -25.91 -2.22 9.26
C LEU A 54 -26.37 -2.39 7.81
N PHE A 55 -26.67 -1.29 7.17
CA PHE A 55 -27.24 -1.30 5.81
C PHE A 55 -26.23 -0.69 4.87
N ILE A 56 -25.76 -1.50 3.92
CA ILE A 56 -24.74 -1.10 2.95
C ILE A 56 -25.44 -0.93 1.63
N CYS A 57 -25.38 0.24 1.02
CA CYS A 57 -26.07 0.42 -0.23
C CYS A 57 -25.36 1.41 -1.13
N CYS A 58 -25.88 1.60 -2.32
CA CYS A 58 -25.21 2.49 -3.27
C CYS A 58 -25.45 3.94 -2.98
N SER A 59 -24.50 4.76 -3.37
CA SER A 59 -24.61 6.23 -3.33
C SER A 59 -25.67 6.78 -4.25
N ASP A 60 -26.11 5.98 -5.22
CA ASP A 60 -27.12 6.37 -6.21
C ASP A 60 -28.27 7.15 -5.53
N SER A 61 -28.60 8.28 -6.11
CA SER A 61 -29.61 9.16 -5.55
C SER A 61 -31.01 8.60 -5.55
N ARG A 62 -31.22 7.54 -6.29
CA ARG A 62 -32.54 6.89 -6.40
C ARG A 62 -32.80 5.94 -5.26
N VAL A 63 -31.78 5.68 -4.45
CA VAL A 63 -31.88 4.76 -3.34
C VAL A 63 -31.94 5.51 -2.02
N ASP A 64 -32.95 5.23 -1.20
CA ASP A 64 -33.08 5.85 0.13
C ASP A 64 -33.42 4.71 1.11
N PRO A 65 -32.45 4.21 1.87
CA PRO A 65 -32.68 3.00 2.67
C PRO A 65 -33.74 3.22 3.73
N ASN A 66 -33.80 4.38 4.35
CA ASN A 66 -34.82 4.61 5.34
CA ASN A 66 -34.83 4.63 5.35
C ASN A 66 -36.22 4.69 4.75
N LEU A 67 -36.31 5.22 3.55
CA LEU A 67 -37.60 5.29 2.86
C LEU A 67 -38.06 3.90 2.45
N ILE A 68 -37.19 3.12 1.83
CA ILE A 68 -37.64 1.85 1.30
CA ILE A 68 -37.58 1.82 1.31
C ILE A 68 -37.99 0.86 2.40
N THR A 69 -37.44 1.04 3.59
CA THR A 69 -37.79 0.17 4.73
C THR A 69 -38.69 0.84 5.76
N GLN A 70 -39.14 2.06 5.48
CA GLN A 70 -39.96 2.83 6.43
C GLN A 70 -39.39 2.78 7.87
N SER A 71 -38.08 3.02 7.91
CA SER A 71 -37.35 2.99 9.16
C SER A 71 -37.44 4.32 9.86
N GLU A 72 -37.33 4.26 11.18
CA GLU A 72 -37.23 5.43 12.02
C GLU A 72 -35.77 5.87 12.11
N VAL A 73 -35.56 7.14 12.38
CA VAL A 73 -34.24 7.61 12.70
C VAL A 73 -33.74 6.81 13.91
N GLY A 74 -32.47 6.39 13.82
CA GLY A 74 -31.86 5.59 14.85
C GLY A 74 -31.82 4.11 14.51
N ASP A 75 -32.53 3.69 13.48
CA ASP A 75 -32.62 2.27 13.17
C ASP A 75 -31.48 1.72 12.33
N LEU A 76 -31.04 2.47 11.32
CA LEU A 76 -30.10 1.96 10.30
C LEU A 76 -28.80 2.72 10.35
N PHE A 77 -27.72 2.00 10.59
CA PHE A 77 -26.35 2.56 10.46
C PHE A 77 -25.97 2.27 9.02
N VAL A 78 -25.60 3.27 8.24
CA VAL A 78 -25.59 3.15 6.79
C VAL A 78 -24.22 3.45 6.19
N ILE A 79 -23.73 2.56 5.33
CA ILE A 79 -22.56 2.77 4.51
C ILE A 79 -23.02 2.98 3.09
N ARG A 80 -22.58 4.05 2.41
CA ARG A 80 -22.92 4.22 1.01
C ARG A 80 -21.72 4.58 0.18
N ASN A 81 -21.53 3.84 -0.90
CA ASN A 81 -20.48 4.07 -1.88
C ASN A 81 -20.98 3.69 -3.25
N ALA A 82 -20.20 3.93 -4.29
CA ALA A 82 -20.66 3.65 -5.66
C ALA A 82 -20.55 2.16 -5.90
N GLY A 83 -21.71 1.51 -6.01
CA GLY A 83 -21.74 0.07 -6.24
C GLY A 83 -21.95 -0.81 -5.02
N ASN A 84 -22.08 -0.21 -3.84
CA ASN A 84 -22.34 -0.99 -2.62
C ASN A 84 -21.32 -2.12 -2.44
N ILE A 85 -20.05 -1.71 -2.54
CA ILE A 85 -18.94 -2.65 -2.50
C ILE A 85 -18.23 -2.62 -1.15
N ILE A 86 -17.90 -3.79 -0.64
CA ILE A 86 -17.07 -3.95 0.58
C ILE A 86 -15.81 -4.71 0.14
N PRO A 87 -14.64 -4.03 0.13
CA PRO A 87 -13.45 -4.77 -0.27
C PRO A 87 -13.17 -5.94 0.69
N PRO A 88 -12.47 -6.95 0.21
CA PRO A 88 -11.99 -7.99 1.15
C PRO A 88 -11.14 -7.37 2.26
N TYR A 89 -11.09 -8.06 3.39
CA TYR A 89 -10.34 -7.62 4.54
C TYR A 89 -8.87 -7.41 4.19
N GLY A 90 -8.36 -6.22 4.48
CA GLY A 90 -6.96 -5.87 4.22
C GLY A 90 -6.72 -5.32 2.85
N ALA A 91 -7.71 -5.36 1.94
CA ALA A 91 -7.48 -4.90 0.59
C ALA A 91 -7.56 -3.39 0.45
N ALA A 92 -8.22 -2.69 1.37
CA ALA A 92 -8.49 -1.27 1.22
C ALA A 92 -8.36 -0.55 2.55
N ASN A 93 -8.12 0.74 2.49
CA ASN A 93 -7.97 1.57 3.67
C ASN A 93 -8.87 2.79 3.62
N GLY A 94 -9.98 2.70 2.92
CA GLY A 94 -11.01 3.74 2.96
C GLY A 94 -12.01 3.45 4.06
N GLY A 95 -13.23 3.96 3.91
CA GLY A 95 -14.14 3.98 5.02
C GLY A 95 -14.87 2.70 5.35
N GLU A 96 -14.94 1.79 4.38
CA GLU A 96 -15.87 0.67 4.49
C GLU A 96 -15.63 -0.25 5.65
N GLY A 97 -14.42 -0.79 5.72
CA GLY A 97 -14.13 -1.74 6.78
C GLY A 97 -14.25 -1.12 8.14
N ALA A 98 -13.74 0.09 8.30
CA ALA A 98 -13.85 0.84 9.54
C ALA A 98 -15.27 1.03 9.99
N ALA A 99 -16.15 1.42 9.07
CA ALA A 99 -17.53 1.67 9.42
C ALA A 99 -18.23 0.39 9.88
N MET A 100 -17.95 -0.69 9.17
CA MET A 100 -18.53 -1.98 9.54
CA MET A 100 -18.46 -1.98 9.52
C MET A 100 -18.01 -2.39 10.91
N GLU A 101 -16.70 -2.21 11.16
CA GLU A 101 -16.13 -2.57 12.44
C GLU A 101 -16.76 -1.76 13.57
N TYR A 102 -16.94 -0.47 13.34
CA TYR A 102 -17.61 0.35 14.37
C TYR A 102 -19.01 -0.18 14.67
N ALA A 103 -19.75 -0.46 13.63
CA ALA A 103 -21.13 -0.96 13.77
C ALA A 103 -21.19 -2.28 14.58
N LEU A 104 -20.30 -3.20 14.25
CA LEU A 104 -20.32 -4.51 14.90
C LEU A 104 -19.72 -4.49 16.29
N VAL A 105 -18.60 -3.77 16.47
CA VAL A 105 -17.85 -3.85 17.70
C VAL A 105 -18.29 -2.79 18.71
N ALA A 106 -18.42 -1.54 18.28
CA ALA A 106 -18.84 -0.47 19.16
C ALA A 106 -20.35 -0.43 19.36
N LEU A 107 -21.11 -0.71 18.30
CA LEU A 107 -22.59 -0.64 18.40
C LEU A 107 -23.30 -2.01 18.47
N GLU A 108 -22.56 -3.10 18.42
CA GLU A 108 -23.17 -4.43 18.61
CA GLU A 108 -23.17 -4.43 18.60
C GLU A 108 -24.36 -4.75 17.67
N ILE A 109 -24.30 -4.24 16.43
CA ILE A 109 -25.29 -4.62 15.41
CA ILE A 109 -25.33 -4.63 15.45
C ILE A 109 -25.19 -6.11 15.13
N ASN A 110 -26.33 -6.77 14.86
CA ASN A 110 -26.34 -8.21 14.61
C ASN A 110 -26.94 -8.61 13.25
N GLN A 111 -27.23 -7.61 12.43
CA GLN A 111 -27.76 -7.86 11.10
C GLN A 111 -27.08 -6.95 10.12
N ILE A 112 -26.54 -7.51 9.04
CA ILE A 112 -25.89 -6.77 7.98
C ILE A 112 -26.66 -7.04 6.69
N ILE A 113 -27.04 -5.99 5.98
CA ILE A 113 -27.71 -6.08 4.69
C ILE A 113 -26.83 -5.42 3.63
N VAL A 114 -26.41 -6.14 2.60
CA VAL A 114 -25.79 -5.58 1.43
C VAL A 114 -26.92 -5.40 0.41
N CYS A 115 -27.24 -4.16 0.06
CA CYS A 115 -28.32 -3.85 -0.83
C CYS A 115 -27.77 -3.22 -2.12
N GLY A 116 -27.94 -3.91 -3.21
CA GLY A 116 -27.73 -3.39 -4.54
C GLY A 116 -29.04 -2.94 -5.14
N HIS A 117 -28.99 -2.45 -6.36
CA HIS A 117 -30.19 -1.94 -6.99
C HIS A 117 -30.11 -1.97 -8.51
N SER A 118 -31.27 -1.94 -9.12
CA SER A 118 -31.39 -2.01 -10.58
C SER A 118 -30.76 -0.78 -11.21
N HIS A 119 -30.18 -0.97 -12.38
CA HIS A 119 -29.63 0.13 -13.19
C HIS A 119 -28.41 0.80 -12.57
N CYS A 120 -27.68 0.06 -11.77
CA CYS A 120 -26.55 0.61 -11.05
C CYS A 120 -25.44 1.07 -11.98
N GLY A 121 -25.02 2.30 -11.81
CA GLY A 121 -23.97 2.90 -12.64
C GLY A 121 -22.62 2.23 -12.44
N ALA A 122 -22.30 1.79 -11.23
CA ALA A 122 -21.06 1.08 -10.99
C ALA A 122 -21.00 -0.22 -11.74
N MET A 123 -22.16 -0.86 -11.89
CA MET A 123 -22.21 -2.12 -12.59
C MET A 123 -22.12 -1.93 -14.10
N LYS A 124 -22.74 -0.89 -14.63
CA LYS A 124 -22.54 -0.52 -16.02
C LYS A 124 -21.05 -0.29 -16.32
N GLY A 125 -20.40 0.39 -15.40
CA GLY A 125 -18.97 0.65 -15.50
C GLY A 125 -18.15 -0.63 -15.50
N LEU A 126 -18.48 -1.52 -14.57
CA LEU A 126 -17.78 -2.79 -14.45
C LEU A 126 -17.77 -3.59 -15.75
N LEU A 127 -18.88 -3.52 -16.48
CA LEU A 127 -19.04 -4.23 -17.73
C LEU A 127 -18.34 -3.54 -18.91
N LYS A 128 -17.86 -2.31 -18.69
CA LYS A 128 -17.11 -1.58 -19.68
C LYS A 128 -15.86 -1.00 -19.01
N LEU A 129 -15.22 -1.85 -18.23
CA LEU A 129 -14.21 -1.41 -17.26
C LEU A 129 -13.05 -0.70 -17.93
N ASN A 130 -12.56 -1.20 -19.03
CA ASN A 130 -11.37 -0.59 -19.63
C ASN A 130 -11.60 0.82 -20.08
N SER A 131 -12.81 1.10 -20.56
CA SER A 131 -13.17 2.43 -21.02
C SER A 131 -13.17 3.48 -19.90
N LEU A 132 -13.25 3.06 -18.64
CA LEU A 132 -13.30 4.00 -17.52
C LEU A 132 -12.00 4.65 -17.18
N GLN A 133 -10.88 4.02 -17.56
CA GLN A 133 -9.56 4.52 -17.14
C GLN A 133 -9.33 6.00 -17.41
N GLU A 134 -9.71 6.48 -18.59
CA GLU A 134 -9.36 7.83 -18.98
C GLU A 134 -10.05 8.92 -18.15
N LYS A 135 -11.38 8.87 -18.08
CA LYS A 135 -12.13 9.93 -17.44
C LYS A 135 -12.57 9.57 -16.04
N LEU A 136 -12.63 8.28 -15.71
CA LEU A 136 -13.05 7.84 -14.35
C LEU A 136 -11.98 6.93 -13.71
N PRO A 137 -10.74 7.43 -13.61
CA PRO A 137 -9.68 6.55 -13.12
C PRO A 137 -9.88 6.06 -11.70
N LEU A 138 -10.45 6.90 -10.82
CA LEU A 138 -10.68 6.41 -9.48
C LEU A 138 -11.75 5.33 -9.43
N VAL A 139 -12.78 5.44 -10.29
CA VAL A 139 -13.81 4.42 -10.35
C VAL A 139 -13.20 3.12 -10.88
N TYR A 140 -12.37 3.24 -11.91
CA TYR A 140 -11.68 2.07 -12.44
C TYR A 140 -10.95 1.33 -11.32
N ASP A 141 -10.19 2.05 -10.52
CA ASP A 141 -9.40 1.39 -9.47
C ASP A 141 -10.34 0.77 -8.42
N TRP A 142 -11.39 1.49 -8.06
CA TRP A 142 -12.33 1.03 -7.03
C TRP A 142 -13.02 -0.26 -7.43
N LEU A 143 -13.38 -0.36 -8.70
CA LEU A 143 -14.07 -1.55 -9.18
C LEU A 143 -13.20 -2.80 -9.15
N LYS A 144 -11.90 -2.65 -9.00
CA LYS A 144 -11.01 -3.80 -8.77
C LYS A 144 -11.48 -4.62 -7.61
N HIS A 145 -12.10 -4.00 -6.60
CA HIS A 145 -12.50 -4.74 -5.43
C HIS A 145 -13.71 -5.63 -5.68
N THR A 146 -14.34 -5.49 -6.84
CA THR A 146 -15.42 -6.40 -7.23
C THR A 146 -15.04 -7.13 -8.54
N GLU A 147 -13.75 -7.30 -8.80
CA GLU A 147 -13.29 -8.04 -9.96
C GLU A 147 -13.82 -9.47 -9.99
N ALA A 148 -14.07 -10.06 -8.83
CA ALA A 148 -14.59 -11.42 -8.80
C ALA A 148 -15.96 -11.48 -9.48
N THR A 149 -16.73 -10.41 -9.39
CA THR A 149 -18.03 -10.31 -10.06
C THR A 149 -17.80 -10.29 -11.55
N ARG A 150 -16.87 -9.46 -11.99
CA ARG A 150 -16.66 -9.31 -13.41
CA ARG A 150 -16.64 -9.30 -13.42
C ARG A 150 -16.18 -10.61 -14.02
N ARG A 151 -15.25 -11.29 -13.34
CA ARG A 151 -14.75 -12.56 -13.84
C ARG A 151 -15.81 -13.62 -13.92
N LEU A 152 -16.59 -13.76 -12.85
CA LEU A 152 -17.70 -14.70 -12.84
C LEU A 152 -18.70 -14.41 -13.98
N VAL A 153 -19.08 -13.15 -14.16
CA VAL A 153 -20.11 -12.79 -15.14
C VAL A 153 -19.58 -13.01 -16.56
N LEU A 154 -18.35 -12.60 -16.82
CA LEU A 154 -17.78 -12.84 -18.16
C LEU A 154 -17.60 -14.32 -18.49
N ASP A 155 -17.24 -15.13 -17.50
CA ASP A 155 -17.00 -16.54 -17.71
C ASP A 155 -18.28 -17.35 -17.84
N ASN A 156 -19.33 -16.97 -17.12
CA ASN A 156 -20.48 -17.83 -16.93
C ASN A 156 -21.76 -17.32 -17.56
N TYR A 157 -21.80 -16.02 -17.89
CA TYR A 157 -22.98 -15.38 -18.51
C TYR A 157 -22.61 -14.67 -19.81
N SER A 158 -21.70 -15.30 -20.55
CA SER A 158 -21.08 -14.67 -21.73
C SER A 158 -22.06 -14.45 -22.86
N HIS A 159 -23.23 -15.08 -22.76
CA HIS A 159 -24.21 -14.97 -23.82
C HIS A 159 -25.33 -13.96 -23.55
N LEU A 160 -25.26 -13.28 -22.41
CA LEU A 160 -26.21 -12.23 -22.05
C LEU A 160 -25.68 -10.89 -22.51
N GLU A 161 -26.59 -9.98 -22.82
CA GLU A 161 -26.17 -8.65 -23.19
C GLU A 161 -27.19 -7.64 -22.68
N GLY A 162 -26.86 -6.36 -22.78
CA GLY A 162 -27.80 -5.31 -22.48
C GLY A 162 -28.28 -5.32 -21.04
N GLU A 163 -29.59 -5.05 -20.88
CA GLU A 163 -30.17 -4.92 -19.56
C GLU A 163 -30.09 -6.24 -18.81
N ASP A 164 -30.21 -7.36 -19.52
CA ASP A 164 -30.11 -8.68 -18.88
C ASP A 164 -28.75 -8.87 -18.25
N LEU A 165 -27.71 -8.42 -18.94
CA LEU A 165 -26.36 -8.54 -18.38
C LEU A 165 -26.14 -7.63 -17.17
N ILE A 166 -26.67 -6.41 -17.24
CA ILE A 166 -26.54 -5.50 -16.11
C ILE A 166 -27.26 -6.07 -14.89
N GLU A 167 -28.43 -6.65 -15.13
CA GLU A 167 -29.21 -7.25 -14.02
C GLU A 167 -28.45 -8.37 -13.34
N VAL A 168 -27.80 -9.23 -14.11
CA VAL A 168 -27.02 -10.31 -13.50
C VAL A 168 -25.81 -9.73 -12.76
N ALA A 169 -25.17 -8.69 -13.30
CA ALA A 169 -24.04 -8.06 -12.60
C ALA A 169 -24.48 -7.46 -11.29
N VAL A 170 -25.65 -6.78 -11.25
CA VAL A 170 -26.13 -6.23 -9.98
C VAL A 170 -26.26 -7.36 -8.93
N ALA A 171 -26.87 -8.49 -9.33
CA ALA A 171 -27.11 -9.60 -8.40
C ALA A 171 -25.80 -10.25 -7.95
N GLU A 172 -24.94 -10.58 -8.91
CA GLU A 172 -23.67 -11.22 -8.61
C GLU A 172 -22.76 -10.30 -7.78
N ASN A 173 -22.88 -8.99 -7.97
CA ASN A 173 -22.07 -8.07 -7.18
C ASN A 173 -22.42 -8.17 -5.70
N ILE A 174 -23.68 -8.30 -5.37
CA ILE A 174 -24.12 -8.48 -3.98
C ILE A 174 -23.47 -9.75 -3.42
N LEU A 175 -23.49 -10.85 -4.16
CA LEU A 175 -22.95 -12.12 -3.69
C LEU A 175 -21.44 -12.00 -3.44
N THR A 176 -20.73 -11.30 -4.30
CA THR A 176 -19.31 -11.07 -4.09
C THR A 176 -19.06 -10.32 -2.79
N GLN A 177 -19.84 -9.27 -2.52
CA GLN A 177 -19.60 -8.52 -1.31
C GLN A 177 -19.88 -9.35 -0.06
N LEU A 178 -20.81 -10.27 -0.13
CA LEU A 178 -21.05 -11.19 0.99
C LEU A 178 -19.86 -12.09 1.24
N LYS A 179 -19.19 -12.57 0.19
CA LYS A 179 -17.96 -13.30 0.36
C LYS A 179 -16.86 -12.42 0.95
N ASN A 180 -16.74 -11.19 0.46
CA ASN A 180 -15.77 -10.27 1.00
C ASN A 180 -15.98 -10.00 2.48
N LEU A 181 -17.24 -9.77 2.88
CA LEU A 181 -17.54 -9.48 4.27
C LEU A 181 -17.06 -10.62 5.19
N GLN A 182 -17.17 -11.85 4.73
CA GLN A 182 -16.84 -13.00 5.55
C GLN A 182 -15.35 -13.15 5.82
N THR A 183 -14.52 -12.32 5.20
CA THR A 183 -13.08 -12.31 5.51
C THR A 183 -12.72 -11.38 6.66
N TYR A 184 -13.65 -10.54 7.15
CA TYR A 184 -13.29 -9.62 8.23
C TYR A 184 -13.33 -10.34 9.61
N PRO A 185 -12.34 -10.06 10.46
CA PRO A 185 -12.29 -10.72 11.76
C PRO A 185 -13.55 -10.63 12.61
N ALA A 186 -14.16 -9.46 12.70
CA ALA A 186 -15.31 -9.30 13.56
C ALA A 186 -16.46 -10.12 13.04
N ILE A 187 -16.61 -10.20 11.72
CA ILE A 187 -17.68 -10.98 11.13
C ILE A 187 -17.42 -12.47 11.31
N HIS A 188 -16.18 -12.89 11.05
CA HIS A 188 -15.86 -14.29 11.14
C HIS A 188 -16.06 -14.81 12.54
N SER A 189 -15.64 -14.05 13.54
CA SER A 189 -15.77 -14.50 14.90
C SER A 189 -17.25 -14.59 15.35
N ARG A 190 -18.03 -13.60 14.94
CA ARG A 190 -19.45 -13.54 15.32
C ARG A 190 -20.28 -14.58 14.60
N LEU A 191 -19.90 -14.91 13.37
CA LEU A 191 -20.56 -16.04 12.70
C LEU A 191 -20.30 -17.35 13.38
N HIS A 192 -19.11 -17.55 13.92
CA HIS A 192 -18.84 -18.76 14.68
C HIS A 192 -19.81 -18.86 15.85
N ARG A 193 -19.99 -17.74 16.54
CA ARG A 193 -20.82 -17.65 17.75
C ARG A 193 -22.30 -17.73 17.44
N GLY A 194 -22.66 -17.30 16.24
CA GLY A 194 -24.01 -17.50 15.74
C GLY A 194 -24.90 -16.31 16.04
N ASP A 195 -24.34 -15.14 16.33
CA ASP A 195 -25.18 -14.02 16.79
C ASP A 195 -25.11 -12.89 15.76
N LEU A 196 -24.81 -13.26 14.52
CA LEU A 196 -24.81 -12.30 13.42
C LEU A 196 -25.42 -12.93 12.17
N SER A 197 -26.17 -12.17 11.38
CA SER A 197 -26.75 -12.65 10.16
C SER A 197 -26.44 -11.71 9.03
N LEU A 198 -26.22 -12.26 7.83
CA LEU A 198 -25.87 -11.48 6.62
C LEU A 198 -26.96 -11.67 5.61
N HIS A 199 -27.33 -10.59 4.93
CA HIS A 199 -28.41 -10.56 3.93
C HIS A 199 -27.95 -9.85 2.67
N GLY A 200 -28.51 -10.28 1.53
CA GLY A 200 -28.23 -9.66 0.24
C GLY A 200 -29.54 -9.30 -0.43
N TRP A 201 -29.74 -8.01 -0.65
CA TRP A 201 -31.00 -7.48 -1.18
C TRP A 201 -30.77 -6.78 -2.49
N ILE A 202 -31.65 -6.98 -3.45
CA ILE A 202 -31.67 -6.21 -4.70
C ILE A 202 -32.92 -5.33 -4.68
N TYR A 203 -32.71 -4.01 -4.72
CA TYR A 203 -33.83 -3.06 -4.80
C TYR A 203 -34.13 -2.75 -6.26
N ARG A 204 -35.32 -3.14 -6.70
CA ARG A 204 -35.79 -2.92 -8.07
C ARG A 204 -36.57 -1.62 -8.09
N ILE A 205 -35.96 -0.59 -8.64
CA ILE A 205 -36.47 0.79 -8.52
C ILE A 205 -37.84 0.94 -9.21
N GLU A 206 -37.97 0.59 -10.49
CA GLU A 206 -39.22 0.77 -11.21
C GLU A 206 -40.36 -0.08 -10.64
N GLU A 207 -40.00 -1.29 -10.20
CA GLU A 207 -40.98 -2.28 -9.84
C GLU A 207 -41.41 -2.16 -8.38
N GLY A 208 -40.68 -1.39 -7.60
CA GLY A 208 -41.07 -1.17 -6.21
C GLY A 208 -41.03 -2.44 -5.35
N GLU A 209 -39.95 -3.21 -5.49
CA GLU A 209 -39.81 -4.42 -4.68
C GLU A 209 -38.36 -4.68 -4.40
N VAL A 210 -38.14 -5.55 -3.41
CA VAL A 210 -36.81 -6.04 -3.08
C VAL A 210 -36.81 -7.54 -3.24
N LEU A 211 -35.70 -8.05 -3.76
CA LEU A 211 -35.44 -9.50 -3.81
C LEU A 211 -34.30 -9.77 -2.84
N ALA A 212 -34.40 -10.86 -2.11
CA ALA A 212 -33.42 -11.24 -1.09
C ALA A 212 -32.79 -12.58 -1.42
N TYR A 213 -31.48 -12.70 -1.18
CA TYR A 213 -30.80 -13.97 -1.45
C TYR A 213 -31.02 -14.96 -0.32
N ASP A 214 -31.53 -16.12 -0.68
CA ASP A 214 -31.68 -17.24 0.23
C ASP A 214 -30.48 -18.13 -0.08
N GLY A 215 -29.49 -18.15 0.82
CA GLY A 215 -28.28 -18.90 0.61
C GLY A 215 -28.43 -20.41 0.63
N VAL A 216 -29.52 -20.92 1.22
CA VAL A 216 -29.79 -22.35 1.20
C VAL A 216 -30.27 -22.73 -0.19
N LEU A 217 -31.17 -21.94 -0.74
CA LEU A 217 -31.70 -22.15 -2.06
C LEU A 217 -30.72 -21.76 -3.18
N HIS A 218 -29.79 -20.86 -2.87
CA HIS A 218 -28.91 -20.26 -3.85
C HIS A 218 -29.68 -19.48 -4.92
N ASP A 219 -30.73 -18.76 -4.49
CA ASP A 219 -31.45 -17.90 -5.41
C ASP A 219 -32.11 -16.77 -4.64
N PHE A 220 -32.60 -15.79 -5.39
CA PHE A 220 -33.25 -14.61 -4.86
C PHE A 220 -34.76 -14.84 -4.82
N VAL A 221 -35.36 -14.47 -3.70
CA VAL A 221 -36.80 -14.60 -3.45
C VAL A 221 -37.34 -13.35 -2.75
N ALA A 222 -38.64 -13.28 -2.55
CA ALA A 222 -39.17 -12.19 -1.75
C ALA A 222 -38.60 -12.23 -0.32
N PRO A 223 -38.32 -11.10 0.29
CA PRO A 223 -37.75 -11.16 1.63
C PRO A 223 -38.64 -11.86 2.63
N GLN A 224 -37.99 -12.54 3.59
CA GLN A 224 -38.72 -13.12 4.73
C GLN A 224 -37.74 -13.28 5.86
N SER A 225 -38.25 -13.34 7.08
CA SER A 225 -37.39 -13.19 8.24
C SER A 225 -36.56 -14.43 8.56
N ARG A 226 -36.86 -15.56 7.92
CA ARG A 226 -36.18 -16.82 8.22
C ARG A 226 -35.25 -17.29 7.09
N ILE A 227 -34.87 -16.39 6.22
CA ILE A 227 -33.78 -16.65 5.29
C ILE A 227 -32.67 -15.67 5.52
N ASN A 228 -31.50 -16.04 5.05
CA ASN A 228 -30.35 -15.14 5.02
C ASN A 228 -29.45 -15.61 3.90
N ALA A 229 -28.39 -14.87 3.64
CA ALA A 229 -27.62 -15.09 2.44
C ALA A 229 -26.51 -16.10 2.56
N LEU A 230 -26.32 -16.63 3.75
CA LEU A 230 -25.23 -17.56 4.00
C LEU A 230 -25.47 -18.88 3.28
N GLU A 231 -24.47 -19.37 2.57
CA GLU A 231 -24.52 -20.64 1.88
C GLU A 231 -23.98 -21.75 2.79
N PRO A 232 -24.80 -22.74 3.13
CA PRO A 232 -24.36 -23.72 4.14
C PRO A 232 -23.10 -24.47 3.79
N GLU A 233 -22.88 -24.71 2.51
CA GLU A 233 -21.69 -25.47 2.11
CA GLU A 233 -21.70 -25.46 2.08
C GLU A 233 -20.39 -24.69 2.30
N ASP A 234 -20.49 -23.38 2.51
CA ASP A 234 -19.30 -22.56 2.72
C ASP A 234 -19.20 -22.06 4.14
N GLU A 235 -19.90 -22.71 5.07
CA GLU A 235 -19.86 -22.25 6.46
C GLU A 235 -18.43 -22.31 7.02
N TYR A 236 -17.71 -23.39 6.67
CA TYR A 236 -16.32 -23.61 7.12
C TYR A 236 -16.13 -23.22 8.57
N ALA A 237 -16.84 -23.96 9.44
CA ALA A 237 -16.78 -23.73 10.86
C ALA A 237 -16.71 -25.02 11.64
N LEU A 238 -16.22 -24.93 12.87
CA LEU A 238 -16.15 -26.06 13.77
C LEU A 238 -17.26 -25.95 14.79
N HIS A 239 -17.99 -27.04 14.99
CA HIS A 239 -19.01 -27.14 16.04
C HIS A 239 -18.90 -28.49 16.72
N GLY B 17 -33.95 -10.80 12.86
CA GLY B 17 -34.97 -11.88 12.93
C GLY B 17 -36.25 -11.25 13.38
N SER B 18 -36.35 -10.82 14.63
CA SER B 18 -37.43 -9.90 14.91
C SER B 18 -37.13 -8.55 14.31
N HIS B 19 -35.85 -8.14 14.37
CA HIS B 19 -35.42 -6.92 13.68
C HIS B 19 -35.77 -7.09 12.25
N MET B 20 -35.44 -8.25 11.67
CA MET B 20 -35.73 -8.43 10.26
C MET B 20 -37.22 -8.49 9.96
N GLN B 21 -38.00 -9.12 10.82
CA GLN B 21 -39.44 -9.21 10.57
C GLN B 21 -40.01 -7.79 10.51
N ARG B 22 -39.64 -6.96 11.48
CA ARG B 22 -40.13 -5.57 11.49
C ARG B 22 -39.64 -4.75 10.30
N LEU B 23 -38.40 -4.96 9.89
CA LEU B 23 -37.86 -4.26 8.73
C LEU B 23 -38.62 -4.62 7.46
N ILE B 24 -38.92 -5.91 7.29
CA ILE B 24 -39.63 -6.35 6.09
C ILE B 24 -41.07 -5.86 6.13
N GLU B 25 -41.67 -5.77 7.31
CA GLU B 25 -42.98 -5.10 7.42
C GLU B 25 -42.90 -3.67 6.97
N GLY B 26 -41.82 -2.98 7.25
CA GLY B 26 -41.64 -1.60 6.81
C GLY B 26 -41.47 -1.53 5.33
N LEU B 27 -40.68 -2.43 4.76
CA LEU B 27 -40.61 -2.54 3.31
C LEU B 27 -42.00 -2.70 2.69
N GLN B 28 -42.83 -3.55 3.27
CA GLN B 28 -44.19 -3.75 2.73
C GLN B 28 -44.99 -2.46 2.77
N LYS B 29 -44.83 -1.67 3.84
CA LYS B 29 -45.50 -0.38 3.92
C LYS B 29 -45.03 0.61 2.89
N PHE B 30 -43.73 0.63 2.61
CA PHE B 30 -43.19 1.44 1.49
C PHE B 30 -43.85 1.03 0.18
N ARG B 31 -43.91 -0.26 -0.06
CA ARG B 31 -44.43 -0.77 -1.33
C ARG B 31 -45.90 -0.38 -1.51
N GLU B 32 -46.69 -0.54 -0.44
CA GLU B 32 -48.12 -0.28 -0.44
C GLU B 32 -48.48 1.19 -0.49
N GLY B 33 -47.61 1.98 0.16
CA GLY B 33 -47.89 3.39 0.39
C GLY B 33 -47.10 4.23 -0.61
N TYR B 34 -45.92 4.68 -0.22
CA TYR B 34 -45.17 5.63 -1.03
C TYR B 34 -44.93 5.14 -2.47
N PHE B 35 -44.51 3.91 -2.64
CA PHE B 35 -44.23 3.42 -3.99
C PHE B 35 -45.51 3.50 -4.84
N SER B 36 -46.61 2.95 -4.31
CA SER B 36 -47.85 2.88 -5.07
C SER B 36 -48.38 4.23 -5.46
N SER B 37 -48.07 5.24 -4.66
CA SER B 37 -48.52 6.60 -4.97
CA SER B 37 -48.49 6.62 -4.94
C SER B 37 -47.51 7.40 -5.78
N HIS B 38 -46.37 6.80 -6.11
CA HIS B 38 -45.28 7.45 -6.83
C HIS B 38 -44.71 6.55 -7.94
N ARG B 39 -45.59 5.76 -8.56
CA ARG B 39 -45.12 4.83 -9.59
C ARG B 39 -44.47 5.56 -10.76
N ASP B 40 -45.07 6.68 -11.18
CA ASP B 40 -44.54 7.43 -12.31
C ASP B 40 -43.17 7.99 -11.99
N LEU B 41 -42.98 8.51 -10.78
CA LEU B 41 -41.68 9.00 -10.34
C LEU B 41 -40.63 7.92 -10.44
N PHE B 42 -40.94 6.75 -9.92
CA PHE B 42 -39.99 5.64 -9.94
C PHE B 42 -39.74 5.14 -11.38
N GLU B 43 -40.73 5.14 -12.25
CA GLU B 43 -40.52 4.78 -13.65
C GLU B 43 -39.57 5.79 -14.29
N GLN B 44 -39.81 7.06 -14.03
CA GLN B 44 -38.96 8.09 -14.62
C GLN B 44 -37.53 7.95 -14.12
N LEU B 45 -37.36 7.75 -12.83
CA LEU B 45 -36.03 7.61 -12.22
C LEU B 45 -35.31 6.39 -12.76
N SER B 46 -36.04 5.34 -13.10
CA SER B 46 -35.41 4.14 -13.63
C SER B 46 -34.64 4.39 -14.91
N HIS B 47 -34.94 5.47 -15.63
CA HIS B 47 -34.24 5.79 -16.85
C HIS B 47 -32.91 6.48 -16.62
N GLY B 48 -32.67 7.00 -15.43
CA GLY B 48 -31.41 7.65 -15.13
C GLY B 48 -31.51 8.52 -13.92
N GLN B 49 -30.44 8.60 -13.15
CA GLN B 49 -30.37 9.52 -12.02
C GLN B 49 -29.81 10.85 -12.49
N HIS B 50 -30.37 11.93 -11.94
CA HIS B 50 -29.89 13.29 -12.22
C HIS B 50 -29.79 14.15 -10.97
N PRO B 51 -29.07 13.66 -9.96
CA PRO B 51 -28.93 14.44 -8.73
C PRO B 51 -28.04 15.64 -8.98
N ARG B 52 -28.24 16.69 -8.19
CA ARG B 52 -27.45 17.88 -8.31
C ARG B 52 -26.67 18.19 -7.05
N ILE B 53 -26.74 17.35 -6.04
CA ILE B 53 -25.97 17.55 -4.81
C ILE B 53 -25.24 16.28 -4.47
N LEU B 54 -23.94 16.37 -4.16
CA LEU B 54 -23.17 15.31 -3.55
C LEU B 54 -23.16 15.61 -2.06
N PHE B 55 -23.73 14.72 -1.26
CA PHE B 55 -23.88 14.92 0.17
C PHE B 55 -23.06 13.88 0.88
N ILE B 56 -22.05 14.31 1.64
CA ILE B 56 -21.14 13.42 2.36
C ILE B 56 -21.50 13.56 3.83
N CYS B 57 -21.87 12.46 4.46
CA CYS B 57 -22.29 12.51 5.86
C CYS B 57 -21.89 11.25 6.62
N CYS B 58 -22.12 11.23 7.91
CA CYS B 58 -21.72 10.11 8.73
C CYS B 58 -22.71 8.97 8.60
N SER B 59 -22.18 7.77 8.78
CA SER B 59 -22.97 6.54 8.86
C SER B 59 -23.92 6.46 10.05
N ASP B 60 -23.70 7.29 11.06
CA ASP B 60 -24.50 7.35 12.25
C ASP B 60 -26.00 7.23 11.95
N SER B 61 -26.66 6.33 12.67
CA SER B 61 -28.05 6.03 12.39
C SER B 61 -28.98 7.17 12.74
N ARG B 62 -28.49 8.16 13.47
CA ARG B 62 -29.30 9.31 13.83
C ARG B 62 -29.36 10.36 12.74
N VAL B 63 -28.59 10.18 11.69
CA VAL B 63 -28.50 11.11 10.57
C VAL B 63 -29.23 10.54 9.34
N ASP B 64 -30.17 11.29 8.79
CA ASP B 64 -30.85 10.88 7.54
C ASP B 64 -30.85 12.11 6.63
N PRO B 65 -29.99 12.18 5.63
CA PRO B 65 -29.84 13.39 4.83
C PRO B 65 -31.08 13.78 4.07
N ASN B 66 -31.81 12.80 3.49
CA ASN B 66 -33.04 13.12 2.81
CA ASN B 66 -33.05 13.12 2.79
C ASN B 66 -34.12 13.65 3.74
N LEU B 67 -34.15 13.12 4.96
CA LEU B 67 -35.12 13.55 5.94
C LEU B 67 -34.83 14.99 6.39
N ILE B 68 -33.60 15.27 6.78
CA ILE B 68 -33.33 16.58 7.35
C ILE B 68 -33.41 17.69 6.32
N THR B 69 -33.21 17.39 5.04
CA THR B 69 -33.37 18.39 4.01
C THR B 69 -34.70 18.30 3.26
N GLN B 70 -35.56 17.37 3.67
CA GLN B 70 -36.86 17.13 3.03
C GLN B 70 -36.72 17.02 1.51
N SER B 71 -35.73 16.23 1.11
CA SER B 71 -35.45 15.96 -0.30
C SER B 71 -36.28 14.80 -0.78
N GLU B 72 -36.50 14.80 -2.06
CA GLU B 72 -37.16 13.72 -2.77
C GLU B 72 -36.14 12.76 -3.31
N VAL B 73 -36.53 11.50 -3.45
CA VAL B 73 -35.71 10.51 -4.12
CA VAL B 73 -35.65 10.53 -4.07
C VAL B 73 -35.25 11.07 -5.44
N GLY B 74 -33.95 10.89 -5.74
CA GLY B 74 -33.34 11.37 -6.96
C GLY B 74 -32.51 12.62 -6.72
N ASP B 75 -32.66 13.29 -5.59
CA ASP B 75 -32.04 14.60 -5.39
C ASP B 75 -30.57 14.51 -4.85
N LEU B 76 -30.30 13.59 -3.95
CA LEU B 76 -29.01 13.55 -3.22
C LEU B 76 -28.23 12.28 -3.56
N PHE B 77 -27.02 12.46 -4.11
CA PHE B 77 -26.06 11.35 -4.29
C PHE B 77 -25.25 11.37 -3.01
N VAL B 78 -25.19 10.26 -2.29
CA VAL B 78 -24.78 10.28 -0.88
C VAL B 78 -23.58 9.35 -0.62
N ILE B 79 -22.58 9.86 0.05
CA ILE B 79 -21.44 9.09 0.57
C ILE B 79 -21.61 9.05 2.07
N ARG B 80 -21.60 7.87 2.70
CA ARG B 80 -21.67 7.77 4.15
C ARG B 80 -20.59 6.85 4.70
N ASN B 81 -19.82 7.35 5.65
CA ASN B 81 -18.80 6.59 6.37
C ASN B 81 -18.72 7.10 7.79
N ALA B 82 -17.93 6.44 8.64
CA ALA B 82 -17.85 6.86 10.01
C ALA B 82 -17.01 8.12 10.12
N GLY B 83 -17.66 9.22 10.49
CA GLY B 83 -16.99 10.49 10.65
C GLY B 83 -17.06 11.41 9.47
N ASN B 84 -17.73 11.03 8.39
CA ASN B 84 -17.87 11.89 7.23
C ASN B 84 -16.51 12.41 6.74
N ILE B 85 -15.58 11.46 6.56
CA ILE B 85 -14.20 11.75 6.22
C ILE B 85 -13.93 11.45 4.74
N ILE B 86 -13.19 12.34 4.10
CA ILE B 86 -12.70 12.13 2.75
C ILE B 86 -11.18 12.15 2.83
N PRO B 87 -10.52 11.02 2.63
CA PRO B 87 -9.06 11.04 2.71
C PRO B 87 -8.44 11.97 1.67
N PRO B 88 -7.26 12.49 1.95
CA PRO B 88 -6.56 13.23 0.88
C PRO B 88 -6.40 12.39 -0.37
N TYR B 89 -6.30 13.03 -1.50
CA TYR B 89 -6.15 12.35 -2.76
C TYR B 89 -4.94 11.45 -2.79
N GLY B 90 -5.15 10.19 -3.16
CA GLY B 90 -4.11 9.17 -3.19
C GLY B 90 -3.81 8.47 -1.90
N ALA B 91 -4.40 8.92 -0.82
CA ALA B 91 -4.14 8.32 0.48
C ALA B 91 -4.88 7.03 0.75
N ALA B 92 -5.97 6.81 0.04
CA ALA B 92 -6.81 5.65 0.29
C ALA B 92 -7.38 5.09 -0.99
N ASN B 93 -7.76 3.80 -0.91
CA ASN B 93 -8.28 3.05 -2.06
C ASN B 93 -9.63 2.45 -1.70
N GLY B 94 -10.38 3.08 -0.82
CA GLY B 94 -11.79 2.72 -0.58
C GLY B 94 -12.70 3.49 -1.49
N GLY B 95 -13.95 3.62 -1.07
CA GLY B 95 -14.96 4.08 -1.99
C GLY B 95 -15.07 5.57 -2.14
N GLU B 96 -14.48 6.35 -1.23
CA GLU B 96 -14.81 7.77 -1.18
C GLU B 96 -14.46 8.56 -2.42
N GLY B 97 -13.22 8.49 -2.84
CA GLY B 97 -12.77 9.24 -4.01
C GLY B 97 -13.50 8.83 -5.26
N ALA B 98 -13.68 7.52 -5.45
CA ALA B 98 -14.39 7.03 -6.63
C ALA B 98 -15.83 7.55 -6.67
N ALA B 99 -16.51 7.55 -5.53
CA ALA B 99 -17.89 8.02 -5.49
C ALA B 99 -17.96 9.50 -5.82
N MET B 100 -17.05 10.28 -5.28
CA MET B 100 -17.00 11.69 -5.57
CA MET B 100 -16.99 11.69 -5.60
C MET B 100 -16.71 11.91 -7.07
N GLU B 101 -15.78 11.14 -7.62
CA GLU B 101 -15.42 11.30 -9.00
C GLU B 101 -16.59 10.99 -9.91
N TYR B 102 -17.32 9.93 -9.61
CA TYR B 102 -18.50 9.59 -10.39
C TYR B 102 -19.50 10.74 -10.32
N ALA B 103 -19.75 11.24 -9.12
CA ALA B 103 -20.67 12.35 -8.96
C ALA B 103 -20.32 13.56 -9.82
N LEU B 104 -19.05 13.96 -9.80
CA LEU B 104 -18.64 15.18 -10.48
C LEU B 104 -18.50 14.92 -11.98
N VAL B 105 -17.82 13.84 -12.36
CA VAL B 105 -17.46 13.67 -13.75
C VAL B 105 -18.58 13.03 -14.54
N ALA B 106 -19.22 11.98 -14.02
CA ALA B 106 -20.30 11.31 -14.76
C ALA B 106 -21.63 12.01 -14.61
N LEU B 107 -21.94 12.47 -13.39
CA LEU B 107 -23.25 13.07 -13.11
C LEU B 107 -23.24 14.59 -13.17
N GLU B 108 -22.08 15.21 -13.35
CA GLU B 108 -22.00 16.67 -13.51
C GLU B 108 -22.59 17.42 -12.33
N ILE B 109 -22.36 16.91 -11.12
CA ILE B 109 -22.79 17.61 -9.90
C ILE B 109 -21.88 18.79 -9.65
N ASN B 110 -22.48 19.92 -9.27
CA ASN B 110 -21.75 21.17 -9.07
C ASN B 110 -21.76 21.65 -7.62
N GLN B 111 -22.30 20.87 -6.70
CA GLN B 111 -22.40 21.22 -5.28
C GLN B 111 -22.01 20.05 -4.42
N ILE B 112 -21.05 20.24 -3.53
CA ILE B 112 -20.64 19.21 -2.57
C ILE B 112 -20.89 19.74 -1.19
N ILE B 113 -21.56 18.97 -0.36
CA ILE B 113 -21.75 19.29 1.06
C ILE B 113 -21.09 18.23 1.91
N VAL B 114 -20.17 18.64 2.76
CA VAL B 114 -19.61 17.79 3.83
C VAL B 114 -20.42 18.10 5.07
N CYS B 115 -21.19 17.16 5.55
CA CYS B 115 -22.05 17.36 6.72
C CYS B 115 -21.60 16.50 7.89
N GLY B 116 -21.14 17.14 8.93
CA GLY B 116 -20.85 16.49 10.20
C GLY B 116 -22.00 16.66 11.14
N HIS B 117 -21.93 16.10 12.33
CA HIS B 117 -23.05 16.19 13.25
C HIS B 117 -22.60 16.08 14.69
N SER B 118 -23.45 16.57 15.56
CA SER B 118 -23.13 16.58 16.97
C SER B 118 -23.07 15.17 17.51
N HIS B 119 -22.22 15.01 18.54
CA HIS B 119 -22.11 13.73 19.26
C HIS B 119 -21.51 12.60 18.38
N CYS B 120 -20.69 12.95 17.40
CA CYS B 120 -20.17 11.97 16.44
C CYS B 120 -19.22 10.99 17.13
N GLY B 121 -19.50 9.71 16.98
CA GLY B 121 -18.71 8.64 17.56
C GLY B 121 -17.32 8.64 17.01
N ALA B 122 -17.14 8.92 15.72
CA ALA B 122 -15.80 8.96 15.14
C ALA B 122 -14.96 10.04 15.79
N MET B 123 -15.58 11.18 16.14
CA MET B 123 -14.87 12.26 16.76
C MET B 123 -14.53 11.96 18.20
N LYS B 124 -15.44 11.33 18.91
CA LYS B 124 -15.13 10.84 20.25
C LYS B 124 -13.92 9.88 20.19
N GLY B 125 -13.89 9.01 19.17
CA GLY B 125 -12.77 8.11 19.00
C GLY B 125 -11.48 8.83 18.70
N LEU B 126 -11.58 9.82 17.85
CA LEU B 126 -10.41 10.61 17.46
C LEU B 126 -9.73 11.26 18.64
N LEU B 127 -10.49 11.73 19.62
CA LEU B 127 -9.99 12.39 20.79
C LEU B 127 -9.37 11.40 21.79
N LYS B 128 -9.64 10.12 21.61
CA LYS B 128 -9.00 9.05 22.35
C LYS B 128 -8.33 8.03 21.41
N LEU B 129 -7.67 8.54 20.39
CA LEU B 129 -7.27 7.71 19.26
C LEU B 129 -6.43 6.52 19.65
N ASN B 130 -5.44 6.72 20.48
CA ASN B 130 -4.54 5.60 20.79
C ASN B 130 -5.26 4.45 21.47
N SER B 131 -6.33 4.77 22.19
CA SER B 131 -7.08 3.75 22.92
C SER B 131 -7.86 2.85 21.99
N LEU B 132 -7.97 3.21 20.72
CA LEU B 132 -8.82 2.47 19.77
C LEU B 132 -8.06 1.32 19.14
N GLN B 133 -6.74 1.32 19.16
CA GLN B 133 -6.03 0.39 18.29
CA GLN B 133 -5.98 0.38 18.35
C GLN B 133 -6.29 -1.07 18.67
N GLU B 134 -6.50 -1.38 19.94
CA GLU B 134 -6.73 -2.74 20.32
C GLU B 134 -8.06 -3.34 19.80
N LYS B 135 -9.16 -2.68 20.09
CA LYS B 135 -10.45 -3.25 19.77
C LYS B 135 -11.05 -2.74 18.50
N LEU B 136 -10.61 -1.58 18.03
CA LEU B 136 -11.12 -1.00 16.78
C LEU B 136 -9.96 -0.68 15.85
N PRO B 137 -9.16 -1.68 15.48
CA PRO B 137 -7.96 -1.38 14.68
C PRO B 137 -8.25 -0.74 13.33
N LEU B 138 -9.36 -1.12 12.69
CA LEU B 138 -9.68 -0.49 11.41
C LEU B 138 -10.14 0.93 11.58
N VAL B 139 -10.88 1.21 12.65
CA VAL B 139 -11.26 2.59 12.94
C VAL B 139 -10.02 3.45 13.24
N TYR B 140 -9.12 2.91 14.03
CA TYR B 140 -7.85 3.58 14.33
C TYR B 140 -7.15 4.00 13.03
N ASP B 141 -6.99 3.07 12.08
CA ASP B 141 -6.25 3.38 10.87
CA ASP B 141 -6.25 3.43 10.89
C ASP B 141 -7.03 4.43 10.03
N TRP B 142 -8.36 4.28 9.97
CA TRP B 142 -9.20 5.17 9.20
C TRP B 142 -9.13 6.59 9.71
N LEU B 143 -9.16 6.75 11.04
CA LEU B 143 -9.10 8.09 11.60
C LEU B 143 -7.79 8.80 11.33
N LYS B 144 -6.75 8.09 10.94
CA LYS B 144 -5.51 8.76 10.55
C LYS B 144 -5.73 9.69 9.36
N HIS B 145 -6.78 9.44 8.57
CA HIS B 145 -7.04 10.32 7.46
C HIS B 145 -7.56 11.68 7.92
N THR B 146 -7.96 11.80 9.18
CA THR B 146 -8.34 13.07 9.77
C THR B 146 -7.40 13.47 10.93
N GLU B 147 -6.18 12.93 10.89
CA GLU B 147 -5.22 13.29 11.90
C GLU B 147 -4.94 14.78 11.98
N ALA B 148 -5.09 15.48 10.85
CA ALA B 148 -4.90 16.92 10.89
C ALA B 148 -5.86 17.58 11.83
N THR B 149 -7.06 17.06 11.90
CA THR B 149 -8.05 17.57 12.89
C THR B 149 -7.57 17.33 14.29
N ARG B 150 -7.10 16.14 14.58
CA ARG B 150 -6.63 15.82 15.91
C ARG B 150 -5.48 16.71 16.34
N ARG B 151 -4.50 16.88 15.45
CA ARG B 151 -3.36 17.68 15.74
C ARG B 151 -3.73 19.15 15.97
N LEU B 152 -4.59 19.68 15.10
CA LEU B 152 -5.04 21.05 15.27
C LEU B 152 -5.76 21.23 16.60
N VAL B 153 -6.65 20.31 16.92
CA VAL B 153 -7.46 20.44 18.14
C VAL B 153 -6.59 20.33 19.36
N LEU B 154 -5.68 19.36 19.37
CA LEU B 154 -4.80 19.20 20.54
C LEU B 154 -3.87 20.39 20.72
N ASP B 155 -3.42 20.97 19.62
CA ASP B 155 -2.52 22.11 19.67
C ASP B 155 -3.19 23.46 19.97
N ASN B 156 -4.42 23.66 19.49
CA ASN B 156 -5.03 24.99 19.53
C ASN B 156 -6.22 25.11 20.49
N TYR B 157 -6.75 23.98 20.98
CA TYR B 157 -7.85 24.01 21.94
C TYR B 157 -7.53 23.16 23.18
N SER B 158 -6.31 23.29 23.67
CA SER B 158 -5.82 22.39 24.73
C SER B 158 -6.52 22.57 26.06
N HIS B 159 -7.26 23.66 26.23
CA HIS B 159 -7.94 23.88 27.52
C HIS B 159 -9.42 23.42 27.53
N LEU B 160 -9.90 22.88 26.42
CA LEU B 160 -11.27 22.34 26.36
C LEU B 160 -11.28 20.87 26.76
N GLU B 161 -12.38 20.44 27.39
CA GLU B 161 -12.57 19.02 27.68
C GLU B 161 -14.05 18.64 27.50
N GLY B 162 -14.33 17.35 27.55
CA GLY B 162 -15.70 16.87 27.51
C GLY B 162 -16.47 17.28 26.25
N GLU B 163 -17.72 17.66 26.44
CA GLU B 163 -18.60 17.92 25.31
C GLU B 163 -18.13 19.11 24.48
N ASP B 164 -17.55 20.13 25.12
CA ASP B 164 -17.03 21.27 24.39
C ASP B 164 -15.94 20.85 23.42
N LEU B 165 -15.11 19.91 23.86
CA LEU B 165 -14.04 19.40 23.01
C LEU B 165 -14.55 18.60 21.83
N ILE B 166 -15.56 17.77 22.07
CA ILE B 166 -16.14 16.99 20.98
C ILE B 166 -16.77 17.93 19.96
N GLU B 167 -17.45 18.97 20.44
CA GLU B 167 -18.11 19.93 19.55
C GLU B 167 -17.09 20.61 18.64
N VAL B 168 -15.95 20.99 19.22
CA VAL B 168 -14.91 21.57 18.39
C VAL B 168 -14.33 20.59 17.39
N ALA B 169 -14.13 19.36 17.82
CA ALA B 169 -13.64 18.34 16.90
C ALA B 169 -14.61 18.13 15.75
N VAL B 170 -15.90 18.10 16.02
CA VAL B 170 -16.90 17.92 14.92
C VAL B 170 -16.71 19.03 13.89
N ALA B 171 -16.61 20.26 14.35
CA ALA B 171 -16.52 21.43 13.48
C ALA B 171 -15.21 21.43 12.71
N GLU B 172 -14.10 21.25 13.43
CA GLU B 172 -12.80 21.24 12.80
C GLU B 172 -12.67 20.08 11.81
N ASN B 173 -13.30 18.95 12.08
CA ASN B 173 -13.22 17.83 11.14
C ASN B 173 -13.80 18.20 9.79
N ILE B 174 -14.89 18.95 9.76
CA ILE B 174 -15.48 19.41 8.52
C ILE B 174 -14.45 20.23 7.74
N LEU B 175 -13.77 21.17 8.40
CA LEU B 175 -12.79 22.01 7.72
C LEU B 175 -11.63 21.16 7.17
N THR B 176 -11.20 20.14 7.90
CA THR B 176 -10.16 19.25 7.38
C THR B 176 -10.62 18.56 6.10
N GLN B 177 -11.86 18.08 6.09
CA GLN B 177 -12.32 17.38 4.92
C GLN B 177 -12.38 18.27 3.71
N LEU B 178 -12.68 19.54 3.94
CA LEU B 178 -12.68 20.51 2.82
C LEU B 178 -11.26 20.65 2.27
N LYS B 179 -10.24 20.68 3.14
CA LYS B 179 -8.87 20.69 2.66
C LYS B 179 -8.53 19.42 1.86
N ASN B 180 -8.94 18.29 2.40
CA ASN B 180 -8.69 17.02 1.72
C ASN B 180 -9.37 16.98 0.34
N LEU B 181 -10.61 17.45 0.26
CA LEU B 181 -11.34 17.44 -1.04
C LEU B 181 -10.59 18.28 -2.08
N GLN B 182 -9.96 19.37 -1.66
CA GLN B 182 -9.28 20.26 -2.57
C GLN B 182 -8.04 19.69 -3.18
N THR B 183 -7.58 18.51 -2.71
CA THR B 183 -6.46 17.83 -3.36
C THR B 183 -6.88 16.90 -4.51
N TYR B 184 -8.17 16.67 -4.70
CA TYR B 184 -8.60 15.77 -5.78
C TYR B 184 -8.57 16.48 -7.13
N PRO B 185 -8.11 15.82 -8.19
CA PRO B 185 -8.04 16.49 -9.50
C PRO B 185 -9.33 17.14 -10.02
N ALA B 186 -10.43 16.42 -9.95
CA ALA B 186 -11.68 16.98 -10.49
C ALA B 186 -12.10 18.21 -9.71
N ILE B 187 -11.91 18.18 -8.41
CA ILE B 187 -12.30 19.28 -7.57
C ILE B 187 -11.41 20.46 -7.82
N HIS B 188 -10.08 20.25 -7.81
CA HIS B 188 -9.14 21.33 -8.05
C HIS B 188 -9.42 22.01 -9.38
N SER B 189 -9.65 21.21 -10.40
CA SER B 189 -9.88 21.77 -11.72
C SER B 189 -11.19 22.56 -11.84
N ARG B 190 -12.25 22.01 -11.28
CA ARG B 190 -13.57 22.62 -11.39
C ARG B 190 -13.75 23.83 -10.48
N LEU B 191 -13.03 23.87 -9.34
CA LEU B 191 -13.01 25.09 -8.56
C LEU B 191 -12.43 26.23 -9.35
N HIS B 192 -11.38 25.96 -10.12
CA HIS B 192 -10.77 26.98 -10.96
C HIS B 192 -11.68 27.34 -12.13
N ARG B 193 -12.32 26.33 -12.73
CA ARG B 193 -13.12 26.55 -13.93
C ARG B 193 -14.39 27.34 -13.67
N GLY B 194 -15.00 27.07 -12.51
CA GLY B 194 -16.18 27.79 -12.11
C GLY B 194 -17.45 26.97 -12.00
N ASP B 195 -17.36 25.65 -12.17
CA ASP B 195 -18.55 24.79 -12.08
C ASP B 195 -18.60 23.93 -10.82
N LEU B 196 -18.09 24.44 -9.70
CA LEU B 196 -18.17 23.67 -8.47
C LEU B 196 -18.14 24.58 -7.26
N SER B 197 -18.95 24.25 -6.25
CA SER B 197 -18.90 24.87 -4.96
C SER B 197 -18.90 23.85 -3.86
N LEU B 198 -18.21 24.19 -2.76
CA LEU B 198 -18.09 23.32 -1.57
C LEU B 198 -18.76 23.97 -0.40
N HIS B 199 -19.37 23.15 0.44
CA HIS B 199 -20.10 23.56 1.62
C HIS B 199 -19.76 22.64 2.76
N GLY B 200 -19.81 23.19 4.00
CA GLY B 200 -19.49 22.43 5.21
C GLY B 200 -20.62 22.71 6.20
N TRP B 201 -21.37 21.66 6.59
CA TRP B 201 -22.56 21.79 7.42
C TRP B 201 -22.37 20.99 8.71
N ILE B 202 -22.88 21.49 9.83
CA ILE B 202 -22.93 20.78 11.09
C ILE B 202 -24.38 20.56 11.45
N TYR B 203 -24.81 19.32 11.57
CA TYR B 203 -26.18 18.99 11.99
C TYR B 203 -26.20 18.71 13.47
N ARG B 204 -26.93 19.54 14.19
CA ARG B 204 -27.11 19.39 15.62
C ARG B 204 -28.34 18.54 15.89
N ILE B 205 -28.13 17.29 16.23
CA ILE B 205 -29.21 16.32 16.34
C ILE B 205 -30.29 16.71 17.35
N GLU B 206 -29.87 17.20 18.51
CA GLU B 206 -30.77 17.52 19.57
C GLU B 206 -31.69 18.70 19.24
N GLU B 207 -31.23 19.57 18.34
CA GLU B 207 -31.99 20.80 18.07
C GLU B 207 -32.66 20.80 16.69
N GLY B 208 -32.32 19.82 15.86
CA GLY B 208 -32.86 19.74 14.51
C GLY B 208 -32.43 20.92 13.66
N GLU B 209 -31.23 21.43 13.91
CA GLU B 209 -30.76 22.56 13.15
C GLU B 209 -29.42 22.30 12.54
N VAL B 210 -29.12 23.04 11.48
CA VAL B 210 -27.87 22.96 10.76
C VAL B 210 -27.21 24.34 10.75
N LEU B 211 -25.89 24.33 10.93
CA LEU B 211 -25.06 25.53 10.75
C LEU B 211 -24.13 25.27 9.57
N ALA B 212 -23.83 26.29 8.81
CA ALA B 212 -22.99 26.20 7.65
C ALA B 212 -21.75 27.06 7.78
N TYR B 213 -20.64 26.54 7.26
CA TYR B 213 -19.41 27.32 7.28
C TYR B 213 -19.40 28.34 6.18
N ASP B 214 -19.27 29.60 6.55
CA ASP B 214 -19.13 30.72 5.62
C ASP B 214 -17.63 30.98 5.54
N GLY B 215 -17.02 30.57 4.43
CA GLY B 215 -15.59 30.75 4.28
C GLY B 215 -15.14 32.20 4.22
N VAL B 216 -16.00 33.13 3.86
CA VAL B 216 -15.63 34.55 3.88
C VAL B 216 -15.54 35.03 5.33
N LEU B 217 -16.54 34.63 6.10
CA LEU B 217 -16.61 35.03 7.52
C LEU B 217 -15.66 34.20 8.41
N HIS B 218 -15.26 33.04 7.92
CA HIS B 218 -14.52 32.07 8.73
C HIS B 218 -15.31 31.62 9.94
N ASP B 219 -16.62 31.46 9.81
CA ASP B 219 -17.41 31.00 10.95
C ASP B 219 -18.64 30.26 10.48
N PHE B 220 -19.24 29.50 11.39
CA PHE B 220 -20.49 28.78 11.16
C PHE B 220 -21.69 29.67 11.45
N VAL B 221 -22.59 29.72 10.48
CA VAL B 221 -23.76 30.64 10.51
C VAL B 221 -24.97 29.89 9.96
N ALA B 222 -26.10 30.56 9.84
CA ALA B 222 -27.25 29.94 9.25
C ALA B 222 -26.98 29.59 7.79
N PRO B 223 -27.42 28.41 7.35
CA PRO B 223 -27.23 28.10 5.93
C PRO B 223 -27.90 29.08 5.01
N GLN B 224 -27.23 29.41 3.91
CA GLN B 224 -27.70 30.38 2.94
C GLN B 224 -27.22 30.00 1.56
N SER B 225 -28.06 30.12 0.55
CA SER B 225 -27.62 29.76 -0.80
C SER B 225 -26.49 30.65 -1.32
N ARG B 226 -26.31 31.87 -0.77
CA ARG B 226 -25.23 32.77 -1.22
C ARG B 226 -23.84 32.43 -0.68
N ILE B 227 -23.75 31.56 0.32
CA ILE B 227 -22.46 31.34 0.94
C ILE B 227 -21.91 30.00 0.55
N ASN B 228 -20.61 29.87 0.71
CA ASN B 228 -19.94 28.58 0.58
C ASN B 228 -18.75 28.54 1.51
N ALA B 229 -18.12 27.40 1.61
CA ALA B 229 -17.16 27.14 2.63
C ALA B 229 -15.73 27.51 2.27
N LEU B 230 -15.46 27.97 1.07
CA LEU B 230 -14.06 28.26 0.73
C LEU B 230 -13.60 29.61 1.27
N GLU B 231 -12.42 29.62 1.89
CA GLU B 231 -11.82 30.83 2.42
C GLU B 231 -11.05 31.53 1.31
N PRO B 232 -11.37 32.78 1.04
CA PRO B 232 -10.76 33.48 -0.09
C PRO B 232 -9.25 33.58 -0.03
N GLU B 233 -8.71 33.71 1.18
CA GLU B 233 -7.28 33.96 1.30
CA GLU B 233 -7.29 33.92 1.40
C GLU B 233 -6.44 32.73 0.97
N ASP B 234 -7.05 31.55 0.93
CA ASP B 234 -6.32 30.30 0.64
C ASP B 234 -6.71 29.70 -0.73
N GLU B 235 -7.15 30.57 -1.64
CA GLU B 235 -7.57 30.11 -2.93
C GLU B 235 -6.45 29.44 -3.77
N TYR B 236 -5.25 30.01 -3.72
CA TYR B 236 -4.07 29.51 -4.47
C TYR B 236 -4.45 29.14 -5.89
N ALA B 237 -4.77 30.18 -6.64
CA ALA B 237 -5.24 30.03 -8.00
C ALA B 237 -4.70 31.13 -8.88
N LEU B 238 -4.49 30.81 -10.15
CA LEU B 238 -3.99 31.77 -11.11
C LEU B 238 -5.15 32.33 -11.91
N HIS B 239 -5.14 33.63 -12.14
CA HIS B 239 -6.20 34.27 -12.90
C HIS B 239 -5.62 35.29 -13.88
N GLY C 17 38.38 8.36 -13.36
CA GLY C 17 37.15 8.99 -13.94
C GLY C 17 37.18 10.52 -13.91
N SER C 18 37.06 11.16 -15.07
CA SER C 18 37.27 12.61 -15.14
C SER C 18 36.18 13.42 -14.37
N HIS C 19 34.93 12.98 -14.42
CA HIS C 19 33.90 13.66 -13.67
C HIS C 19 34.15 13.56 -12.18
N MET C 20 34.49 12.37 -11.70
CA MET C 20 34.75 12.19 -10.28
C MET C 20 36.06 12.89 -9.88
N GLN C 21 37.08 12.84 -10.73
CA GLN C 21 38.34 13.47 -10.42
C GLN C 21 38.14 14.96 -10.20
N ARG C 22 37.28 15.53 -11.01
CA ARG C 22 36.97 16.95 -10.91
C ARG C 22 36.23 17.28 -9.61
N LEU C 23 35.33 16.39 -9.19
CA LEU C 23 34.70 16.53 -7.89
C LEU C 23 35.71 16.53 -6.76
N ILE C 24 36.66 15.60 -6.81
CA ILE C 24 37.68 15.46 -5.77
C ILE C 24 38.58 16.68 -5.73
N GLU C 25 38.96 17.17 -6.90
CA GLU C 25 39.74 18.39 -6.93
C GLU C 25 38.90 19.55 -6.38
N GLY C 26 37.59 19.49 -6.58
CA GLY C 26 36.73 20.50 -6.00
C GLY C 26 36.66 20.46 -4.47
N LEU C 27 36.67 19.25 -3.92
CA LEU C 27 36.71 19.08 -2.46
C LEU C 27 37.95 19.74 -1.84
N GLN C 28 39.12 19.47 -2.42
CA GLN C 28 40.35 20.03 -1.90
C GLN C 28 40.29 21.56 -2.01
N LYS C 29 39.69 22.02 -3.09
CA LYS C 29 39.54 23.44 -3.29
C LYS C 29 38.61 24.10 -2.28
N PHE C 30 37.54 23.39 -1.93
CA PHE C 30 36.66 23.83 -0.87
C PHE C 30 37.42 23.88 0.47
N ARG C 31 38.20 22.82 0.76
CA ARG C 31 38.92 22.69 2.04
C ARG C 31 39.90 23.84 2.22
N GLU C 32 40.78 23.98 1.25
CA GLU C 32 41.82 25.00 1.39
C GLU C 32 41.22 26.41 1.27
N GLY C 33 40.04 26.49 0.65
CA GLY C 33 39.47 27.76 0.26
C GLY C 33 38.38 28.21 1.18
N TYR C 34 37.14 27.96 0.77
CA TYR C 34 35.98 28.38 1.55
C TYR C 34 35.94 27.83 3.00
N PHE C 35 36.26 26.55 3.17
CA PHE C 35 36.30 25.97 4.51
C PHE C 35 37.27 26.76 5.40
N SER C 36 38.52 26.93 4.93
CA SER C 36 39.58 27.58 5.73
C SER C 36 39.23 29.01 6.09
N SER C 37 38.46 29.64 5.22
CA SER C 37 37.98 30.99 5.43
C SER C 37 36.74 31.06 6.30
N HIS C 38 36.20 29.91 6.70
CA HIS C 38 34.97 29.88 7.50
C HIS C 38 35.03 28.84 8.61
N ARG C 39 36.18 28.71 9.25
CA ARG C 39 36.39 27.67 10.24
C ARG C 39 35.42 27.79 11.39
N ASP C 40 35.20 29.03 11.80
CA ASP C 40 34.36 29.32 12.94
C ASP C 40 32.92 28.90 12.66
N LEU C 41 32.45 29.22 11.46
CA LEU C 41 31.07 28.92 11.10
C LEU C 41 30.84 27.42 11.14
N PHE C 42 31.79 26.67 10.61
CA PHE C 42 31.65 25.24 10.59
C PHE C 42 31.80 24.60 11.96
N GLU C 43 32.68 25.16 12.81
CA GLU C 43 32.80 24.67 14.18
C GLU C 43 31.45 24.89 14.88
N GLN C 44 30.88 26.05 14.70
CA GLN C 44 29.58 26.34 15.31
C GLN C 44 28.46 25.41 14.79
N LEU C 45 28.39 25.27 13.48
CA LEU C 45 27.40 24.39 12.90
C LEU C 45 27.60 22.96 13.34
N SER C 46 28.81 22.58 13.76
CA SER C 46 29.09 21.21 14.21
C SER C 46 28.27 20.86 15.45
N HIS C 47 27.75 21.87 16.15
CA HIS C 47 26.98 21.64 17.36
C HIS C 47 25.50 21.50 17.12
N GLY C 48 25.04 21.85 15.92
CA GLY C 48 23.64 21.69 15.59
C GLY C 48 23.19 22.58 14.44
N GLN C 49 22.12 22.19 13.77
CA GLN C 49 21.59 23.04 12.71
C GLN C 49 20.40 23.82 13.21
N HIS C 50 20.28 25.06 12.75
CA HIS C 50 19.19 25.90 13.17
C HIS C 50 18.63 26.68 11.98
N PRO C 51 18.22 25.95 10.92
CA PRO C 51 17.68 26.62 9.73
C PRO C 51 16.32 27.20 10.04
N ARG C 52 15.96 28.25 9.32
CA ARG C 52 14.67 28.90 9.55
CA ARG C 52 14.68 28.91 9.56
C ARG C 52 13.75 28.78 8.35
N ILE C 53 14.22 28.15 7.29
CA ILE C 53 13.46 27.99 6.05
C ILE C 53 13.48 26.53 5.58
N LEU C 54 12.30 25.98 5.22
CA LEU C 54 12.16 24.75 4.51
C LEU C 54 11.98 25.08 3.03
N PHE C 55 12.91 24.66 2.19
CA PHE C 55 12.96 25.01 0.80
C PHE C 55 12.77 23.73 -0.01
N ILE C 56 11.66 23.65 -0.73
CA ILE C 56 11.33 22.48 -1.56
C ILE C 56 11.54 22.88 -2.98
N CYS C 57 12.43 22.19 -3.67
CA CYS C 57 12.72 22.53 -5.07
C CYS C 57 13.01 21.31 -5.93
N CYS C 58 13.24 21.51 -7.22
CA CYS C 58 13.43 20.39 -8.09
C CYS C 58 14.86 19.89 -8.03
N SER C 59 15.02 18.61 -8.30
CA SER C 59 16.35 17.97 -8.46
C SER C 59 17.16 18.48 -9.61
N ASP C 60 16.50 19.15 -10.57
CA ASP C 60 17.13 19.74 -11.77
C ASP C 60 18.49 20.36 -11.44
N SER C 61 19.52 19.95 -12.17
CA SER C 61 20.87 20.37 -11.87
C SER C 61 21.10 21.87 -12.06
N ARG C 62 20.18 22.53 -12.75
CA ARG C 62 20.32 23.95 -13.02
C ARG C 62 19.84 24.81 -11.87
N VAL C 63 19.28 24.18 -10.83
CA VAL C 63 18.72 24.89 -9.69
C VAL C 63 19.64 24.72 -8.51
N ASP C 64 20.04 25.85 -7.90
CA ASP C 64 20.88 25.80 -6.68
C ASP C 64 20.27 26.79 -5.68
N PRO C 65 19.52 26.31 -4.67
CA PRO C 65 18.77 27.22 -3.78
C PRO C 65 19.65 28.13 -2.96
N ASN C 66 20.78 27.61 -2.51
CA ASN C 66 21.69 28.46 -1.76
C ASN C 66 22.30 29.54 -2.62
N LEU C 67 22.60 29.22 -3.88
CA LEU C 67 23.20 30.17 -4.79
C LEU C 67 22.24 31.29 -5.12
N ILE C 68 21.03 30.92 -5.54
CA ILE C 68 20.11 31.93 -6.03
C ILE C 68 19.59 32.85 -4.93
N THR C 69 19.60 32.38 -3.67
CA THR C 69 19.21 33.21 -2.55
C THR C 69 20.39 33.79 -1.78
N GLN C 70 21.60 33.48 -2.24
CA GLN C 70 22.83 33.91 -1.59
C GLN C 70 22.83 33.61 -0.10
N SER C 71 22.38 32.40 0.23
CA SER C 71 22.31 31.91 1.59
C SER C 71 23.63 31.35 2.06
N GLU C 72 23.81 31.39 3.38
CA GLU C 72 24.96 30.79 4.05
C GLU C 72 24.62 29.36 4.41
N VAL C 73 25.63 28.50 4.52
CA VAL C 73 25.42 27.15 5.00
C VAL C 73 24.72 27.24 6.35
N GLY C 74 23.69 26.41 6.55
CA GLY C 74 22.93 26.38 7.78
C GLY C 74 21.59 27.09 7.67
N ASP C 75 21.33 27.80 6.58
CA ASP C 75 20.11 28.60 6.44
C ASP C 75 18.90 27.82 5.92
N LEU C 76 19.13 26.95 4.94
CA LEU C 76 18.04 26.29 4.22
C LEU C 76 18.06 24.79 4.44
N PHE C 77 16.96 24.27 4.97
CA PHE C 77 16.73 22.82 5.02
C PHE C 77 15.99 22.47 3.74
N VAL C 78 16.54 21.55 2.94
CA VAL C 78 16.14 21.45 1.52
C VAL C 78 15.61 20.06 1.18
N ILE C 79 14.43 20.02 0.57
CA ILE C 79 13.88 18.81 -0.03
C ILE C 79 14.01 18.97 -1.54
N ARG C 80 14.58 17.99 -2.23
CA ARG C 80 14.65 18.04 -3.70
C ARG C 80 14.19 16.72 -4.31
N ASN C 81 13.26 16.81 -5.27
CA ASN C 81 12.78 15.68 -6.02
C ASN C 81 12.42 16.16 -7.43
N ALA C 82 12.07 15.27 -8.33
CA ALA C 82 11.73 15.67 -9.70
C ALA C 82 10.38 16.36 -9.75
N GLY C 83 10.35 17.66 -10.02
CA GLY C 83 9.12 18.42 -10.09
C GLY C 83 8.74 19.16 -8.82
N ASN C 84 9.57 19.08 -7.78
CA ASN C 84 9.23 19.80 -6.52
C ASN C 84 7.81 19.53 -6.03
N ILE C 85 7.49 18.25 -5.94
CA ILE C 85 6.15 17.79 -5.60
C ILE C 85 6.12 17.30 -4.15
N ILE C 86 5.05 17.65 -3.46
CA ILE C 86 4.74 17.11 -2.14
C ILE C 86 3.42 16.38 -2.25
N PRO C 87 3.44 15.05 -2.13
CA PRO C 87 2.16 14.33 -2.22
C PRO C 87 1.20 14.75 -1.14
N PRO C 88 -0.11 14.65 -1.40
CA PRO C 88 -1.06 14.85 -0.31
C PRO C 88 -0.73 13.93 0.89
N TYR C 89 -1.12 14.35 2.09
CA TYR C 89 -0.86 13.61 3.30
C TYR C 89 -1.41 12.20 3.23
N GLY C 90 -0.57 11.21 3.49
CA GLY C 90 -1.00 9.81 3.43
C GLY C 90 -0.88 9.15 2.10
N ALA C 91 -0.63 9.90 1.04
CA ALA C 91 -0.59 9.34 -0.30
C ALA C 91 0.71 8.60 -0.61
N ALA C 92 1.79 8.97 0.05
CA ALA C 92 3.12 8.44 -0.25
C ALA C 92 3.92 8.16 1.00
N ASN C 93 4.87 7.27 0.86
CA ASN C 93 5.73 6.83 1.96
C ASN C 93 7.20 6.96 1.64
N GLY C 94 7.51 7.91 0.78
CA GLY C 94 8.90 8.28 0.54
C GLY C 94 9.32 9.40 1.48
N GLY C 95 10.31 10.18 1.07
CA GLY C 95 11.00 11.08 1.98
C GLY C 95 10.33 12.40 2.28
N GLU C 96 9.40 12.82 1.41
CA GLU C 96 8.90 14.19 1.47
C GLU C 96 8.21 14.56 2.75
N GLY C 97 7.18 13.82 3.13
CA GLY C 97 6.43 14.18 4.33
C GLY C 97 7.27 14.14 5.56
N ALA C 98 8.09 13.10 5.69
CA ALA C 98 8.98 12.96 6.80
C ALA C 98 9.95 14.13 6.89
N ALA C 99 10.53 14.56 5.77
CA ALA C 99 11.49 15.67 5.84
C ALA C 99 10.79 16.94 6.25
N MET C 100 9.60 17.16 5.76
CA MET C 100 8.85 18.34 6.14
CA MET C 100 8.81 18.28 6.14
C MET C 100 8.52 18.26 7.62
N GLU C 101 8.10 17.11 8.11
CA GLU C 101 7.75 16.95 9.53
C GLU C 101 8.96 17.22 10.41
N TYR C 102 10.11 16.69 10.03
CA TYR C 102 11.33 16.96 10.80
C TYR C 102 11.60 18.47 10.85
N ALA C 103 11.52 19.15 9.69
CA ALA C 103 11.74 20.60 9.62
C ALA C 103 10.82 21.37 10.53
N LEU C 104 9.54 21.03 10.54
CA LEU C 104 8.57 21.82 11.30
C LEU C 104 8.56 21.48 12.76
N VAL C 105 8.61 20.19 13.08
CA VAL C 105 8.41 19.72 14.43
C VAL C 105 9.73 19.69 15.20
N ALA C 106 10.77 19.12 14.62
CA ALA C 106 12.05 19.06 15.29
C ALA C 106 12.82 20.36 15.17
N LEU C 107 12.85 20.95 13.98
CA LEU C 107 13.65 22.18 13.80
C LEU C 107 12.86 23.48 13.97
N GLU C 108 11.54 23.38 14.15
CA GLU C 108 10.71 24.54 14.45
C GLU C 108 10.76 25.59 13.35
N ILE C 109 10.89 25.13 12.10
CA ILE C 109 10.83 26.05 10.97
C ILE C 109 9.43 26.64 10.82
N ASN C 110 9.33 27.92 10.48
CA ASN C 110 8.03 28.56 10.31
C ASN C 110 7.81 29.17 8.93
N GLN C 111 8.68 28.84 7.98
CA GLN C 111 8.54 29.31 6.59
C GLN C 111 8.78 28.17 5.63
N ILE C 112 7.84 27.92 4.72
CA ILE C 112 8.01 26.88 3.71
C ILE C 112 7.89 27.53 2.35
N ILE C 113 8.86 27.25 1.49
CA ILE C 113 8.86 27.72 0.11
C ILE C 113 8.81 26.52 -0.81
N VAL C 114 7.80 26.48 -1.67
CA VAL C 114 7.77 25.57 -2.81
C VAL C 114 8.27 26.33 -4.02
N CYS C 115 9.43 25.95 -4.56
CA CYS C 115 10.10 26.65 -5.64
C CYS C 115 10.13 25.73 -6.86
N GLY C 116 9.36 26.09 -7.87
CA GLY C 116 9.42 25.44 -9.16
C GLY C 116 10.33 26.24 -10.06
N HIS C 117 10.50 25.81 -11.31
CA HIS C 117 11.44 26.51 -12.17
C HIS C 117 11.07 26.33 -13.64
N SER C 118 11.52 27.27 -14.45
CA SER C 118 11.29 27.19 -15.88
C SER C 118 11.96 25.97 -16.50
N HIS C 119 11.31 25.43 -17.52
CA HIS C 119 11.84 24.33 -18.33
C HIS C 119 11.91 23.04 -17.54
N CYS C 120 11.00 22.84 -16.58
CA CYS C 120 11.09 21.66 -15.70
C CYS C 120 10.76 20.38 -16.44
N GLY C 121 11.66 19.40 -16.37
CA GLY C 121 11.47 18.11 -17.03
C GLY C 121 10.25 17.36 -16.54
N ALA C 122 9.98 17.42 -15.24
CA ALA C 122 8.82 16.77 -14.71
C ALA C 122 7.55 17.31 -15.31
N MET C 123 7.53 18.63 -15.55
CA MET C 123 6.34 19.23 -16.12
C MET C 123 6.18 18.90 -17.59
N LYS C 124 7.27 18.86 -18.34
CA LYS C 124 7.24 18.37 -19.72
C LYS C 124 6.68 16.94 -19.74
N GLY C 125 7.10 16.11 -18.79
CA GLY C 125 6.58 14.76 -18.67
C GLY C 125 5.10 14.71 -18.35
N LEU C 126 4.68 15.53 -17.39
CA LEU C 126 3.30 15.60 -16.99
C LEU C 126 2.34 15.87 -18.16
N LEU C 127 2.80 16.71 -19.08
CA LEU C 127 2.01 17.09 -20.25
C LEU C 127 2.01 16.01 -21.35
N LYS C 128 2.84 14.99 -21.18
CA LYS C 128 2.83 13.83 -22.06
C LYS C 128 2.82 12.57 -21.20
N LEU C 129 1.99 12.59 -20.17
CA LEU C 129 2.10 11.62 -19.07
C LEU C 129 1.98 10.18 -19.52
N ASN C 130 0.98 9.84 -20.32
CA ASN C 130 0.83 8.43 -20.68
C ASN C 130 2.00 7.87 -21.45
N SER C 131 2.68 8.73 -22.22
CA SER C 131 3.83 8.29 -23.00
C SER C 131 5.01 7.89 -22.13
N LEU C 132 4.99 8.27 -20.86
CA LEU C 132 6.10 8.00 -19.95
C LEU C 132 6.08 6.59 -19.40
N GLN C 133 4.95 5.92 -19.42
CA GLN C 133 4.86 4.67 -18.67
C GLN C 133 5.82 3.58 -19.14
N GLU C 134 6.14 3.54 -20.44
CA GLU C 134 7.01 2.49 -20.93
C GLU C 134 8.45 2.61 -20.46
N LYS C 135 9.05 3.79 -20.64
CA LYS C 135 10.49 3.94 -20.35
C LYS C 135 10.70 4.54 -18.99
N LEU C 136 9.72 5.26 -18.45
CA LEU C 136 9.90 5.92 -17.16
C LEU C 136 8.76 5.57 -16.21
N PRO C 137 8.60 4.28 -15.92
CA PRO C 137 7.43 3.90 -15.11
C PRO C 137 7.35 4.49 -13.72
N LEU C 138 8.50 4.65 -13.05
CA LEU C 138 8.49 5.26 -11.72
C LEU C 138 8.14 6.74 -11.80
N VAL C 139 8.57 7.43 -12.84
CA VAL C 139 8.23 8.84 -13.00
C VAL C 139 6.72 8.95 -13.29
N TYR C 140 6.18 8.07 -14.14
CA TYR C 140 4.74 8.05 -14.41
C TYR C 140 3.95 7.95 -13.11
N ASP C 141 4.33 6.99 -12.24
CA ASP C 141 3.57 6.81 -11.01
C ASP C 141 3.73 8.05 -10.09
N TRP C 142 4.94 8.63 -10.02
CA TRP C 142 5.22 9.76 -9.16
C TRP C 142 4.42 11.01 -9.54
N LEU C 143 4.34 11.25 -10.85
CA LEU C 143 3.60 12.39 -11.35
C LEU C 143 2.10 12.28 -11.05
N LYS C 144 1.58 11.10 -10.75
CA LYS C 144 0.19 11.03 -10.34
C LYS C 144 -0.06 11.83 -9.07
N HIS C 145 0.96 12.11 -8.26
CA HIS C 145 0.74 12.92 -7.07
C HIS C 145 0.48 14.37 -7.41
N THR C 146 0.74 14.76 -8.66
CA THR C 146 0.39 16.10 -9.13
C THR C 146 -0.64 16.05 -10.28
N GLU C 147 -1.40 14.97 -10.29
CA GLU C 147 -2.45 14.82 -11.30
C GLU C 147 -3.44 15.97 -11.26
N ALA C 148 -3.66 16.58 -10.09
CA ALA C 148 -4.55 17.72 -10.07
C ALA C 148 -4.07 18.85 -10.94
N THR C 149 -2.75 19.02 -11.05
CA THR C 149 -2.17 20.01 -11.96
C THR C 149 -2.54 19.68 -13.40
N ARG C 150 -2.35 18.43 -13.75
CA ARG C 150 -2.60 18.00 -15.13
C ARG C 150 -4.05 18.21 -15.49
N ARG C 151 -4.96 17.79 -14.61
CA ARG C 151 -6.39 17.92 -14.89
C ARG C 151 -6.77 19.38 -15.04
N LEU C 152 -6.29 20.21 -14.12
CA LEU C 152 -6.59 21.64 -14.16
C LEU C 152 -6.07 22.25 -15.47
N VAL C 153 -4.85 21.91 -15.85
CA VAL C 153 -4.26 22.52 -17.03
C VAL C 153 -4.99 22.08 -18.28
N LEU C 154 -5.30 20.80 -18.37
CA LEU C 154 -6.05 20.31 -19.55
C LEU C 154 -7.45 20.93 -19.68
N ASP C 155 -8.10 21.17 -18.54
CA ASP C 155 -9.45 21.64 -18.56
C ASP C 155 -9.52 23.15 -18.73
N ASN C 156 -8.48 23.88 -18.32
CA ASN C 156 -8.58 25.35 -18.23
C ASN C 156 -7.59 26.14 -19.09
N TYR C 157 -6.59 25.47 -19.63
CA TYR C 157 -5.61 26.15 -20.49
C TYR C 157 -5.47 25.46 -21.82
N SER C 158 -6.59 25.03 -22.38
CA SER C 158 -6.61 24.31 -23.65
C SER C 158 -6.10 25.15 -24.82
N HIS C 159 -6.03 26.47 -24.63
CA HIS C 159 -5.57 27.33 -25.73
CA HIS C 159 -5.62 27.45 -25.64
C HIS C 159 -4.12 27.71 -25.68
N LEU C 160 -3.38 27.12 -24.76
CA LEU C 160 -1.94 27.28 -24.72
C LEU C 160 -1.30 26.01 -25.29
N GLU C 161 -0.16 26.16 -25.94
CA GLU C 161 0.60 24.99 -26.36
C GLU C 161 2.09 25.26 -26.19
N GLY C 162 2.90 24.22 -26.38
CA GLY C 162 4.34 24.37 -26.41
C GLY C 162 4.88 24.98 -25.14
N GLU C 163 5.79 25.95 -25.28
CA GLU C 163 6.49 26.53 -24.12
C GLU C 163 5.54 27.28 -23.17
N ASP C 164 4.50 27.91 -23.73
CA ASP C 164 3.54 28.62 -22.90
C ASP C 164 2.82 27.65 -21.98
N LEU C 165 2.47 26.48 -22.49
CA LEU C 165 1.78 25.47 -21.69
C LEU C 165 2.72 24.92 -20.62
N ILE C 166 3.98 24.68 -20.95
CA ILE C 166 4.92 24.18 -19.95
C ILE C 166 5.03 25.21 -18.81
N GLU C 167 5.14 26.48 -19.14
CA GLU C 167 5.31 27.53 -18.13
C GLU C 167 4.10 27.61 -17.21
N VAL C 168 2.90 27.45 -17.77
CA VAL C 168 1.70 27.46 -16.94
C VAL C 168 1.64 26.20 -16.07
N ALA C 169 2.07 25.07 -16.60
CA ALA C 169 2.14 23.84 -15.82
C ALA C 169 3.11 23.99 -14.65
N VAL C 170 4.27 24.64 -14.86
CA VAL C 170 5.20 24.90 -13.77
C VAL C 170 4.51 25.72 -12.66
N ALA C 171 3.83 26.80 -13.03
CA ALA C 171 3.17 27.67 -12.08
C ALA C 171 2.05 26.95 -11.36
N GLU C 172 1.18 26.28 -12.11
CA GLU C 172 0.10 25.54 -11.52
C GLU C 172 0.58 24.42 -10.62
N ASN C 173 1.66 23.77 -10.98
CA ASN C 173 2.19 22.69 -10.14
C ASN C 173 2.55 23.20 -8.75
N ILE C 174 3.11 24.39 -8.66
CA ILE C 174 3.48 25.00 -7.38
C ILE C 174 2.22 25.15 -6.56
N LEU C 175 1.14 25.65 -7.15
CA LEU C 175 -0.08 25.89 -6.40
C LEU C 175 -0.69 24.58 -5.90
N THR C 176 -0.64 23.54 -6.70
CA THR C 176 -1.10 22.24 -6.29
C THR C 176 -0.33 21.76 -5.05
N GLN C 177 0.97 22.00 -5.00
CA GLN C 177 1.74 21.54 -3.85
C GLN C 177 1.35 22.30 -2.60
N LEU C 178 0.98 23.56 -2.72
CA LEU C 178 0.48 24.33 -1.59
C LEU C 178 -0.80 23.70 -1.07
N LYS C 179 -1.71 23.32 -1.94
CA LYS C 179 -2.92 22.60 -1.51
C LYS C 179 -2.57 21.26 -0.84
N ASN C 180 -1.59 20.54 -1.40
CA ASN C 180 -1.21 19.27 -0.82
C ASN C 180 -0.62 19.46 0.56
N LEU C 181 0.23 20.48 0.72
CA LEU C 181 0.86 20.77 2.01
C LEU C 181 -0.21 21.02 3.07
N GLN C 182 -1.31 21.65 2.69
CA GLN C 182 -2.36 22.01 3.64
C GLN C 182 -3.08 20.81 4.23
N THR C 183 -2.84 19.61 3.70
CA THR C 183 -3.43 18.39 4.26
C THR C 183 -2.57 17.74 5.35
N TYR C 184 -1.33 18.20 5.53
CA TYR C 184 -0.49 17.60 6.56
C TYR C 184 -0.85 18.13 7.95
N PRO C 185 -0.90 17.26 8.96
CA PRO C 185 -1.30 17.70 10.30
C PRO C 185 -0.50 18.86 10.87
N ALA C 186 0.83 18.81 10.78
CA ALA C 186 1.60 19.88 11.39
C ALA C 186 1.32 21.20 10.69
N ILE C 187 1.14 21.15 9.39
CA ILE C 187 0.91 22.37 8.62
C ILE C 187 -0.49 22.91 8.90
N HIS C 188 -1.50 22.05 8.82
CA HIS C 188 -2.86 22.46 9.12
C HIS C 188 -2.98 23.10 10.49
N SER C 189 -2.39 22.46 11.48
CA SER C 189 -2.44 23.00 12.83
C SER C 189 -1.76 24.35 12.98
N ARG C 190 -0.56 24.47 12.44
CA ARG C 190 0.21 25.71 12.58
C ARG C 190 -0.33 26.85 11.74
N LEU C 191 -0.98 26.55 10.60
CA LEU C 191 -1.66 27.63 9.87
C LEU C 191 -2.82 28.20 10.65
N HIS C 192 -3.58 27.33 11.30
CA HIS C 192 -4.64 27.78 12.18
C HIS C 192 -4.10 28.65 13.30
N ARG C 193 -2.98 28.24 13.89
CA ARG C 193 -2.37 28.97 14.98
C ARG C 193 -1.87 30.33 14.52
N GLY C 194 -1.35 30.36 13.30
CA GLY C 194 -0.90 31.57 12.66
C GLY C 194 0.61 31.74 12.68
N ASP C 195 1.36 30.70 13.05
CA ASP C 195 2.82 30.86 13.20
C ASP C 195 3.60 30.18 12.07
N LEU C 196 2.93 29.86 10.98
CA LEU C 196 3.57 29.24 9.82
C LEU C 196 3.13 29.99 8.57
N SER C 197 4.05 30.18 7.61
CA SER C 197 3.74 30.77 6.32
C SER C 197 4.21 29.89 5.18
N LEU C 198 3.39 29.81 4.15
CA LEU C 198 3.69 29.12 2.91
C LEU C 198 3.93 30.14 1.79
N HIS C 199 4.81 29.76 0.87
CA HIS C 199 5.20 30.64 -0.24
C HIS C 199 5.38 29.80 -1.48
N GLY C 200 4.96 30.31 -2.61
CA GLY C 200 5.24 29.66 -3.89
C GLY C 200 6.09 30.55 -4.74
N TRP C 201 7.18 30.00 -5.24
CA TRP C 201 8.17 30.68 -6.06
C TRP C 201 8.37 29.99 -7.40
N ILE C 202 8.56 30.77 -8.46
CA ILE C 202 9.06 30.23 -9.74
C ILE C 202 10.41 30.86 -10.05
N TYR C 203 11.40 30.01 -10.22
CA TYR C 203 12.73 30.45 -10.61
C TYR C 203 12.90 30.35 -12.12
N ARG C 204 13.06 31.51 -12.76
CA ARG C 204 13.31 31.55 -14.17
C ARG C 204 14.79 31.51 -14.38
N ILE C 205 15.29 30.35 -14.74
CA ILE C 205 16.73 30.16 -14.89
C ILE C 205 17.38 31.19 -15.83
N GLU C 206 16.80 31.35 -17.01
CA GLU C 206 17.40 32.16 -18.05
C GLU C 206 17.44 33.66 -17.71
N GLU C 207 16.66 34.08 -16.72
CA GLU C 207 16.53 35.49 -16.37
C GLU C 207 17.13 35.82 -15.02
N GLY C 208 17.53 34.80 -14.28
CA GLY C 208 18.12 34.98 -12.96
C GLY C 208 17.18 35.62 -11.97
N GLU C 209 15.89 35.34 -12.10
CA GLU C 209 14.88 35.96 -11.24
C GLU C 209 13.87 34.97 -10.71
N VAL C 210 13.26 35.35 -9.59
CA VAL C 210 12.22 34.59 -8.96
C VAL C 210 10.95 35.43 -8.96
N LEU C 211 9.84 34.78 -9.28
CA LEU C 211 8.52 35.40 -9.12
C LEU C 211 7.83 34.66 -8.00
N ALA C 212 7.12 35.39 -7.15
CA ALA C 212 6.41 34.76 -6.03
C ALA C 212 4.90 34.92 -6.19
N TYR C 213 4.18 33.89 -5.78
CA TYR C 213 2.73 33.92 -5.89
C TYR C 213 2.16 34.93 -4.91
N ASP C 214 1.27 35.77 -5.43
CA ASP C 214 0.60 36.77 -4.64
C ASP C 214 -0.89 36.44 -4.65
N GLY C 215 -1.41 36.09 -3.48
CA GLY C 215 -2.80 35.70 -3.32
C GLY C 215 -3.83 36.77 -3.63
N VAL C 216 -3.43 38.03 -3.60
CA VAL C 216 -4.35 39.14 -3.87
C VAL C 216 -4.49 39.34 -5.38
N LEU C 217 -3.34 39.24 -6.07
CA LEU C 217 -3.28 39.45 -7.50
C LEU C 217 -3.59 38.13 -8.24
N HIS C 218 -3.45 37.03 -7.53
CA HIS C 218 -3.59 35.71 -8.12
C HIS C 218 -2.67 35.54 -9.33
N ASP C 219 -1.41 35.91 -9.11
CA ASP C 219 -0.36 35.73 -10.12
C ASP C 219 0.99 35.67 -9.41
N PHE C 220 2.02 35.27 -10.13
CA PHE C 220 3.37 35.26 -9.61
C PHE C 220 4.03 36.58 -10.04
N VAL C 221 4.56 37.33 -9.07
CA VAL C 221 5.18 38.64 -9.34
C VAL C 221 6.51 38.78 -8.63
N ALA C 222 7.36 39.72 -9.03
CA ALA C 222 8.65 39.88 -8.34
C ALA C 222 8.48 40.26 -6.87
N PRO C 223 9.24 39.63 -5.95
CA PRO C 223 9.32 40.09 -4.56
C PRO C 223 10.02 41.46 -4.47
N GLN C 224 9.89 42.13 -3.32
CA GLN C 224 10.58 43.40 -3.11
C GLN C 224 10.83 43.64 -1.63
N SER D 18 11.79 38.57 8.58
CA SER D 18 13.25 38.73 8.83
C SER D 18 14.06 37.76 7.96
N HIS D 19 13.98 36.46 8.23
CA HIS D 19 14.75 35.49 7.47
CA HIS D 19 14.75 35.48 7.47
CA HIS D 19 14.80 35.55 7.42
C HIS D 19 14.23 35.42 6.02
N MET D 20 12.93 35.63 5.84
CA MET D 20 12.37 35.71 4.49
C MET D 20 12.89 36.96 3.79
N GLN D 21 13.00 38.04 4.55
CA GLN D 21 13.51 39.27 3.96
C GLN D 21 14.94 39.10 3.47
N ARG D 22 15.74 38.36 4.25
CA ARG D 22 17.13 38.12 3.87
C ARG D 22 17.15 37.34 2.54
N LEU D 23 16.26 36.38 2.40
CA LEU D 23 16.24 35.61 1.16
C LEU D 23 15.92 36.47 -0.05
N ILE D 24 15.00 37.40 0.14
CA ILE D 24 14.59 38.27 -0.93
C ILE D 24 15.71 39.26 -1.32
N GLU D 25 16.40 39.81 -0.33
CA GLU D 25 17.61 40.59 -0.61
C GLU D 25 18.64 39.74 -1.34
N GLY D 26 18.75 38.47 -0.95
CA GLY D 26 19.73 37.59 -1.56
C GLY D 26 19.47 37.34 -3.03
N LEU D 27 18.20 37.21 -3.37
CA LEU D 27 17.80 37.06 -4.77
C LEU D 27 18.33 38.22 -5.61
N GLN D 28 18.27 39.40 -5.04
CA GLN D 28 18.80 40.60 -5.70
CA GLN D 28 18.80 40.59 -5.68
C GLN D 28 20.31 40.53 -5.85
N LYS D 29 21.00 40.13 -4.79
CA LYS D 29 22.45 40.04 -4.82
C LYS D 29 22.85 39.04 -5.92
N PHE D 30 22.15 37.91 -5.99
CA PHE D 30 22.47 36.92 -7.01
C PHE D 30 22.29 37.51 -8.41
N ARG D 31 21.16 38.15 -8.64
CA ARG D 31 20.88 38.65 -9.97
C ARG D 31 21.88 39.69 -10.46
N GLU D 32 22.37 40.51 -9.54
CA GLU D 32 23.29 41.59 -9.87
C GLU D 32 24.74 41.19 -9.76
N GLY D 33 25.01 40.10 -9.04
CA GLY D 33 26.37 39.64 -8.83
C GLY D 33 26.65 38.40 -9.68
N TYR D 34 26.50 37.23 -9.09
CA TYR D 34 26.86 35.99 -9.76
C TYR D 34 26.15 35.81 -11.11
N PHE D 35 24.85 36.04 -11.14
CA PHE D 35 24.15 35.91 -12.40
C PHE D 35 24.73 36.85 -13.47
N SER D 36 25.02 38.08 -13.06
CA SER D 36 25.53 39.10 -13.96
C SER D 36 26.86 38.71 -14.62
N SER D 37 27.71 38.03 -13.85
CA SER D 37 29.05 37.68 -14.33
C SER D 37 29.07 36.28 -14.95
N HIS D 38 27.95 35.57 -14.94
CA HIS D 38 27.89 34.24 -15.53
C HIS D 38 26.75 34.10 -16.56
N ARG D 39 26.57 35.12 -17.39
CA ARG D 39 25.45 35.12 -18.33
C ARG D 39 25.53 33.99 -19.37
N ASP D 40 26.73 33.66 -19.81
CA ASP D 40 26.89 32.62 -20.81
C ASP D 40 26.43 31.28 -20.27
N LEU D 41 26.82 31.02 -19.03
CA LEU D 41 26.46 29.76 -18.37
C LEU D 41 24.95 29.60 -18.31
N PHE D 42 24.25 30.62 -17.84
CA PHE D 42 22.82 30.51 -17.60
C PHE D 42 22.05 30.49 -18.90
N GLU D 43 22.55 31.22 -19.90
CA GLU D 43 21.93 31.15 -21.18
C GLU D 43 22.10 29.74 -21.76
N GLN D 44 23.29 29.16 -21.58
CA GLN D 44 23.55 27.79 -21.99
CA GLN D 44 23.54 27.79 -22.00
C GLN D 44 22.63 26.79 -21.25
N LEU D 45 22.51 26.95 -19.94
CA LEU D 45 21.66 26.02 -19.18
C LEU D 45 20.18 26.09 -19.61
N SER D 46 19.77 27.23 -20.14
CA SER D 46 18.35 27.38 -20.46
C SER D 46 17.89 26.40 -21.55
N HIS D 47 18.82 25.86 -22.34
CA HIS D 47 18.47 24.89 -23.39
C HIS D 47 18.26 23.44 -22.93
N GLY D 48 18.68 23.09 -21.71
CA GLY D 48 18.45 21.76 -21.19
C GLY D 48 19.40 21.49 -20.05
N GLN D 49 19.04 20.58 -19.16
CA GLN D 49 19.98 20.16 -18.12
C GLN D 49 20.76 18.96 -18.65
N HIS D 50 22.04 18.99 -18.36
CA HIS D 50 22.91 17.91 -18.78
C HIS D 50 23.85 17.61 -17.65
N PRO D 51 23.29 17.12 -16.55
CA PRO D 51 24.11 16.83 -15.37
C PRO D 51 25.01 15.67 -15.61
N ARG D 52 26.08 15.62 -14.82
CA ARG D 52 27.05 14.56 -14.89
C ARG D 52 26.92 13.56 -13.77
N ILE D 53 26.34 13.97 -12.66
CA ILE D 53 26.34 13.18 -11.43
C ILE D 53 24.97 13.21 -10.81
N LEU D 54 24.49 12.07 -10.33
CA LEU D 54 23.34 12.00 -9.44
C LEU D 54 23.83 12.02 -8.01
N PHE D 55 23.47 13.06 -7.27
CA PHE D 55 24.01 13.28 -5.93
C PHE D 55 22.88 13.18 -4.94
N ILE D 56 22.93 12.15 -4.08
CA ILE D 56 21.90 11.88 -3.08
C ILE D 56 22.46 12.29 -1.73
N CYS D 57 21.83 13.26 -1.06
CA CYS D 57 22.34 13.73 0.22
C CYS D 57 21.22 14.11 1.17
N CYS D 58 21.58 14.52 2.37
CA CYS D 58 20.61 14.83 3.39
C CYS D 58 20.08 16.24 3.20
N SER D 59 18.85 16.42 3.63
CA SER D 59 18.19 17.73 3.68
C SER D 59 18.82 18.70 4.64
N ASP D 60 19.63 18.19 5.58
CA ASP D 60 20.35 18.99 6.58
C ASP D 60 20.89 20.26 5.98
N SER D 61 20.58 21.36 6.64
CA SER D 61 20.95 22.70 6.15
C SER D 61 22.44 22.95 6.14
N ARG D 62 23.22 22.09 6.80
CA ARG D 62 24.66 22.25 6.82
C ARG D 62 25.34 21.64 5.62
N VAL D 63 24.58 20.95 4.77
CA VAL D 63 25.13 20.26 3.61
C VAL D 63 24.76 21.05 2.35
N ASP D 64 25.77 21.40 1.55
CA ASP D 64 25.53 22.07 0.25
C ASP D 64 26.42 21.36 -0.79
N PRO D 65 25.85 20.45 -1.60
CA PRO D 65 26.71 19.65 -2.49
C PRO D 65 27.50 20.43 -3.52
N ASN D 66 26.87 21.46 -4.10
CA ASN D 66 27.56 22.30 -5.08
C ASN D 66 28.73 23.02 -4.43
N LEU D 67 28.53 23.43 -3.18
CA LEU D 67 29.56 24.16 -2.46
C LEU D 67 30.76 23.26 -2.11
N ILE D 68 30.51 22.12 -1.50
CA ILE D 68 31.62 21.31 -1.01
C ILE D 68 32.39 20.70 -2.14
N THR D 69 31.76 20.51 -3.30
CA THR D 69 32.46 20.00 -4.50
C THR D 69 32.90 21.09 -5.48
N GLN D 70 32.58 22.34 -5.15
CA GLN D 70 32.87 23.46 -6.02
C GLN D 70 32.41 23.19 -7.46
N SER D 71 31.22 22.60 -7.56
CA SER D 71 30.64 22.29 -8.83
C SER D 71 30.02 23.51 -9.44
N GLU D 72 30.02 23.52 -10.76
CA GLU D 72 29.28 24.50 -11.48
C GLU D 72 27.80 24.17 -11.51
N VAL D 73 26.97 25.19 -11.55
CA VAL D 73 25.56 24.96 -11.74
C VAL D 73 25.35 24.19 -13.04
N GLY D 74 24.50 23.16 -12.98
CA GLY D 74 24.26 22.32 -14.12
C GLY D 74 24.90 20.94 -14.00
N ASP D 75 25.82 20.77 -13.08
CA ASP D 75 26.60 19.52 -13.02
C ASP D 75 25.95 18.41 -12.17
N LEU D 76 25.31 18.80 -11.05
CA LEU D 76 24.75 17.84 -10.07
C LEU D 76 23.25 17.82 -10.09
N PHE D 77 22.64 16.68 -10.41
CA PHE D 77 21.22 16.45 -10.24
C PHE D 77 21.08 15.89 -8.83
N VAL D 78 20.28 16.53 -7.99
CA VAL D 78 20.34 16.28 -6.56
C VAL D 78 19.03 15.79 -5.97
N ILE D 79 19.09 14.71 -5.20
CA ILE D 79 17.99 14.19 -4.38
C ILE D 79 18.34 14.52 -2.95
N ARG D 80 17.44 15.17 -2.21
CA ARG D 80 17.66 15.47 -0.79
C ARG D 80 16.47 15.07 0.03
N ASN D 81 16.71 14.25 1.04
CA ASN D 81 15.71 13.86 2.03
C ASN D 81 16.38 13.70 3.39
N ALA D 82 15.62 13.43 4.43
CA ALA D 82 16.21 13.31 5.77
C ALA D 82 16.89 11.98 5.88
N GLY D 83 18.21 11.99 5.97
CA GLY D 83 19.00 10.78 6.09
C GLY D 83 19.58 10.22 4.80
N ASN D 84 19.39 10.91 3.68
CA ASN D 84 19.96 10.45 2.40
C ASN D 84 19.67 8.98 2.14
N ILE D 85 18.39 8.65 2.24
CA ILE D 85 17.90 7.26 2.12
C ILE D 85 17.22 7.03 0.78
N ILE D 86 17.52 5.88 0.18
CA ILE D 86 16.84 5.41 -1.04
C ILE D 86 16.17 4.09 -0.67
N PRO D 87 14.85 4.05 -0.61
CA PRO D 87 14.21 2.79 -0.24
C PRO D 87 14.50 1.67 -1.27
N PRO D 88 14.41 0.41 -0.84
CA PRO D 88 14.48 -0.67 -1.83
C PRO D 88 13.43 -0.50 -2.92
N TYR D 89 13.73 -1.04 -4.10
CA TYR D 89 12.81 -0.94 -5.23
C TYR D 89 11.45 -1.51 -4.89
N GLY D 90 10.41 -0.72 -5.15
CA GLY D 90 9.03 -1.13 -4.86
C GLY D 90 8.56 -0.86 -3.46
N ALA D 91 9.46 -0.45 -2.57
CA ALA D 91 9.08 -0.24 -1.15
C ALA D 91 8.36 1.07 -0.92
N ALA D 92 8.59 2.06 -1.77
CA ALA D 92 8.06 3.41 -1.53
C ALA D 92 7.59 4.03 -2.82
N ASN D 93 6.73 5.02 -2.70
CA ASN D 93 6.15 5.72 -3.82
C ASN D 93 6.28 7.21 -3.68
N GLY D 94 7.29 7.64 -2.98
CA GLY D 94 7.63 9.05 -2.95
C GLY D 94 8.61 9.40 -4.08
N GLY D 95 9.38 10.44 -3.89
CA GLY D 95 10.15 11.00 -4.99
C GLY D 95 11.44 10.31 -5.35
N GLU D 96 11.96 9.50 -4.44
CA GLU D 96 13.34 9.00 -4.61
C GLU D 96 13.56 8.17 -5.84
N GLY D 97 12.81 7.10 -5.97
CA GLY D 97 13.00 6.20 -7.10
C GLY D 97 12.78 6.87 -8.41
N ALA D 98 11.73 7.70 -8.48
CA ALA D 98 11.42 8.39 -9.68
C ALA D 98 12.51 9.37 -10.08
N ALA D 99 13.06 10.10 -9.12
CA ALA D 99 14.14 11.04 -9.46
C ALA D 99 15.36 10.29 -9.95
N MET D 100 15.68 9.18 -9.31
CA MET D 100 16.82 8.38 -9.78
CA MET D 100 16.78 8.36 -9.77
C MET D 100 16.58 7.86 -11.19
N GLU D 101 15.38 7.35 -11.45
CA GLU D 101 15.05 6.85 -12.76
C GLU D 101 15.17 7.93 -13.81
N TYR D 102 14.67 9.13 -13.52
CA TYR D 102 14.78 10.21 -14.47
C TYR D 102 16.25 10.50 -14.77
N ALA D 103 17.04 10.63 -13.73
CA ALA D 103 18.48 10.88 -13.84
C ALA D 103 19.19 9.87 -14.74
N LEU D 104 18.90 8.60 -14.53
CA LEU D 104 19.60 7.57 -15.30
C LEU D 104 19.04 7.35 -16.69
N VAL D 105 17.72 7.26 -16.81
CA VAL D 105 17.10 6.88 -18.06
C VAL D 105 16.93 8.09 -18.99
N ALA D 106 16.41 9.18 -18.46
CA ALA D 106 16.18 10.38 -19.26
C ALA D 106 17.44 11.22 -19.44
N LEU D 107 18.24 11.37 -18.39
CA LEU D 107 19.39 12.24 -18.46
C LEU D 107 20.71 11.48 -18.65
N GLU D 108 20.66 10.16 -18.67
CA GLU D 108 21.79 9.32 -19.06
C GLU D 108 23.00 9.48 -18.10
N ILE D 109 22.73 9.85 -16.85
CA ILE D 109 23.80 9.95 -15.86
C ILE D 109 24.41 8.59 -15.55
N ASN D 110 25.73 8.55 -15.43
CA ASN D 110 26.44 7.29 -15.22
C ASN D 110 27.26 7.23 -13.93
N GLN D 111 27.04 8.20 -13.04
CA GLN D 111 27.71 8.25 -11.74
C GLN D 111 26.70 8.63 -10.67
N ILE D 112 26.59 7.82 -9.63
CA ILE D 112 25.71 8.07 -8.48
C ILE D 112 26.56 8.15 -7.23
N ILE D 113 26.33 9.18 -6.42
CA ILE D 113 26.98 9.35 -5.11
C ILE D 113 25.89 9.41 -4.04
N VAL D 114 25.98 8.51 -3.07
CA VAL D 114 25.20 8.59 -1.85
C VAL D 114 26.12 9.23 -0.82
N CYS D 115 25.76 10.42 -0.37
CA CYS D 115 26.53 11.21 0.55
C CYS D 115 25.79 11.39 1.85
N GLY D 116 26.32 10.74 2.90
CA GLY D 116 25.88 11.00 4.27
C GLY D 116 26.76 12.04 4.92
N HIS D 117 26.48 12.37 6.18
CA HIS D 117 27.27 13.43 6.82
C HIS D 117 27.27 13.25 8.33
N SER D 118 28.27 13.82 8.94
CA SER D 118 28.43 13.75 10.38
C SER D 118 27.28 14.47 11.09
N HIS D 119 26.91 13.93 12.26
CA HIS D 119 25.91 14.54 13.13
C HIS D 119 24.50 14.54 12.52
N CYS D 120 24.20 13.55 11.70
CA CYS D 120 22.94 13.51 10.99
C CYS D 120 21.78 13.26 11.94
N GLY D 121 20.77 14.13 11.87
CA GLY D 121 19.59 14.02 12.70
C GLY D 121 18.78 12.77 12.43
N ALA D 122 18.71 12.35 11.20
CA ALA D 122 17.98 11.13 10.89
C ALA D 122 18.61 9.94 11.55
N MET D 123 19.95 9.91 11.61
CA MET D 123 20.64 8.82 12.28
C MET D 123 20.52 8.86 13.79
N LYS D 124 20.54 10.04 14.39
CA LYS D 124 20.22 10.16 15.80
C LYS D 124 18.83 9.59 16.06
N GLY D 125 17.90 9.91 15.18
CA GLY D 125 16.55 9.39 15.33
C GLY D 125 16.48 7.88 15.17
N LEU D 126 17.20 7.36 14.19
CA LEU D 126 17.23 5.93 13.97
C LEU D 126 17.67 5.18 15.21
N LEU D 127 18.62 5.72 15.94
CA LEU D 127 19.10 5.08 17.16
C LEU D 127 18.17 5.23 18.38
N LYS D 128 17.12 6.02 18.22
CA LYS D 128 16.09 6.13 19.24
C LYS D 128 14.71 6.01 18.60
N LEU D 129 14.61 5.06 17.69
CA LEU D 129 13.50 5.02 16.72
C LEU D 129 12.16 4.99 17.38
N ASN D 130 12.00 4.11 18.36
CA ASN D 130 10.70 3.93 18.99
C ASN D 130 10.19 5.21 19.64
N SER D 131 11.10 6.02 20.16
CA SER D 131 10.70 7.27 20.80
C SER D 131 10.18 8.34 19.81
N LEU D 132 10.39 8.14 18.52
CA LEU D 132 9.94 9.13 17.51
C LEU D 132 8.49 8.98 17.15
N GLN D 133 7.91 7.83 17.44
CA GLN D 133 6.55 7.50 17.05
CA GLN D 133 6.58 7.52 16.97
C GLN D 133 5.53 8.57 17.42
N GLU D 134 5.65 9.09 18.64
CA GLU D 134 4.67 10.05 19.13
C GLU D 134 4.65 11.41 18.42
N LYS D 135 5.79 12.09 18.36
CA LYS D 135 5.83 13.47 17.88
C LYS D 135 6.31 13.54 16.43
N LEU D 136 6.98 12.49 15.96
CA LEU D 136 7.49 12.45 14.57
C LEU D 136 7.06 11.17 13.84
N PRO D 137 5.74 10.96 13.72
CA PRO D 137 5.28 9.70 13.16
C PRO D 137 5.70 9.46 11.72
N LEU D 138 5.76 10.52 10.90
CA LEU D 138 6.21 10.32 9.54
C LEU D 138 7.66 9.99 9.45
N VAL D 139 8.50 10.60 10.30
CA VAL D 139 9.92 10.25 10.35
C VAL D 139 10.07 8.79 10.80
N TYR D 140 9.32 8.36 11.81
CA TYR D 140 9.35 6.99 12.27
CA TYR D 140 9.36 6.98 12.27
C TYR D 140 9.11 6.01 11.11
N ASP D 141 8.05 6.26 10.34
CA ASP D 141 7.70 5.36 9.24
C ASP D 141 8.80 5.39 8.15
N TRP D 142 9.31 6.59 7.85
CA TRP D 142 10.34 6.76 6.81
C TRP D 142 11.60 6.01 7.13
N LEU D 143 12.02 6.07 8.39
CA LEU D 143 13.26 5.42 8.80
C LEU D 143 13.16 3.92 8.74
N LYS D 144 11.97 3.35 8.60
CA LYS D 144 11.86 1.92 8.35
C LYS D 144 12.54 1.50 7.09
N HIS D 145 12.68 2.41 6.13
CA HIS D 145 13.36 2.06 4.87
C HIS D 145 14.86 1.87 5.05
N THR D 146 15.37 2.28 6.21
CA THR D 146 16.78 2.02 6.57
C THR D 146 16.87 1.12 7.81
N GLU D 147 15.83 0.34 8.06
CA GLU D 147 15.84 -0.61 9.18
C GLU D 147 17.02 -1.57 9.11
N ALA D 148 17.47 -1.91 7.89
CA ALA D 148 18.62 -2.81 7.83
C ALA D 148 19.85 -2.19 8.49
N THR D 149 19.98 -0.88 8.39
CA THR D 149 21.03 -0.18 9.12
C THR D 149 20.88 -0.31 10.61
N ARG D 150 19.68 -0.03 11.10
CA ARG D 150 19.41 -0.10 12.53
C ARG D 150 19.70 -1.49 13.06
N ARG D 151 19.22 -2.52 12.37
CA ARG D 151 19.41 -3.88 12.85
C ARG D 151 20.89 -4.26 12.87
N LEU D 152 21.60 -3.93 11.79
CA LEU D 152 23.05 -4.18 11.73
C LEU D 152 23.79 -3.46 12.86
N VAL D 153 23.47 -2.19 13.08
CA VAL D 153 24.24 -1.42 14.06
C VAL D 153 23.94 -1.92 15.47
N LEU D 154 22.66 -2.17 15.77
CA LEU D 154 22.33 -2.65 17.11
C LEU D 154 22.86 -4.05 17.39
N ASP D 155 22.93 -4.88 16.37
CA ASP D 155 23.40 -6.26 16.51
C ASP D 155 24.92 -6.33 16.63
N ASN D 156 25.61 -5.46 15.90
CA ASN D 156 27.05 -5.64 15.66
C ASN D 156 27.97 -4.58 16.27
N TYR D 157 27.39 -3.50 16.75
CA TYR D 157 28.13 -2.46 17.46
C TYR D 157 27.50 -2.13 18.82
N SER D 158 27.06 -3.16 19.53
CA SER D 158 26.31 -3.03 20.77
C SER D 158 27.14 -2.43 21.90
N HIS D 159 28.44 -2.34 21.70
CA HIS D 159 29.29 -1.84 22.77
CA HIS D 159 29.37 -1.87 22.73
C HIS D 159 29.67 -0.38 22.56
N LEU D 160 29.35 0.15 21.39
CA LEU D 160 29.60 1.55 21.07
C LEU D 160 28.50 2.43 21.60
N GLU D 161 28.87 3.68 21.86
CA GLU D 161 28.07 4.60 22.65
C GLU D 161 28.10 6.02 22.03
N GLY D 162 27.08 6.81 22.31
CA GLY D 162 27.14 8.24 22.04
C GLY D 162 27.54 8.63 20.62
N GLU D 163 28.49 9.55 20.53
CA GLU D 163 28.94 10.08 19.24
C GLU D 163 29.48 8.99 18.34
N ASP D 164 30.20 8.05 18.92
CA ASP D 164 30.79 6.97 18.17
C ASP D 164 29.72 6.14 17.49
N LEU D 165 28.62 5.88 18.19
CA LEU D 165 27.55 5.08 17.63
C LEU D 165 26.85 5.82 16.50
N ILE D 166 26.69 7.14 16.66
CA ILE D 166 26.07 7.93 15.61
C ILE D 166 26.94 7.91 14.35
N GLU D 167 28.25 8.05 14.53
CA GLU D 167 29.21 8.05 13.41
C GLU D 167 29.15 6.71 12.67
N VAL D 168 29.06 5.61 13.41
CA VAL D 168 28.94 4.32 12.75
C VAL D 168 27.62 4.18 11.97
N ALA D 169 26.54 4.67 12.55
CA ALA D 169 25.24 4.64 11.90
C ALA D 169 25.28 5.47 10.61
N VAL D 170 25.93 6.64 10.64
CA VAL D 170 26.08 7.44 9.40
C VAL D 170 26.74 6.63 8.27
N ALA D 171 27.85 5.98 8.61
CA ALA D 171 28.63 5.19 7.65
C ALA D 171 27.83 4.00 7.13
N GLU D 172 27.24 3.24 8.06
CA GLU D 172 26.52 2.04 7.67
C GLU D 172 25.27 2.40 6.89
N ASN D 173 24.65 3.52 7.19
CA ASN D 173 23.47 3.95 6.44
C ASN D 173 23.79 4.14 4.97
N ILE D 174 24.93 4.73 4.66
CA ILE D 174 25.35 4.92 3.26
C ILE D 174 25.42 3.57 2.55
N LEU D 175 26.04 2.59 3.19
CA LEU D 175 26.22 1.25 2.59
C LEU D 175 24.88 0.57 2.39
N THR D 176 23.94 0.74 3.30
CA THR D 176 22.60 0.20 3.11
C THR D 176 21.96 0.77 1.87
N GLN D 177 22.13 2.06 1.63
CA GLN D 177 21.51 2.65 0.47
C GLN D 177 22.11 2.12 -0.84
N LEU D 178 23.40 1.84 -0.84
CA LEU D 178 24.01 1.22 -2.01
C LEU D 178 23.41 -0.14 -2.29
N LYS D 179 23.18 -0.94 -1.25
CA LYS D 179 22.45 -2.20 -1.41
C LYS D 179 21.04 -1.99 -1.96
N ASN D 180 20.33 -0.99 -1.44
CA ASN D 180 19.01 -0.72 -1.90
C ASN D 180 19.01 -0.26 -3.38
N LEU D 181 19.94 0.57 -3.77
CA LEU D 181 20.07 1.00 -5.17
C LEU D 181 20.21 -0.20 -6.11
N GLN D 182 20.89 -1.24 -5.69
CA GLN D 182 21.13 -2.40 -6.54
C GLN D 182 19.87 -3.18 -6.88
N THR D 183 18.75 -2.89 -6.21
CA THR D 183 17.48 -3.56 -6.51
C THR D 183 16.69 -2.86 -7.62
N TYR D 184 17.11 -1.67 -8.03
CA TYR D 184 16.34 -0.93 -9.06
C TYR D 184 16.66 -1.44 -10.45
N PRO D 185 15.66 -1.67 -11.30
CA PRO D 185 15.94 -2.17 -12.63
C PRO D 185 16.93 -1.35 -13.47
N ALA D 186 16.83 -0.03 -13.45
CA ALA D 186 17.74 0.78 -14.27
C ALA D 186 19.17 0.62 -13.81
N ILE D 187 19.34 0.50 -12.50
CA ILE D 187 20.68 0.34 -11.92
C ILE D 187 21.23 -1.05 -12.21
N HIS D 188 20.43 -2.07 -11.93
CA HIS D 188 20.84 -3.45 -12.15
C HIS D 188 21.26 -3.68 -13.60
N SER D 189 20.47 -3.16 -14.55
CA SER D 189 20.78 -3.35 -15.93
C SER D 189 22.07 -2.63 -16.37
N ARG D 190 22.25 -1.41 -15.90
CA ARG D 190 23.42 -0.63 -16.29
C ARG D 190 24.68 -1.13 -15.63
N LEU D 191 24.59 -1.61 -14.40
CA LEU D 191 25.79 -2.18 -13.78
C LEU D 191 26.26 -3.39 -14.54
N HIS D 192 25.33 -4.17 -15.10
CA HIS D 192 25.68 -5.36 -15.87
C HIS D 192 26.53 -4.99 -17.10
N ARG D 193 26.18 -3.86 -17.68
CA ARG D 193 26.77 -3.38 -18.92
C ARG D 193 28.07 -2.65 -18.67
N GLY D 194 28.27 -2.21 -17.41
CA GLY D 194 29.48 -1.49 -17.03
C GLY D 194 29.34 0.02 -17.29
N ASP D 195 28.11 0.47 -17.40
CA ASP D 195 27.77 1.84 -17.79
C ASP D 195 27.26 2.64 -16.60
N LEU D 196 27.69 2.25 -15.41
CA LEU D 196 27.25 3.00 -14.23
C LEU D 196 28.22 2.73 -13.11
N SER D 197 28.52 3.75 -12.30
CA SER D 197 29.32 3.59 -11.10
C SER D 197 28.61 4.19 -9.90
N LEU D 198 28.69 3.47 -8.77
CA LEU D 198 28.13 3.93 -7.50
C LEU D 198 29.25 4.29 -6.54
N HIS D 199 28.97 5.28 -5.69
CA HIS D 199 29.95 5.79 -4.72
C HIS D 199 29.23 6.10 -3.42
N GLY D 200 29.94 5.91 -2.30
CA GLY D 200 29.45 6.28 -0.99
C GLY D 200 30.41 7.26 -0.34
N TRP D 201 29.89 8.38 0.13
CA TRP D 201 30.68 9.45 0.71
C TRP D 201 30.16 9.82 2.09
N ILE D 202 31.08 10.07 3.03
CA ILE D 202 30.75 10.71 4.32
C ILE D 202 31.35 12.10 4.31
N TYR D 203 30.51 13.10 4.46
CA TYR D 203 30.93 14.50 4.59
C TYR D 203 31.02 14.83 6.07
N ARG D 204 32.25 15.14 6.52
CA ARG D 204 32.52 15.50 7.90
C ARG D 204 32.49 17.00 7.97
N ILE D 205 31.37 17.50 8.47
CA ILE D 205 31.09 18.92 8.49
C ILE D 205 32.21 19.72 9.17
N GLU D 206 32.63 19.28 10.35
CA GLU D 206 33.55 20.07 11.15
C GLU D 206 34.93 20.17 10.51
N GLU D 207 35.34 19.14 9.78
CA GLU D 207 36.70 19.05 9.24
C GLU D 207 36.76 19.48 7.78
N GLY D 208 35.60 19.71 7.18
CA GLY D 208 35.53 20.10 5.79
C GLY D 208 36.05 19.07 4.81
N GLU D 209 35.85 17.81 5.16
CA GLU D 209 36.39 16.74 4.33
C GLU D 209 35.38 15.69 4.04
N VAL D 210 35.71 14.91 3.02
CA VAL D 210 34.91 13.79 2.59
C VAL D 210 35.77 12.54 2.67
N LEU D 211 35.15 11.47 3.14
CA LEU D 211 35.71 10.10 3.08
C LEU D 211 34.85 9.28 2.14
N ALA D 212 35.50 8.50 1.27
CA ALA D 212 34.79 7.73 0.25
C ALA D 212 34.98 6.26 0.52
N TYR D 213 33.90 5.49 0.36
CA TYR D 213 33.97 4.05 0.56
C TYR D 213 34.84 3.38 -0.51
N ASP D 214 35.74 2.54 -0.06
CA ASP D 214 36.60 1.78 -0.93
C ASP D 214 36.29 0.29 -0.70
N GLY D 215 35.76 -0.35 -1.73
CA GLY D 215 35.37 -1.76 -1.64
C GLY D 215 36.50 -2.77 -1.50
N VAL D 216 37.73 -2.38 -1.80
CA VAL D 216 38.86 -3.27 -1.56
C VAL D 216 39.30 -3.21 -0.09
N LEU D 217 39.31 -2.00 0.47
CA LEU D 217 39.72 -1.82 1.86
C LEU D 217 38.57 -2.10 2.83
N HIS D 218 37.34 -2.13 2.31
CA HIS D 218 36.15 -2.22 3.16
C HIS D 218 36.16 -1.12 4.22
N ASP D 219 36.44 0.11 3.78
CA ASP D 219 36.55 1.23 4.70
C ASP D 219 36.33 2.51 3.94
N PHE D 220 36.05 3.58 4.67
CA PHE D 220 35.89 4.92 4.13
C PHE D 220 37.22 5.65 4.26
N VAL D 221 37.76 6.11 3.13
CA VAL D 221 39.11 6.65 3.10
C VAL D 221 39.11 8.01 2.41
N ALA D 222 40.09 8.82 2.78
CA ALA D 222 40.24 10.11 2.17
C ALA D 222 40.43 9.90 0.66
N PRO D 223 39.61 10.54 -0.16
CA PRO D 223 40.04 10.53 -1.55
C PRO D 223 41.09 11.62 -1.78
N GLY E 17 -13.46 -37.84 -6.95
CA GLY E 17 -12.34 -37.50 -7.86
C GLY E 17 -11.27 -38.54 -7.76
N SER E 18 -10.76 -38.98 -8.92
CA SER E 18 -9.69 -39.96 -8.95
C SER E 18 -8.40 -39.38 -8.38
N HIS E 19 -8.15 -38.09 -8.61
CA HIS E 19 -6.92 -37.49 -8.13
C HIS E 19 -6.91 -37.39 -6.62
N MET E 20 -8.02 -36.94 -6.04
CA MET E 20 -8.12 -36.93 -4.59
C MET E 20 -8.08 -38.36 -4.02
N GLN E 21 -8.70 -39.30 -4.71
CA GLN E 21 -8.68 -40.68 -4.26
C GLN E 21 -7.25 -41.22 -4.22
N ARG E 22 -6.46 -40.89 -5.24
CA ARG E 22 -5.07 -41.31 -5.30
C ARG E 22 -4.32 -40.75 -4.09
N LEU E 23 -4.59 -39.48 -3.73
CA LEU E 23 -3.89 -38.87 -2.60
C LEU E 23 -4.20 -39.55 -1.28
N ILE E 24 -5.46 -39.94 -1.10
CA ILE E 24 -5.89 -40.62 0.11
C ILE E 24 -5.28 -42.02 0.20
N GLU E 25 -5.21 -42.72 -0.92
CA GLU E 25 -4.50 -43.98 -0.96
C GLU E 25 -3.02 -43.75 -0.67
N GLY E 26 -2.49 -42.64 -1.17
CA GLY E 26 -1.12 -42.28 -0.87
C GLY E 26 -0.87 -42.04 0.61
N LEU E 27 -1.79 -41.36 1.27
CA LEU E 27 -1.70 -41.16 2.71
C LEU E 27 -1.57 -42.49 3.47
N GLN E 28 -2.36 -43.48 3.07
CA GLN E 28 -2.29 -44.79 3.73
C GLN E 28 -0.95 -45.48 3.47
N LYS E 29 -0.48 -45.38 2.23
CA LYS E 29 0.79 -45.98 1.86
C LYS E 29 1.93 -45.36 2.68
N PHE E 30 1.85 -44.06 2.91
CA PHE E 30 2.85 -43.36 3.71
C PHE E 30 2.80 -43.89 5.14
N ARG E 31 1.60 -43.98 5.70
CA ARG E 31 1.45 -44.37 7.10
C ARG E 31 1.92 -45.79 7.35
N GLU E 32 1.67 -46.68 6.39
CA GLU E 32 2.04 -48.09 6.51
C GLU E 32 3.48 -48.33 6.07
N GLY E 33 3.99 -47.43 5.24
CA GLY E 33 5.33 -47.55 4.71
C GLY E 33 6.34 -46.73 5.45
N TYR E 34 6.67 -45.56 4.89
CA TYR E 34 7.73 -44.72 5.39
C TYR E 34 7.50 -44.30 6.84
N PHE E 35 6.27 -43.91 7.18
CA PHE E 35 6.01 -43.53 8.57
C PHE E 35 6.32 -44.65 9.55
N SER E 36 5.85 -45.85 9.23
CA SER E 36 6.00 -46.99 10.14
C SER E 36 7.44 -47.38 10.40
N SER E 37 8.34 -47.08 9.46
CA SER E 37 9.74 -47.45 9.61
C SER E 37 10.58 -46.26 10.04
N HIS E 38 9.91 -45.14 10.32
CA HIS E 38 10.58 -43.93 10.79
C HIS E 38 9.80 -43.32 11.96
N ARG E 39 9.23 -44.15 12.83
CA ARG E 39 8.39 -43.62 13.89
C ARG E 39 9.19 -42.76 14.87
N ASP E 40 10.44 -43.15 15.13
CA ASP E 40 11.26 -42.45 16.11
C ASP E 40 11.65 -41.08 15.57
N LEU E 41 11.90 -41.01 14.27
CA LEU E 41 12.21 -39.73 13.66
C LEU E 41 11.03 -38.77 13.84
N PHE E 42 9.84 -39.27 13.56
CA PHE E 42 8.67 -38.40 13.66
C PHE E 42 8.31 -38.05 15.09
N GLU E 43 8.61 -38.91 16.07
CA GLU E 43 8.30 -38.53 17.45
C GLU E 43 9.29 -37.45 17.89
N GLN E 44 10.54 -37.61 17.48
CA GLN E 44 11.57 -36.61 17.73
C GLN E 44 11.18 -35.25 17.12
N LEU E 45 10.83 -35.26 15.84
CA LEU E 45 10.43 -34.04 15.16
C LEU E 45 9.20 -33.42 15.79
N SER E 46 8.34 -34.24 16.40
CA SER E 46 7.14 -33.70 17.06
C SER E 46 7.47 -32.68 18.17
N HIS E 47 8.72 -32.66 18.62
CA HIS E 47 9.11 -31.74 19.69
C HIS E 47 9.62 -30.41 19.18
N GLY E 48 9.93 -30.35 17.90
CA GLY E 48 10.42 -29.11 17.33
C GLY E 48 11.10 -29.33 16.01
N GLN E 49 11.16 -28.28 15.20
CA GLN E 49 11.91 -28.33 13.95
C GLN E 49 13.25 -27.63 14.12
N HIS E 50 14.29 -28.21 13.52
CA HIS E 50 15.65 -27.69 13.59
C HIS E 50 16.32 -27.75 12.22
N PRO E 51 15.69 -27.17 11.20
CA PRO E 51 16.28 -27.15 9.86
C PRO E 51 17.53 -26.30 9.87
N ARG E 52 18.44 -26.61 8.95
CA ARG E 52 19.63 -25.79 8.82
C ARG E 52 19.71 -25.07 7.46
N ILE E 53 18.73 -25.28 6.58
CA ILE E 53 18.74 -24.65 5.26
C ILE E 53 17.38 -24.01 4.99
N LEU E 54 17.37 -22.78 4.49
CA LEU E 54 16.21 -22.13 3.92
C LEU E 54 16.30 -22.29 2.41
N PHE E 55 15.33 -23.00 1.85
CA PHE E 55 15.34 -23.38 0.45
C PHE E 55 14.17 -22.68 -0.22
N ILE E 56 14.46 -21.77 -1.12
CA ILE E 56 13.44 -20.99 -1.87
C ILE E 56 13.40 -21.52 -3.26
N CYS E 57 12.24 -22.00 -3.67
CA CYS E 57 12.13 -22.62 -5.00
C CYS E 57 10.79 -22.37 -5.64
N CYS E 58 10.61 -22.80 -6.87
CA CYS E 58 9.38 -22.54 -7.57
C CYS E 58 8.31 -23.53 -7.15
N SER E 59 7.05 -23.09 -7.22
CA SER E 59 5.88 -23.93 -7.05
C SER E 59 5.72 -25.06 -8.07
N ASP E 60 6.39 -24.92 -9.21
CA ASP E 60 6.38 -25.91 -10.28
C ASP E 60 6.40 -27.33 -9.73
N SER E 61 5.43 -28.11 -10.21
CA SER E 61 5.23 -29.48 -9.70
C SER E 61 6.38 -30.42 -10.00
N ARG E 62 7.24 -30.04 -10.94
CA ARG E 62 8.39 -30.88 -11.31
C ARG E 62 9.57 -30.73 -10.37
N VAL E 63 9.50 -29.79 -9.44
CA VAL E 63 10.60 -29.50 -8.50
C VAL E 63 10.22 -30.08 -7.14
N ASP E 64 11.10 -30.90 -6.58
CA ASP E 64 10.90 -31.44 -5.24
C ASP E 64 12.23 -31.22 -4.51
N PRO E 65 12.35 -30.22 -3.62
CA PRO E 65 13.64 -29.88 -2.99
C PRO E 65 14.20 -31.02 -2.11
N ASN E 66 13.34 -31.69 -1.36
CA ASN E 66 13.78 -32.82 -0.56
C ASN E 66 14.32 -33.95 -1.43
N LEU E 67 13.67 -34.21 -2.56
CA LEU E 67 14.10 -35.27 -3.47
C LEU E 67 15.44 -34.93 -4.08
N ILE E 68 15.56 -33.72 -4.63
CA ILE E 68 16.77 -33.40 -5.39
C ILE E 68 18.00 -33.25 -4.51
N THR E 69 17.82 -33.04 -3.21
CA THR E 69 18.95 -33.00 -2.26
C THR E 69 19.00 -34.21 -1.33
N GLN E 70 18.12 -35.18 -1.56
CA GLN E 70 18.01 -36.36 -0.69
C GLN E 70 18.04 -35.97 0.79
N SER E 71 17.23 -34.97 1.12
CA SER E 71 17.12 -34.49 2.47
C SER E 71 16.11 -35.35 3.23
N GLU E 72 16.32 -35.43 4.51
CA GLU E 72 15.40 -36.04 5.42
C GLU E 72 14.38 -35.01 5.87
N VAL E 73 13.19 -35.48 6.24
CA VAL E 73 12.20 -34.63 6.87
CA VAL E 73 12.21 -34.58 6.83
C VAL E 73 12.85 -33.92 8.04
N GLY E 74 12.66 -32.61 8.16
CA GLY E 74 13.29 -31.82 9.20
C GLY E 74 14.44 -30.94 8.72
N ASP E 75 14.99 -31.23 7.53
CA ASP E 75 16.22 -30.55 7.11
C ASP E 75 16.01 -29.20 6.39
N LEU E 76 14.95 -29.10 5.59
CA LEU E 76 14.77 -27.93 4.72
C LEU E 76 13.51 -27.17 5.07
N PHE E 77 13.67 -25.91 5.42
CA PHE E 77 12.55 -25.00 5.60
C PHE E 77 12.34 -24.36 4.25
N VAL E 78 11.15 -24.46 3.68
CA VAL E 78 10.98 -24.21 2.26
C VAL E 78 9.98 -23.12 1.96
N ILE E 79 10.32 -22.17 1.10
CA ILE E 79 9.41 -21.16 0.53
C ILE E 79 9.17 -21.55 -0.93
N ARG E 80 7.92 -21.64 -1.38
CA ARG E 80 7.62 -21.91 -2.78
C ARG E 80 6.59 -20.95 -3.34
N ASN E 81 6.93 -20.31 -4.42
CA ASN E 81 6.04 -19.41 -5.17
C ASN E 81 6.36 -19.53 -6.66
N ALA E 82 5.59 -18.88 -7.53
CA ALA E 82 5.82 -19.01 -8.97
C ALA E 82 6.98 -18.14 -9.35
N GLY E 83 8.07 -18.79 -9.72
CA GLY E 83 9.25 -18.09 -10.16
C GLY E 83 10.33 -17.93 -9.10
N ASN E 84 10.11 -18.46 -7.90
CA ASN E 84 11.12 -18.42 -6.83
C ASN E 84 11.67 -17.00 -6.62
N ILE E 85 10.72 -16.08 -6.41
CA ILE E 85 10.97 -14.65 -6.28
C ILE E 85 10.85 -14.21 -4.83
N ILE E 86 11.79 -13.37 -4.40
CA ILE E 86 11.76 -12.72 -3.10
C ILE E 86 11.74 -11.20 -3.39
N PRO E 87 10.63 -10.53 -3.09
CA PRO E 87 10.60 -9.08 -3.37
C PRO E 87 11.65 -8.34 -2.52
N PRO E 88 12.09 -7.17 -2.98
CA PRO E 88 12.94 -6.34 -2.10
C PRO E 88 12.24 -6.05 -0.78
N TYR E 89 13.03 -5.79 0.25
CA TYR E 89 12.49 -5.48 1.57
C TYR E 89 11.56 -4.28 1.50
N GLY E 90 10.39 -4.45 2.08
CA GLY E 90 9.34 -3.42 2.13
C GLY E 90 8.49 -3.33 0.89
N ALA E 91 8.81 -4.06 -0.19
CA ALA E 91 8.04 -3.96 -1.42
C ALA E 91 6.77 -4.78 -1.40
N ALA E 92 6.69 -5.78 -0.53
CA ALA E 92 5.55 -6.67 -0.52
C ALA E 92 5.16 -7.09 0.86
N ASN E 93 3.92 -7.54 0.97
CA ASN E 93 3.35 -7.94 2.26
C ASN E 93 2.71 -9.31 2.19
N GLY E 94 3.22 -10.16 1.31
CA GLY E 94 2.84 -11.56 1.31
C GLY E 94 3.77 -12.36 2.17
N GLY E 95 3.88 -13.64 1.87
CA GLY E 95 4.52 -14.57 2.80
C GLY E 95 6.03 -14.62 2.79
N GLU E 96 6.64 -14.12 1.73
CA GLU E 96 8.08 -14.38 1.50
C GLU E 96 9.01 -13.84 2.55
N GLY E 97 8.93 -12.54 2.82
CA GLY E 97 9.83 -11.91 3.80
C GLY E 97 9.63 -12.49 5.16
N ALA E 98 8.39 -12.68 5.53
CA ALA E 98 8.05 -13.25 6.85
C ALA E 98 8.62 -14.65 7.04
N ALA E 99 8.50 -15.50 6.02
CA ALA E 99 9.01 -16.87 6.16
C ALA E 99 10.51 -16.86 6.26
N MET E 100 11.18 -16.01 5.48
CA MET E 100 12.63 -15.90 5.59
CA MET E 100 12.59 -15.84 5.60
C MET E 100 13.02 -15.40 6.98
N GLU E 101 12.32 -14.41 7.50
CA GLU E 101 12.65 -13.90 8.82
C GLU E 101 12.46 -14.94 9.89
N TYR E 102 11.39 -15.71 9.81
CA TYR E 102 11.17 -16.79 10.75
C TYR E 102 12.33 -17.78 10.70
N ALA E 103 12.73 -18.15 9.50
CA ALA E 103 13.82 -19.08 9.33
C ALA E 103 15.12 -18.58 9.93
N LEU E 104 15.44 -17.32 9.66
CA LEU E 104 16.74 -16.83 10.13
C LEU E 104 16.72 -16.48 11.61
N VAL E 105 15.66 -15.84 12.08
CA VAL E 105 15.66 -15.28 13.43
C VAL E 105 15.13 -16.30 14.44
N ALA E 106 14.00 -16.94 14.15
CA ALA E 106 13.48 -17.95 15.07
C ALA E 106 14.19 -19.28 15.00
N LEU E 107 14.52 -19.74 13.79
CA LEU E 107 15.12 -21.06 13.61
C LEU E 107 16.63 -21.02 13.46
N GLU E 108 17.20 -19.84 13.40
CA GLU E 108 18.66 -19.68 13.36
C GLU E 108 19.32 -20.36 12.15
N ILE E 109 18.64 -20.38 11.01
CA ILE E 109 19.21 -20.94 9.79
CA ILE E 109 19.27 -20.98 9.84
C ILE E 109 20.36 -20.04 9.31
N ASN E 110 21.41 -20.63 8.77
CA ASN E 110 22.58 -19.87 8.31
C ASN E 110 22.96 -20.16 6.87
N GLN E 111 22.09 -20.84 6.13
CA GLN E 111 22.29 -21.11 4.69
C GLN E 111 21.00 -20.85 3.95
N ILE E 112 21.07 -20.02 2.92
CA ILE E 112 19.92 -19.71 2.06
C ILE E 112 20.24 -20.10 0.64
N ILE E 113 19.36 -20.85 0.02
CA ILE E 113 19.47 -21.24 -1.38
C ILE E 113 18.28 -20.69 -2.13
N VAL E 114 18.53 -19.87 -3.14
CA VAL E 114 17.52 -19.48 -4.13
C VAL E 114 17.67 -20.44 -5.29
N CYS E 115 16.69 -21.29 -5.50
CA CYS E 115 16.73 -22.32 -6.53
C CYS E 115 15.71 -22.05 -7.61
N GLY E 116 16.19 -21.75 -8.80
CA GLY E 116 15.39 -21.68 -10.02
C GLY E 116 15.45 -22.97 -10.78
N HIS E 117 14.77 -23.05 -11.91
CA HIS E 117 14.78 -24.34 -12.63
C HIS E 117 14.48 -24.13 -14.10
N SER E 118 14.87 -25.12 -14.88
CA SER E 118 14.68 -25.04 -16.33
C SER E 118 13.21 -25.03 -16.69
N HIS E 119 12.91 -24.32 -17.77
CA HIS E 119 11.55 -24.29 -18.33
C HIS E 119 10.53 -23.65 -17.40
N CYS E 120 10.96 -22.69 -16.61
CA CYS E 120 10.08 -22.09 -15.61
C CYS E 120 8.97 -21.23 -16.23
N GLY E 121 7.74 -21.55 -15.87
CA GLY E 121 6.53 -20.86 -16.36
C GLY E 121 6.55 -19.38 -16.07
N ALA E 122 6.97 -19.01 -14.88
CA ALA E 122 7.03 -17.61 -14.50
C ALA E 122 7.99 -16.86 -15.39
N MET E 123 9.09 -17.50 -15.74
CA MET E 123 10.06 -16.86 -16.62
C MET E 123 9.60 -16.73 -18.05
N LYS E 124 8.90 -17.75 -18.54
CA LYS E 124 8.24 -17.64 -19.85
C LYS E 124 7.27 -16.45 -19.84
N GLY E 125 6.53 -16.31 -18.76
CA GLY E 125 5.63 -15.19 -18.66
C GLY E 125 6.34 -13.85 -18.63
N LEU E 126 7.46 -13.78 -17.91
CA LEU E 126 8.19 -12.53 -17.80
C LEU E 126 8.63 -12.01 -19.16
N LEU E 127 8.97 -12.95 -20.05
CA LEU E 127 9.41 -12.61 -21.40
C LEU E 127 8.26 -12.26 -22.35
N LYS E 128 7.02 -12.46 -21.88
CA LYS E 128 5.86 -12.03 -22.64
CA LYS E 128 5.85 -12.05 -22.64
C LYS E 128 4.90 -11.28 -21.70
N LEU E 129 5.48 -10.39 -20.91
CA LEU E 129 4.79 -9.81 -19.78
C LEU E 129 3.47 -9.14 -20.14
N ASN E 130 3.48 -8.31 -21.15
CA ASN E 130 2.28 -7.56 -21.41
C ASN E 130 1.11 -8.45 -21.81
N SER E 131 1.41 -9.60 -22.41
CA SER E 131 0.39 -10.55 -22.82
C SER E 131 -0.31 -11.23 -21.60
N LEU E 132 0.28 -11.13 -20.41
CA LEU E 132 -0.29 -11.74 -19.22
C LEU E 132 -1.39 -10.98 -18.58
N GLN E 133 -1.50 -9.69 -18.87
CA GLN E 133 -2.46 -8.85 -18.15
C GLN E 133 -3.89 -9.36 -18.19
N GLU E 134 -4.32 -9.82 -19.36
CA GLU E 134 -5.71 -10.18 -19.57
C GLU E 134 -6.17 -11.40 -18.77
N LYS E 135 -5.39 -12.48 -18.79
CA LYS E 135 -5.85 -13.73 -18.18
C LYS E 135 -5.08 -14.05 -16.91
N LEU E 136 -3.92 -13.46 -16.72
CA LEU E 136 -3.09 -13.73 -15.53
C LEU E 136 -2.71 -12.42 -14.83
N PRO E 137 -3.69 -11.58 -14.47
CA PRO E 137 -3.34 -10.28 -13.90
C PRO E 137 -2.55 -10.35 -12.61
N LEU E 138 -2.80 -11.34 -11.76
CA LEU E 138 -2.00 -11.43 -10.55
C LEU E 138 -0.57 -11.83 -10.80
N VAL E 139 -0.35 -12.69 -11.77
CA VAL E 139 1.01 -13.05 -12.16
C VAL E 139 1.74 -11.83 -12.76
N TYR E 140 1.04 -11.06 -13.58
CA TYR E 140 1.59 -9.82 -14.12
C TYR E 140 2.07 -8.92 -13.01
N ASP E 141 1.23 -8.72 -12.00
CA ASP E 141 1.60 -7.85 -10.89
C ASP E 141 2.79 -8.41 -10.10
N TRP E 142 2.78 -9.71 -9.85
CA TRP E 142 3.81 -10.35 -9.09
C TRP E 142 5.18 -10.25 -9.73
N LEU E 143 5.22 -10.37 -11.03
CA LEU E 143 6.47 -10.37 -11.76
C LEU E 143 7.08 -8.98 -11.71
N LYS E 144 6.34 -7.96 -11.26
CA LYS E 144 6.95 -6.65 -11.05
C LYS E 144 8.13 -6.71 -10.09
N HIS E 145 8.09 -7.67 -9.16
CA HIS E 145 9.18 -7.78 -8.20
C HIS E 145 10.44 -8.35 -8.80
N THR E 146 10.39 -8.85 -10.01
CA THR E 146 11.59 -9.26 -10.72
C THR E 146 11.79 -8.45 -12.02
N GLU E 147 11.22 -7.24 -12.07
CA GLU E 147 11.42 -6.36 -13.20
C GLU E 147 12.87 -6.09 -13.51
N ALA E 148 13.72 -6.10 -12.49
CA ALA E 148 15.16 -5.86 -12.76
C ALA E 148 15.74 -6.94 -13.68
N THR E 149 15.21 -8.16 -13.56
CA THR E 149 15.58 -9.26 -14.44
C THR E 149 15.17 -8.95 -15.86
N ARG E 150 13.92 -8.55 -16.01
CA ARG E 150 13.38 -8.30 -17.34
C ARG E 150 14.15 -7.17 -18.03
N ARG E 151 14.40 -6.09 -17.30
CA ARG E 151 15.12 -4.95 -17.82
C ARG E 151 16.53 -5.35 -18.26
N LEU E 152 17.22 -6.06 -17.39
CA LEU E 152 18.57 -6.50 -17.69
C LEU E 152 18.60 -7.41 -18.92
N VAL E 153 17.68 -8.35 -18.97
CA VAL E 153 17.66 -9.29 -20.08
C VAL E 153 17.31 -8.63 -21.39
N LEU E 154 16.26 -7.81 -21.38
CA LEU E 154 15.89 -7.08 -22.60
C LEU E 154 16.96 -6.11 -23.07
N ASP E 155 17.69 -5.51 -22.14
CA ASP E 155 18.70 -4.52 -22.49
C ASP E 155 19.99 -5.17 -23.00
N ASN E 156 20.36 -6.29 -22.40
CA ASN E 156 21.72 -6.80 -22.55
C ASN E 156 21.77 -8.12 -23.30
N TYR E 157 20.64 -8.82 -23.43
CA TYR E 157 20.63 -10.11 -24.14
C TYR E 157 19.62 -10.05 -25.28
N SER E 158 19.57 -8.90 -25.93
CA SER E 158 18.59 -8.69 -26.98
C SER E 158 18.74 -9.60 -28.19
N HIS E 159 19.92 -10.23 -28.35
CA HIS E 159 20.16 -11.08 -29.51
C HIS E 159 19.79 -12.55 -29.30
N LEU E 160 19.35 -12.88 -28.10
CA LEU E 160 18.94 -14.25 -27.80
C LEU E 160 17.45 -14.47 -28.04
N GLU E 161 17.13 -15.68 -28.45
CA GLU E 161 15.74 -16.06 -28.69
C GLU E 161 15.41 -17.46 -28.15
N GLY E 162 14.12 -17.76 -28.06
CA GLY E 162 13.64 -19.10 -27.79
C GLY E 162 14.15 -19.67 -26.46
N GLU E 163 14.58 -20.93 -26.53
CA GLU E 163 15.04 -21.65 -25.34
C GLU E 163 16.20 -20.94 -24.69
N ASP E 164 17.13 -20.43 -25.49
CA ASP E 164 18.30 -19.76 -24.96
C ASP E 164 17.90 -18.55 -24.13
N LEU E 165 16.88 -17.82 -24.58
CA LEU E 165 16.41 -16.62 -23.88
C LEU E 165 15.74 -16.97 -22.53
N ILE E 166 14.91 -18.02 -22.54
CA ILE E 166 14.33 -18.50 -21.29
C ILE E 166 15.43 -18.96 -20.30
N GLU E 167 16.44 -19.65 -20.81
CA GLU E 167 17.53 -20.11 -19.94
C GLU E 167 18.22 -18.91 -19.26
N VAL E 168 18.50 -17.84 -20.01
CA VAL E 168 19.11 -16.65 -19.45
C VAL E 168 18.19 -15.99 -18.42
N ALA E 169 16.88 -15.95 -18.68
CA ALA E 169 15.95 -15.36 -17.74
C ALA E 169 15.96 -16.16 -16.45
N VAL E 170 15.94 -17.50 -16.53
CA VAL E 170 15.98 -18.33 -15.31
C VAL E 170 17.21 -17.99 -14.46
N ALA E 171 18.37 -17.92 -15.08
CA ALA E 171 19.64 -17.64 -14.39
C ALA E 171 19.63 -16.22 -13.80
N GLU E 172 19.29 -15.21 -14.60
CA GLU E 172 19.30 -13.83 -14.16
C GLU E 172 18.26 -13.61 -13.09
N ASN E 173 17.13 -14.31 -13.16
CA ASN E 173 16.14 -14.16 -12.11
C ASN E 173 16.70 -14.53 -10.74
N ILE E 174 17.44 -15.61 -10.67
CA ILE E 174 18.08 -16.01 -9.42
C ILE E 174 18.97 -14.89 -8.92
N LEU E 175 19.80 -14.33 -9.78
CA LEU E 175 20.71 -13.26 -9.38
C LEU E 175 19.94 -12.03 -8.84
N THR E 176 18.83 -11.68 -9.46
CA THR E 176 18.00 -10.59 -8.95
C THR E 176 17.50 -10.88 -7.54
N GLN E 177 17.08 -12.12 -7.27
CA GLN E 177 16.55 -12.42 -5.97
C GLN E 177 17.62 -12.33 -4.91
N LEU E 178 18.85 -12.66 -5.29
CA LEU E 178 19.96 -12.53 -4.37
C LEU E 178 20.19 -11.06 -4.03
N LYS E 179 20.04 -10.15 -5.01
CA LYS E 179 20.13 -8.71 -4.67
C LYS E 179 18.99 -8.28 -3.79
N ASN E 180 17.79 -8.76 -4.07
CA ASN E 180 16.63 -8.43 -3.26
C ASN E 180 16.78 -8.92 -1.82
N LEU E 181 17.29 -10.14 -1.64
CA LEU E 181 17.50 -10.68 -0.27
C LEU E 181 18.41 -9.81 0.54
N GLN E 182 19.43 -9.22 -0.09
CA GLN E 182 20.40 -8.43 0.66
C GLN E 182 19.90 -7.11 1.19
N THR E 183 18.66 -6.76 0.87
CA THR E 183 18.04 -5.59 1.46
C THR E 183 17.28 -5.87 2.75
N TYR E 184 17.13 -7.14 3.14
CA TYR E 184 16.39 -7.44 4.36
C TYR E 184 17.28 -7.26 5.57
N PRO E 185 16.76 -6.64 6.62
CA PRO E 185 17.55 -6.39 7.85
C PRO E 185 18.25 -7.63 8.41
N ALA E 186 17.54 -8.74 8.51
CA ALA E 186 18.16 -9.94 9.14
C ALA E 186 19.33 -10.44 8.34
N ILE E 187 19.20 -10.37 7.03
CA ILE E 187 20.26 -10.79 6.15
C ILE E 187 21.43 -9.82 6.17
N HIS E 188 21.14 -8.54 6.04
CA HIS E 188 22.18 -7.54 6.06
C HIS E 188 23.03 -7.60 7.33
N SER E 189 22.39 -7.74 8.50
CA SER E 189 23.07 -7.82 9.76
C SER E 189 23.96 -9.06 9.87
N ARG E 190 23.43 -10.19 9.40
CA ARG E 190 24.20 -11.44 9.48
C ARG E 190 25.33 -11.49 8.49
N LEU E 191 25.16 -10.90 7.31
CA LEU E 191 26.30 -10.86 6.36
C LEU E 191 27.42 -9.98 6.89
N HIS E 192 27.10 -8.93 7.63
CA HIS E 192 28.14 -8.09 8.23
C HIS E 192 28.97 -8.93 9.17
N ARG E 193 28.28 -9.71 9.99
CA ARG E 193 28.91 -10.54 11.02
CA ARG E 193 28.83 -10.59 11.02
C ARG E 193 29.64 -11.75 10.42
N GLY E 194 29.32 -12.08 9.17
CA GLY E 194 29.92 -13.23 8.52
C GLY E 194 29.36 -14.57 8.98
N ASP E 195 28.09 -14.63 9.35
CA ASP E 195 27.60 -15.94 9.82
CA ASP E 195 27.42 -15.76 9.96
C ASP E 195 26.40 -16.44 9.03
N LEU E 196 26.35 -16.05 7.76
CA LEU E 196 25.29 -16.50 6.84
C LEU E 196 25.89 -16.64 5.44
N SER E 197 25.46 -17.66 4.70
CA SER E 197 25.80 -17.80 3.30
C SER E 197 24.56 -17.83 2.41
N LEU E 198 24.69 -17.21 1.25
CA LEU E 198 23.68 -17.18 0.19
C LEU E 198 24.14 -17.93 -1.03
N HIS E 199 23.24 -18.68 -1.65
CA HIS E 199 23.53 -19.54 -2.77
C HIS E 199 22.46 -19.37 -3.83
N GLY E 200 22.85 -19.52 -5.09
CA GLY E 200 21.93 -19.46 -6.21
C GLY E 200 22.10 -20.70 -7.05
N TRP E 201 21.04 -21.48 -7.16
CA TRP E 201 21.05 -22.78 -7.82
C TRP E 201 20.05 -22.83 -8.96
N ILE E 202 20.46 -23.42 -10.08
CA ILE E 202 19.59 -23.71 -11.21
C ILE E 202 19.42 -25.23 -11.29
N TYR E 203 18.19 -25.71 -11.08
CA TYR E 203 17.90 -27.14 -11.23
C TYR E 203 17.47 -27.42 -12.67
N ARG E 204 18.25 -28.25 -13.35
CA ARG E 204 17.97 -28.64 -14.72
C ARG E 204 17.25 -29.98 -14.70
N ILE E 205 15.96 -29.93 -15.01
CA ILE E 205 15.03 -31.04 -14.82
C ILE E 205 15.40 -32.24 -15.68
N GLU E 206 15.51 -32.08 -16.99
CA GLU E 206 15.81 -33.23 -17.85
C GLU E 206 17.19 -33.82 -17.60
N GLU E 207 18.12 -32.92 -17.25
CA GLU E 207 19.55 -33.28 -17.21
C GLU E 207 19.92 -33.89 -15.88
N GLY E 208 19.10 -33.69 -14.86
CA GLY E 208 19.40 -34.22 -13.54
C GLY E 208 20.66 -33.63 -12.95
N GLU E 209 20.77 -32.30 -12.98
CA GLU E 209 21.90 -31.62 -12.35
C GLU E 209 21.47 -30.27 -11.86
N VAL E 210 22.32 -29.74 -11.01
CA VAL E 210 22.18 -28.38 -10.50
C VAL E 210 23.43 -27.62 -10.89
N LEU E 211 23.24 -26.38 -11.28
CA LEU E 211 24.35 -25.41 -11.42
C LEU E 211 24.24 -24.39 -10.31
N ALA E 212 25.37 -23.97 -9.78
CA ALA E 212 25.44 -23.03 -8.67
C ALA E 212 26.21 -21.79 -9.07
N TYR E 213 25.73 -20.63 -8.58
CA TYR E 213 26.41 -19.38 -8.92
C TYR E 213 27.64 -19.16 -8.05
N ASP E 214 28.77 -19.02 -8.70
CA ASP E 214 30.03 -18.63 -8.03
C ASP E 214 30.17 -17.12 -8.24
N GLY E 215 29.91 -16.38 -7.17
CA GLY E 215 29.90 -14.92 -7.23
C GLY E 215 31.26 -14.29 -7.39
N VAL E 216 32.34 -15.02 -7.07
CA VAL E 216 33.68 -14.55 -7.32
C VAL E 216 33.97 -14.65 -8.82
N LEU E 217 33.69 -15.81 -9.38
CA LEU E 217 33.85 -16.01 -10.80
C LEU E 217 32.83 -15.25 -11.65
N HIS E 218 31.65 -14.96 -11.07
CA HIS E 218 30.49 -14.39 -11.75
C HIS E 218 29.95 -15.34 -12.83
N ASP E 219 29.86 -16.61 -12.51
CA ASP E 219 29.29 -17.58 -13.45
C ASP E 219 28.79 -18.78 -12.70
N PHE E 220 27.94 -19.57 -13.37
CA PHE E 220 27.36 -20.79 -12.83
C PHE E 220 28.26 -21.98 -13.15
N VAL E 221 28.50 -22.81 -12.12
CA VAL E 221 29.40 -23.98 -12.19
C VAL E 221 28.77 -25.11 -11.40
N ALA E 222 29.36 -26.30 -11.45
CA ALA E 222 28.87 -27.35 -10.61
C ALA E 222 28.97 -26.99 -9.12
N PRO E 223 28.04 -27.43 -8.30
CA PRO E 223 28.11 -27.06 -6.88
C PRO E 223 29.38 -27.57 -6.22
N GLN E 224 29.87 -26.79 -5.26
CA GLN E 224 30.95 -27.23 -4.40
C GLN E 224 30.86 -26.38 -3.13
N SER E 225 31.42 -26.90 -2.06
CA SER E 225 31.18 -26.35 -0.74
C SER E 225 31.88 -25.04 -0.44
N ARG E 226 32.75 -24.55 -1.33
CA ARG E 226 33.49 -23.30 -1.09
C ARG E 226 33.13 -22.18 -2.06
N ILE E 227 32.01 -22.32 -2.71
CA ILE E 227 31.47 -21.16 -3.43
C ILE E 227 30.20 -20.69 -2.82
N ASN E 228 29.93 -19.44 -3.09
CA ASN E 228 28.62 -18.89 -2.73
C ASN E 228 28.33 -17.78 -3.70
N ALA E 229 27.11 -17.28 -3.66
CA ALA E 229 26.66 -16.44 -4.73
C ALA E 229 27.00 -14.97 -4.56
N LEU E 230 27.63 -14.57 -3.46
CA LEU E 230 27.87 -13.14 -3.24
C LEU E 230 29.00 -12.65 -4.15
N GLU E 231 28.80 -11.51 -4.77
CA GLU E 231 29.80 -10.86 -5.63
C GLU E 231 30.66 -9.90 -4.78
N PRO E 232 31.98 -10.15 -4.65
CA PRO E 232 32.81 -9.43 -3.66
C PRO E 232 32.78 -7.93 -3.86
N GLU E 233 32.64 -7.47 -5.10
CA GLU E 233 32.73 -6.05 -5.35
C GLU E 233 31.46 -5.32 -4.91
N ASP E 234 30.41 -6.07 -4.59
CA ASP E 234 29.17 -5.48 -4.09
C ASP E 234 28.93 -5.74 -2.60
N GLU E 235 29.97 -6.12 -1.87
CA GLU E 235 29.84 -6.43 -0.45
C GLU E 235 29.30 -5.24 0.38
N TYR E 236 29.79 -4.04 0.06
CA TYR E 236 29.41 -2.82 0.77
C TYR E 236 29.30 -3.02 2.26
N ALA E 237 30.42 -3.40 2.88
CA ALA E 237 30.46 -3.65 4.31
C ALA E 237 31.71 -3.04 4.90
N LEU E 238 31.67 -2.81 6.20
CA LEU E 238 32.82 -2.28 6.95
C LEU E 238 33.51 -3.39 7.69
N HIS E 239 34.84 -3.46 7.54
CA HIS E 239 35.70 -4.54 8.05
C HIS E 239 35.11 -5.93 7.82
N SER F 11 39.20 -16.62 9.74
CA SER F 11 40.13 -17.40 10.62
C SER F 11 39.28 -18.28 11.52
N GLY F 12 39.61 -19.56 11.59
CA GLY F 12 39.01 -20.43 12.56
C GLY F 12 37.66 -20.99 12.20
N LEU F 13 36.99 -21.51 13.21
CA LEU F 13 35.78 -22.31 13.05
C LEU F 13 34.59 -21.50 12.52
N VAL F 14 33.98 -22.02 11.47
CA VAL F 14 32.80 -21.44 10.84
C VAL F 14 31.79 -22.57 10.72
N PRO F 15 30.88 -22.71 11.71
CA PRO F 15 30.09 -23.94 11.87
C PRO F 15 28.97 -24.20 10.85
N ARG F 16 28.72 -23.23 9.97
CA ARG F 16 27.69 -23.45 8.93
C ARG F 16 28.14 -24.32 7.74
N GLY F 17 29.44 -24.50 7.56
CA GLY F 17 29.91 -25.10 6.33
C GLY F 17 29.54 -26.58 6.15
N SER F 18 29.48 -27.31 7.25
CA SER F 18 29.12 -28.73 7.14
C SER F 18 27.74 -28.92 6.53
N HIS F 19 26.85 -27.96 6.73
CA HIS F 19 25.50 -28.13 6.23
C HIS F 19 25.49 -28.09 4.72
N MET F 20 26.30 -27.20 4.13
CA MET F 20 26.34 -27.16 2.71
C MET F 20 27.02 -28.35 2.09
N GLN F 21 28.11 -28.81 2.68
CA GLN F 21 28.77 -30.01 2.19
C GLN F 21 27.78 -31.18 2.17
N ARG F 22 27.03 -31.34 3.25
CA ARG F 22 26.04 -32.41 3.34
C ARG F 22 24.99 -32.28 2.24
N LEU F 23 24.51 -31.08 1.98
CA LEU F 23 23.48 -30.89 1.01
C LEU F 23 23.97 -31.25 -0.39
N ILE F 24 25.20 -30.86 -0.70
CA ILE F 24 25.80 -31.18 -1.98
C ILE F 24 26.03 -32.68 -2.12
N GLU F 25 26.41 -33.35 -1.03
CA GLU F 25 26.51 -34.80 -1.07
C GLU F 25 25.14 -35.43 -1.37
N GLY F 26 24.09 -34.87 -0.79
CA GLY F 26 22.76 -35.39 -1.02
C GLY F 26 22.29 -35.19 -2.44
N LEU F 27 22.61 -34.05 -3.00
CA LEU F 27 22.37 -33.83 -4.44
C LEU F 27 23.06 -34.90 -5.27
N GLN F 28 24.31 -35.21 -4.99
CA GLN F 28 25.00 -36.26 -5.75
CA GLN F 28 25.01 -36.24 -5.76
C GLN F 28 24.29 -37.60 -5.62
N LYS F 29 23.78 -37.88 -4.42
CA LYS F 29 23.05 -39.11 -4.21
C LYS F 29 21.75 -39.14 -5.05
N PHE F 30 21.09 -37.99 -5.20
CA PHE F 30 19.91 -37.94 -6.06
C PHE F 30 20.31 -38.24 -7.50
N ARG F 31 21.39 -37.63 -7.93
CA ARG F 31 21.82 -37.75 -9.32
C ARG F 31 22.15 -39.20 -9.62
N GLU F 32 22.90 -39.85 -8.72
CA GLU F 32 23.34 -41.22 -8.86
C GLU F 32 22.26 -42.28 -8.57
N GLY F 33 21.22 -41.85 -7.88
CA GLY F 33 20.19 -42.76 -7.42
C GLY F 33 18.89 -42.53 -8.17
N TYR F 34 17.99 -41.78 -7.55
CA TYR F 34 16.66 -41.61 -8.10
C TYR F 34 16.66 -41.07 -9.53
N PHE F 35 17.45 -40.05 -9.82
CA PHE F 35 17.46 -39.54 -11.17
C PHE F 35 17.88 -40.64 -12.17
N SER F 36 18.91 -41.41 -11.83
CA SER F 36 19.44 -42.43 -12.70
C SER F 36 18.45 -43.54 -12.96
N SER F 37 17.56 -43.81 -12.01
CA SER F 37 16.53 -44.81 -12.24
C SER F 37 15.22 -44.25 -12.81
N HIS F 38 15.15 -42.93 -12.99
CA HIS F 38 13.94 -42.27 -13.47
C HIS F 38 14.21 -41.32 -14.61
N ARG F 39 15.14 -41.65 -15.50
CA ARG F 39 15.48 -40.74 -16.57
C ARG F 39 14.30 -40.44 -17.48
N ASP F 40 13.51 -41.48 -17.79
CA ASP F 40 12.36 -41.26 -18.67
C ASP F 40 11.35 -40.32 -18.06
N LEU F 41 11.10 -40.45 -16.77
CA LEU F 41 10.18 -39.56 -16.10
C LEU F 41 10.66 -38.11 -16.25
N PHE F 42 11.93 -37.84 -16.00
CA PHE F 42 12.39 -36.46 -16.02
C PHE F 42 12.44 -35.93 -17.43
N GLU F 43 12.71 -36.80 -18.41
CA GLU F 43 12.63 -36.38 -19.80
C GLU F 43 11.19 -35.96 -20.15
N GLN F 44 10.21 -36.80 -19.81
CA GLN F 44 8.82 -36.49 -20.04
C GLN F 44 8.41 -35.18 -19.37
N LEU F 45 8.78 -35.03 -18.11
CA LEU F 45 8.39 -33.81 -17.39
C LEU F 45 9.00 -32.56 -18.00
N SER F 46 10.16 -32.70 -18.62
CA SER F 46 10.81 -31.52 -19.16
C SER F 46 10.00 -30.91 -20.29
N HIS F 47 9.02 -31.63 -20.82
CA HIS F 47 8.19 -31.09 -21.88
C HIS F 47 7.05 -30.22 -21.37
N GLY F 48 6.73 -30.31 -20.07
CA GLY F 48 5.65 -29.55 -19.51
C GLY F 48 5.17 -30.13 -18.21
N GLN F 49 4.72 -29.26 -17.31
CA GLN F 49 4.11 -29.73 -16.07
C GLN F 49 2.59 -29.87 -16.25
N HIS F 50 2.04 -30.93 -15.68
CA HIS F 50 0.61 -31.20 -15.75
C HIS F 50 0.09 -31.65 -14.40
N PRO F 51 0.31 -30.83 -13.36
CA PRO F 51 -0.18 -31.18 -12.02
C PRO F 51 -1.68 -31.13 -11.96
N ARG F 52 -2.28 -31.92 -11.08
CA ARG F 52 -3.72 -31.90 -10.95
C ARG F 52 -4.17 -31.33 -9.61
N ILE F 53 -3.24 -31.04 -8.75
CA ILE F 53 -3.55 -30.55 -7.38
C ILE F 53 -2.75 -29.31 -7.09
N LEU F 54 -3.41 -28.26 -6.52
CA LEU F 54 -2.73 -27.16 -5.91
C LEU F 54 -2.69 -27.42 -4.39
N PHE F 55 -1.49 -27.55 -3.86
CA PHE F 55 -1.29 -27.93 -2.46
C PHE F 55 -0.65 -26.76 -1.76
N ILE F 56 -1.36 -26.18 -0.78
CA ILE F 56 -0.89 -25.03 -0.01
C ILE F 56 -0.53 -25.55 1.38
N CYS F 57 0.71 -25.39 1.77
CA CYS F 57 1.11 -25.89 3.07
C CYS F 57 2.17 -25.03 3.72
N CYS F 58 2.58 -25.40 4.92
CA CYS F 58 3.50 -24.60 5.66
C CYS F 58 4.94 -24.83 5.21
N SER F 59 5.78 -23.82 5.35
CA SER F 59 7.20 -23.89 5.13
C SER F 59 7.94 -24.84 6.10
N ASP F 60 7.31 -25.16 7.22
CA ASP F 60 7.85 -26.02 8.26
C ASP F 60 8.60 -27.22 7.64
N SER F 61 9.82 -27.41 8.10
CA SER F 61 10.70 -28.44 7.55
C SER F 61 10.20 -29.85 7.81
N ARG F 62 9.26 -30.01 8.74
CA ARG F 62 8.74 -31.34 9.06
C ARG F 62 7.65 -31.78 8.09
N VAL F 63 7.24 -30.91 7.16
CA VAL F 63 6.15 -31.18 6.22
C VAL F 63 6.74 -31.39 4.82
N ASP F 64 6.42 -32.53 4.22
CA ASP F 64 6.85 -32.86 2.85
C ASP F 64 5.60 -33.37 2.10
N PRO F 65 4.94 -32.51 1.33
CA PRO F 65 3.69 -32.90 0.66
C PRO F 65 3.81 -34.12 -0.26
N ASN F 66 4.89 -34.23 -1.02
CA ASN F 66 5.07 -35.39 -1.85
C ASN F 66 5.23 -36.68 -1.04
N LEU F 67 5.92 -36.58 0.08
CA LEU F 67 6.18 -37.74 0.91
C LEU F 67 4.89 -38.23 1.57
N ILE F 68 4.15 -37.33 2.21
CA ILE F 68 3.01 -37.78 2.98
C ILE F 68 1.89 -38.29 2.07
N THR F 69 1.84 -37.81 0.82
CA THR F 69 0.82 -38.28 -0.12
C THR F 69 1.36 -39.33 -1.08
N GLN F 70 2.64 -39.66 -0.96
CA GLN F 70 3.31 -40.63 -1.84
C GLN F 70 3.10 -40.27 -3.31
N SER F 71 3.22 -38.97 -3.58
CA SER F 71 3.06 -38.46 -4.92
C SER F 71 4.37 -38.52 -5.66
N GLU F 72 4.25 -38.67 -6.96
CA GLU F 72 5.39 -38.61 -7.82
C GLU F 72 5.59 -37.17 -8.24
N VAL F 73 6.83 -36.84 -8.57
CA VAL F 73 7.18 -35.54 -9.10
CA VAL F 73 7.15 -35.53 -9.07
C VAL F 73 6.29 -35.27 -10.33
N GLY F 74 5.73 -34.06 -10.40
CA GLY F 74 4.84 -33.66 -11.46
C GLY F 74 3.40 -33.56 -10.99
N ASP F 75 3.06 -34.12 -9.83
CA ASP F 75 1.66 -34.22 -9.42
C ASP F 75 1.14 -32.97 -8.66
N LEU F 76 1.98 -32.40 -7.81
CA LEU F 76 1.53 -31.34 -6.88
C LEU F 76 2.23 -30.05 -7.19
N PHE F 77 1.45 -29.01 -7.49
CA PHE F 77 1.92 -27.64 -7.61
C PHE F 77 1.78 -27.04 -6.23
N VAL F 78 2.88 -26.55 -5.66
CA VAL F 78 2.92 -26.31 -4.20
C VAL F 78 3.21 -24.85 -3.86
N ILE F 79 2.41 -24.29 -2.95
CA ILE F 79 2.66 -23.01 -2.35
C ILE F 79 3.07 -23.27 -0.91
N ARG F 80 4.20 -22.72 -0.46
CA ARG F 80 4.62 -22.87 0.92
C ARG F 80 5.01 -21.55 1.52
N ASN F 81 4.43 -21.24 2.67
CA ASN F 81 4.73 -20.05 3.46
C ASN F 81 4.55 -20.38 4.93
N ALA F 82 4.90 -19.46 5.83
CA ALA F 82 4.79 -19.75 7.28
C ALA F 82 3.34 -19.67 7.70
N GLY F 83 2.75 -20.80 8.05
CA GLY F 83 1.37 -20.83 8.45
C GLY F 83 0.38 -21.21 7.36
N ASN F 84 0.81 -21.48 6.15
CA ASN F 84 -0.11 -21.92 5.09
C ASN F 84 -1.29 -20.97 4.92
N ILE F 85 -0.96 -19.69 4.81
CA ILE F 85 -1.94 -18.59 4.75
C ILE F 85 -2.09 -18.06 3.34
N ILE F 86 -3.34 -17.83 2.95
CA ILE F 86 -3.65 -17.17 1.69
C ILE F 86 -4.40 -15.89 2.05
N PRO F 87 -3.76 -14.72 1.86
CA PRO F 87 -4.48 -13.47 2.21
C PRO F 87 -5.77 -13.30 1.41
N PRO F 88 -6.72 -12.55 2.00
CA PRO F 88 -7.88 -12.16 1.16
C PRO F 88 -7.46 -11.51 -0.14
N TYR F 89 -8.27 -11.64 -1.19
CA TYR F 89 -7.96 -11.04 -2.47
C TYR F 89 -7.74 -9.53 -2.35
N GLY F 90 -6.63 -9.06 -2.90
CA GLY F 90 -6.27 -7.66 -2.86
C GLY F 90 -5.54 -7.20 -1.63
N ALA F 91 -5.46 -8.04 -0.60
CA ALA F 91 -4.82 -7.65 0.64
C ALA F 91 -3.31 -7.67 0.59
N ALA F 92 -2.74 -8.46 -0.31
CA ALA F 92 -1.30 -8.67 -0.33
C ALA F 92 -0.79 -8.73 -1.75
N ASN F 93 0.49 -8.38 -1.90
CA ASN F 93 1.15 -8.39 -3.20
C ASN F 93 2.41 -9.25 -3.18
N GLY F 94 2.40 -10.28 -2.37
CA GLY F 94 3.41 -11.33 -2.47
C GLY F 94 2.99 -12.41 -3.43
N GLY F 95 3.53 -13.61 -3.23
CA GLY F 95 3.44 -14.63 -4.26
C GLY F 95 2.20 -15.48 -4.23
N GLU F 96 1.44 -15.47 -3.15
CA GLU F 96 0.39 -16.44 -2.95
C GLU F 96 -0.69 -16.39 -4.03
N GLY F 97 -1.31 -15.22 -4.23
CA GLY F 97 -2.43 -15.10 -5.16
C GLY F 97 -1.99 -15.43 -6.57
N ALA F 98 -0.81 -14.95 -6.98
CA ALA F 98 -0.29 -15.21 -8.31
C ALA F 98 -0.04 -16.69 -8.55
N ALA F 99 0.49 -17.40 -7.56
CA ALA F 99 0.75 -18.83 -7.73
C ALA F 99 -0.54 -19.60 -7.87
N MET F 100 -1.54 -19.22 -7.08
CA MET F 100 -2.85 -19.86 -7.16
CA MET F 100 -2.83 -19.83 -7.18
C MET F 100 -3.44 -19.60 -8.54
N GLU F 101 -3.34 -18.37 -9.01
CA GLU F 101 -3.91 -18.00 -10.29
C GLU F 101 -3.25 -18.81 -11.41
N TYR F 102 -1.94 -18.92 -11.38
CA TYR F 102 -1.22 -19.67 -12.39
C TYR F 102 -1.71 -21.13 -12.40
N ALA F 103 -1.83 -21.69 -11.21
CA ALA F 103 -2.32 -23.07 -11.06
C ALA F 103 -3.70 -23.27 -11.67
N LEU F 104 -4.64 -22.38 -11.38
CA LEU F 104 -5.99 -22.57 -11.83
C LEU F 104 -6.17 -22.16 -13.29
N VAL F 105 -5.57 -21.06 -13.71
CA VAL F 105 -5.83 -20.51 -15.03
C VAL F 105 -4.89 -21.08 -16.10
N ALA F 106 -3.61 -21.11 -15.83
CA ALA F 106 -2.67 -21.65 -16.81
C ALA F 106 -2.61 -23.18 -16.78
N LEU F 107 -2.62 -23.77 -15.59
CA LEU F 107 -2.48 -25.22 -15.46
C LEU F 107 -3.80 -25.97 -15.29
N GLU F 108 -4.92 -25.24 -15.20
CA GLU F 108 -6.24 -25.85 -15.25
C GLU F 108 -6.48 -26.81 -14.09
N ILE F 109 -5.88 -26.52 -12.93
CA ILE F 109 -6.08 -27.37 -11.76
C ILE F 109 -7.49 -27.18 -11.21
N ASN F 110 -8.11 -28.28 -10.76
CA ASN F 110 -9.49 -28.27 -10.28
C ASN F 110 -9.63 -28.67 -8.82
N GLN F 111 -8.51 -28.90 -8.16
CA GLN F 111 -8.48 -29.31 -6.76
C GLN F 111 -7.49 -28.49 -5.97
N ILE F 112 -7.93 -27.84 -4.89
CA ILE F 112 -7.08 -27.03 -4.03
C ILE F 112 -7.15 -27.59 -2.61
N ILE F 113 -5.99 -27.88 -2.03
CA ILE F 113 -5.89 -28.35 -0.67
C ILE F 113 -5.15 -27.29 0.15
N VAL F 114 -5.76 -26.81 1.22
CA VAL F 114 -5.08 -26.04 2.27
C VAL F 114 -4.73 -27.02 3.39
N CYS F 115 -3.44 -27.26 3.56
CA CYS F 115 -2.95 -28.23 4.51
C CYS F 115 -2.17 -27.53 5.62
N GLY F 116 -2.75 -27.52 6.80
CA GLY F 116 -2.08 -27.10 8.02
C GLY F 116 -1.45 -28.29 8.70
N HIS F 117 -0.82 -28.07 9.84
CA HIS F 117 -0.13 -29.21 10.50
C HIS F 117 0.00 -28.95 11.98
N SER F 118 0.15 -30.03 12.73
CA SER F 118 0.27 -29.93 14.17
C SER F 118 1.55 -29.20 14.55
N HIS F 119 1.48 -28.50 15.68
CA HIS F 119 2.67 -27.82 16.26
C HIS F 119 3.22 -26.71 15.37
N CYS F 120 2.33 -26.05 14.65
CA CYS F 120 2.72 -25.02 13.70
C CYS F 120 3.26 -23.78 14.38
N GLY F 121 4.48 -23.40 14.01
CA GLY F 121 5.12 -22.24 14.62
C GLY F 121 4.40 -20.94 14.36
N ALA F 122 3.84 -20.77 13.18
CA ALA F 122 3.06 -19.58 12.88
C ALA F 122 1.87 -19.45 13.79
N MET F 123 1.24 -20.58 14.14
CA MET F 123 0.07 -20.58 15.01
C MET F 123 0.41 -20.31 16.47
N LYS F 124 1.54 -20.86 16.92
CA LYS F 124 2.08 -20.51 18.22
C LYS F 124 2.33 -19.01 18.28
N GLY F 125 2.88 -18.45 17.20
CA GLY F 125 3.10 -17.02 17.14
C GLY F 125 1.83 -16.19 17.17
N LEU F 126 0.84 -16.65 16.42
CA LEU F 126 -0.44 -16.00 16.34
C LEU F 126 -1.08 -15.87 17.72
N LEU F 127 -0.91 -16.90 18.56
CA LEU F 127 -1.44 -16.90 19.91
C LEU F 127 -0.67 -16.01 20.90
N LYS F 128 0.48 -15.49 20.49
CA LYS F 128 1.31 -14.58 21.28
C LYS F 128 1.71 -13.41 20.37
N LEU F 129 0.76 -12.92 19.59
CA LEU F 129 1.07 -12.03 18.47
C LEU F 129 1.83 -10.77 18.87
N ASN F 130 1.42 -10.11 19.92
CA ASN F 130 2.08 -8.87 20.28
C ASN F 130 3.53 -9.04 20.64
N SER F 131 3.86 -10.19 21.19
CA SER F 131 5.24 -10.48 21.59
C SER F 131 6.17 -10.61 20.37
N LEU F 132 5.61 -10.76 19.16
CA LEU F 132 6.44 -10.95 17.98
C LEU F 132 6.96 -9.67 17.41
N GLN F 133 6.35 -8.56 17.73
CA GLN F 133 6.69 -7.31 17.06
C GLN F 133 8.15 -6.99 17.11
N GLU F 134 8.77 -7.16 18.28
CA GLU F 134 10.13 -6.73 18.49
C GLU F 134 11.13 -7.49 17.61
N LYS F 135 11.11 -8.83 17.66
CA LYS F 135 12.16 -9.61 17.01
C LYS F 135 11.70 -10.17 15.67
N LEU F 136 10.38 -10.29 15.48
CA LEU F 136 9.84 -10.88 14.25
C LEU F 136 8.82 -9.95 13.62
N PRO F 137 9.24 -8.73 13.30
CA PRO F 137 8.27 -7.76 12.79
C PRO F 137 7.59 -8.16 11.48
N LEU F 138 8.30 -8.79 10.55
CA LEU F 138 7.64 -9.19 9.32
C LEU F 138 6.65 -10.32 9.55
N VAL F 139 6.94 -11.22 10.49
CA VAL F 139 6.00 -12.27 10.85
C VAL F 139 4.76 -11.64 11.48
N TYR F 140 4.96 -10.70 12.37
CA TYR F 140 3.82 -9.97 12.97
C TYR F 140 2.92 -9.41 11.91
N ASP F 141 3.48 -8.72 10.90
CA ASP F 141 2.60 -8.11 9.90
CA ASP F 141 2.66 -8.09 9.86
C ASP F 141 1.92 -9.17 9.02
N TRP F 142 2.62 -10.26 8.71
CA TRP F 142 2.10 -11.31 7.88
C TRP F 142 0.92 -11.99 8.52
N LEU F 143 1.03 -12.24 9.81
CA LEU F 143 -0.05 -12.89 10.55
C LEU F 143 -1.34 -12.06 10.58
N LYS F 144 -1.26 -10.77 10.29
CA LYS F 144 -2.47 -9.99 10.17
C LYS F 144 -3.37 -10.50 9.11
N HIS F 145 -2.85 -11.24 8.14
CA HIS F 145 -3.73 -11.77 7.08
C HIS F 145 -4.54 -12.94 7.57
N THR F 146 -4.22 -13.46 8.74
CA THR F 146 -5.04 -14.48 9.39
C THR F 146 -5.61 -13.95 10.73
N GLU F 147 -5.76 -12.64 10.84
CA GLU F 147 -6.31 -12.05 12.07
C GLU F 147 -7.73 -12.57 12.34
N ALA F 148 -8.48 -12.93 11.29
CA ALA F 148 -9.80 -13.52 11.57
C ALA F 148 -9.71 -14.80 12.40
N THR F 149 -8.67 -15.58 12.20
CA THR F 149 -8.41 -16.76 13.01
C THR F 149 -8.15 -16.34 14.46
N ARG F 150 -7.25 -15.37 14.62
CA ARG F 150 -6.89 -14.95 15.97
C ARG F 150 -8.09 -14.42 16.72
N ARG F 151 -8.88 -13.56 16.08
CA ARG F 151 -10.04 -12.99 16.72
C ARG F 151 -11.05 -14.08 17.10
N LEU F 152 -11.32 -15.00 16.18
CA LEU F 152 -12.25 -16.08 16.47
C LEU F 152 -11.74 -16.90 17.66
N VAL F 153 -10.47 -17.27 17.63
CA VAL F 153 -9.91 -18.10 18.67
C VAL F 153 -9.88 -17.41 20.04
N LEU F 154 -9.43 -16.15 20.07
CA LEU F 154 -9.43 -15.42 21.32
C LEU F 154 -10.81 -15.16 21.87
N ASP F 155 -11.81 -14.97 21.01
CA ASP F 155 -13.13 -14.61 21.45
C ASP F 155 -13.88 -15.84 21.89
N ASN F 156 -13.60 -17.02 21.33
CA ASN F 156 -14.49 -18.18 21.49
C ASN F 156 -13.88 -19.39 22.16
N TYR F 157 -12.56 -19.43 22.27
CA TYR F 157 -11.89 -20.63 22.83
C TYR F 157 -11.03 -20.39 24.07
N SER F 158 -11.35 -19.36 24.87
CA SER F 158 -10.61 -19.05 26.10
C SER F 158 -10.58 -20.19 27.07
N HIS F 159 -11.53 -21.08 26.98
CA HIS F 159 -11.57 -22.21 27.89
C HIS F 159 -10.42 -23.20 27.61
N LEU F 160 -9.79 -23.13 26.45
CA LEU F 160 -8.71 -24.06 26.15
C LEU F 160 -7.35 -23.49 26.48
N GLU F 161 -6.40 -24.39 26.66
CA GLU F 161 -5.02 -23.95 26.92
C GLU F 161 -4.05 -24.91 26.28
N GLY F 162 -2.78 -24.51 26.26
CA GLY F 162 -1.72 -25.40 25.81
C GLY F 162 -1.92 -26.02 24.46
N GLU F 163 -1.60 -27.32 24.37
CA GLU F 163 -1.66 -28.00 23.10
C GLU F 163 -3.06 -28.01 22.50
N ASP F 164 -4.11 -28.07 23.33
CA ASP F 164 -5.47 -28.05 22.80
C ASP F 164 -5.75 -26.74 22.07
N LEU F 165 -5.27 -25.64 22.62
CA LEU F 165 -5.48 -24.35 22.01
C LEU F 165 -4.71 -24.16 20.70
N ILE F 166 -3.48 -24.63 20.67
CA ILE F 166 -2.69 -24.59 19.43
C ILE F 166 -3.40 -25.43 18.37
N GLU F 167 -3.88 -26.60 18.75
CA GLU F 167 -4.58 -27.46 17.79
C GLU F 167 -5.80 -26.80 17.20
N VAL F 168 -6.59 -26.11 18.03
N VAL F 168 -6.58 -26.08 18.02
CA VAL F 168 -7.75 -25.41 17.51
CA VAL F 168 -7.76 -25.43 17.47
C VAL F 168 -7.33 -24.29 16.59
C VAL F 168 -7.35 -24.26 16.60
N ALA F 169 -6.25 -23.59 16.92
CA ALA F 169 -5.74 -22.50 16.08
C ALA F 169 -5.31 -23.04 14.71
N VAL F 170 -4.63 -24.19 14.68
CA VAL F 170 -4.24 -24.80 13.41
C VAL F 170 -5.47 -25.11 12.55
N ALA F 171 -6.48 -25.70 13.17
CA ALA F 171 -7.70 -26.06 12.46
C ALA F 171 -8.46 -24.85 11.97
N GLU F 172 -8.67 -23.87 12.85
CA GLU F 172 -9.40 -22.67 12.46
C GLU F 172 -8.63 -21.90 11.40
N ASN F 173 -7.30 -21.89 11.44
CA ASN F 173 -6.53 -21.17 10.44
C ASN F 173 -6.80 -21.72 9.05
N ILE F 174 -6.90 -23.02 8.92
CA ILE F 174 -7.24 -23.62 7.63
C ILE F 174 -8.59 -23.13 7.13
N LEU F 175 -9.58 -23.09 8.00
CA LEU F 175 -10.92 -22.66 7.61
C LEU F 175 -10.92 -21.18 7.20
N THR F 176 -10.13 -20.34 7.86
CA THR F 176 -9.99 -18.95 7.45
C THR F 176 -9.46 -18.84 6.04
N GLN F 177 -8.50 -19.69 5.70
CA GLN F 177 -7.91 -19.61 4.36
C GLN F 177 -8.90 -20.03 3.29
N LEU F 178 -9.78 -20.96 3.63
CA LEU F 178 -10.83 -21.34 2.69
C LEU F 178 -11.76 -20.16 2.43
N LYS F 179 -12.12 -19.39 3.47
N LYS F 179 -12.09 -19.41 3.49
CA LYS F 179 -12.91 -18.19 3.26
CA LYS F 179 -12.86 -18.19 3.37
C LYS F 179 -12.15 -17.15 2.43
C LYS F 179 -12.16 -17.16 2.49
N ASN F 180 -10.85 -17.02 2.71
CA ASN F 180 -10.05 -16.06 1.95
C ASN F 180 -10.00 -16.44 0.47
N LEU F 181 -9.83 -17.73 0.19
CA LEU F 181 -9.74 -18.21 -1.19
C LEU F 181 -11.01 -17.85 -1.95
N GLN F 182 -12.16 -17.88 -1.28
CA GLN F 182 -13.42 -17.60 -1.95
C GLN F 182 -13.56 -16.19 -2.45
N THR F 183 -12.66 -15.29 -2.06
CA THR F 183 -12.69 -13.92 -2.55
C THR F 183 -11.87 -13.73 -3.84
N TYR F 184 -11.13 -14.72 -4.29
CA TYR F 184 -10.32 -14.54 -5.52
C TYR F 184 -11.18 -14.76 -6.75
N PRO F 185 -11.06 -13.88 -7.76
CA PRO F 185 -11.86 -14.02 -8.97
C PRO F 185 -11.86 -15.40 -9.64
N ALA F 186 -10.70 -16.00 -9.81
CA ALA F 186 -10.60 -17.29 -10.50
C ALA F 186 -11.33 -18.37 -9.71
N ILE F 187 -11.23 -18.31 -8.39
CA ILE F 187 -11.92 -19.24 -7.55
C ILE F 187 -13.41 -19.02 -7.54
N HIS F 188 -13.84 -17.76 -7.33
CA HIS F 188 -15.25 -17.45 -7.31
C HIS F 188 -15.93 -17.86 -8.62
N SER F 189 -15.30 -17.59 -9.75
CA SER F 189 -15.90 -17.93 -11.01
C SER F 189 -16.03 -19.42 -11.23
N ARG F 190 -14.98 -20.16 -10.84
CA ARG F 190 -14.97 -21.60 -11.09
CA ARG F 190 -14.97 -21.59 -11.10
C ARG F 190 -15.87 -22.35 -10.12
N LEU F 191 -16.03 -21.85 -8.91
CA LEU F 191 -16.98 -22.45 -7.97
C LEU F 191 -18.41 -22.29 -8.47
N HIS F 192 -18.71 -21.18 -9.13
CA HIS F 192 -20.00 -21.01 -9.79
C HIS F 192 -20.18 -22.05 -10.89
N ARG F 193 -19.14 -22.26 -11.67
CA ARG F 193 -19.12 -23.17 -12.81
C ARG F 193 -19.35 -24.62 -12.31
N GLY F 194 -18.84 -24.92 -11.11
CA GLY F 194 -19.02 -26.21 -10.46
C GLY F 194 -17.84 -27.18 -10.73
N ASP F 195 -16.77 -26.56 -11.18
CA ASP F 195 -15.58 -27.12 -11.77
C ASP F 195 -14.45 -27.47 -10.75
N LEU F 196 -14.53 -26.83 -9.61
CA LEU F 196 -13.38 -26.71 -8.70
C LEU F 196 -13.83 -27.15 -7.33
N SER F 197 -12.93 -27.80 -6.59
CA SER F 197 -13.18 -28.24 -5.23
C SER F 197 -12.09 -27.75 -4.33
N LEU F 198 -12.47 -27.30 -3.14
CA LEU F 198 -11.57 -26.90 -2.06
C LEU F 198 -11.60 -27.93 -0.93
N HIS F 199 -10.47 -28.10 -0.26
CA HIS F 199 -10.28 -29.10 0.78
C HIS F 199 -9.41 -28.49 1.85
N GLY F 200 -9.71 -28.85 3.09
CA GLY F 200 -8.92 -28.46 4.24
C GLY F 200 -8.38 -29.68 4.93
N TRP F 201 -7.08 -29.73 5.13
CA TRP F 201 -6.39 -30.86 5.74
C TRP F 201 -5.54 -30.42 6.94
N ILE F 202 -5.51 -31.26 7.99
CA ILE F 202 -4.54 -31.14 9.08
C ILE F 202 -3.64 -32.35 9.06
N TYR F 203 -2.35 -32.10 8.88
CA TYR F 203 -1.34 -33.14 8.96
C TYR F 203 -0.83 -33.25 10.37
N ARG F 204 -1.08 -34.40 11.00
CA ARG F 204 -0.65 -34.64 12.36
C ARG F 204 0.70 -35.35 12.29
N ILE F 205 1.76 -34.58 12.55
CA ILE F 205 3.12 -35.04 12.34
C ILE F 205 3.45 -36.30 13.14
N GLU F 206 3.12 -36.31 14.42
CA GLU F 206 3.54 -37.41 15.26
C GLU F 206 2.82 -38.70 14.91
N GLU F 207 1.58 -38.60 14.43
CA GLU F 207 0.74 -39.76 14.17
C GLU F 207 0.73 -40.18 12.69
N GLY F 208 1.39 -39.40 11.84
CA GLY F 208 1.50 -39.75 10.44
C GLY F 208 0.17 -39.81 9.71
N GLU F 209 -0.75 -38.97 10.12
CA GLU F 209 -2.10 -39.01 9.56
C GLU F 209 -2.60 -37.65 9.18
N VAL F 210 -3.61 -37.66 8.31
CA VAL F 210 -4.29 -36.44 7.88
C VAL F 210 -5.75 -36.50 8.29
N LEU F 211 -6.24 -35.38 8.81
CA LEU F 211 -7.66 -35.18 9.07
C LEU F 211 -8.17 -34.16 8.07
N ALA F 212 -9.34 -34.42 7.50
CA ALA F 212 -9.91 -33.56 6.47
C ALA F 212 -11.21 -32.96 6.96
N TYR F 213 -11.41 -31.69 6.65
CA TYR F 213 -12.62 -31.00 7.05
C TYR F 213 -13.84 -31.57 6.32
N ASP F 214 -14.87 -31.86 7.09
CA ASP F 214 -16.11 -32.41 6.58
C ASP F 214 -17.17 -31.39 6.95
N GLY F 215 -17.77 -30.79 5.92
CA GLY F 215 -18.74 -29.72 6.09
C GLY F 215 -20.08 -30.14 6.66
N VAL F 216 -20.35 -31.44 6.71
CA VAL F 216 -21.59 -31.92 7.32
C VAL F 216 -21.37 -32.09 8.82
N LEU F 217 -20.20 -32.63 9.19
CA LEU F 217 -19.88 -32.87 10.60
C LEU F 217 -19.33 -31.61 11.26
N HIS F 218 -18.93 -30.64 10.44
CA HIS F 218 -18.26 -29.45 10.95
C HIS F 218 -17.09 -29.79 11.85
N ASP F 219 -16.23 -30.64 11.33
CA ASP F 219 -15.10 -31.14 12.08
C ASP F 219 -14.08 -31.67 11.11
N PHE F 220 -12.85 -31.81 11.58
CA PHE F 220 -11.78 -32.44 10.81
C PHE F 220 -11.69 -33.91 11.25
N VAL F 221 -11.86 -34.81 10.29
CA VAL F 221 -11.96 -36.23 10.61
C VAL F 221 -11.15 -37.06 9.60
N ALA F 222 -10.88 -38.32 9.94
CA ALA F 222 -10.11 -39.16 9.03
C ALA F 222 -10.86 -39.34 7.69
N PRO F 223 -10.17 -39.16 6.56
CA PRO F 223 -10.80 -39.35 5.24
C PRO F 223 -11.29 -40.79 4.98
ZN ZN G . -25.64 2.02 -7.93
CL CL H . -21.59 -17.70 1.90
CL CL I . -28.92 7.64 3.44
C FMT J . -19.95 6.56 13.78
O1 FMT J . -21.16 6.71 14.04
O2 FMT J . -19.10 7.46 13.82
H FMT J . -19.58 5.57 13.50
C FMT K . -12.91 -5.97 11.74
O1 FMT K . -13.33 -7.06 11.39
O2 FMT K . -12.51 -5.77 12.91
H FMT K . -12.86 -5.14 11.05
C FMT L . -34.02 -11.78 4.12
O1 FMT L . -35.04 -11.49 3.45
O2 FMT L . -32.89 -11.38 3.74
H FMT L . -34.09 -12.36 5.03
ZN ZN M . -20.82 10.47 13.31
C FMT N . -10.95 12.72 -9.24
O1 FMT N . -10.75 13.84 -8.77
O2 FMT N . -10.97 12.49 -10.47
H FMT N . -11.10 11.91 -8.53
C FMT O . -23.11 5.14 -8.87
O1 FMT O . -24.30 5.54 -8.77
O2 FMT O . -22.84 3.99 -9.10
H FMT O . -22.29 5.85 -8.75
C FMT P . -24.41 27.12 2.62
O1 FMT P . -25.17 27.30 3.55
O2 FMT P . -23.44 26.31 2.68
H FMT P . -24.59 27.69 1.71
C FMT Q . -24.18 10.91 22.23
O1 FMT Q . -23.29 11.21 23.08
O2 FMT Q . -24.04 10.02 21.41
H FMT Q . -25.10 11.48 22.26
C FMT R . -28.78 24.75 -12.44
O1 FMT R . -28.43 23.92 -13.27
O2 FMT R . -29.23 25.88 -12.76
H FMT R . -28.70 24.46 -11.39
ZN ZN S . 12.40 20.50 -12.68
CL CL T . 20.99 21.64 -2.91
C FMT U . 17.66 15.67 8.98
O1 FMT U . 17.96 14.50 9.24
O2 FMT U . 18.45 16.60 9.09
H FMT U . 16.67 15.92 8.63
C FMT V . 13.43 16.63 -13.28
O1 FMT V . 12.25 17.01 -13.30
O2 FMT V . 14.29 17.45 -13.56
H FMT V . 13.66 15.60 -13.02
C FMT W . 3.15 15.94 9.84
O1 FMT W . 3.31 15.62 11.01
O2 FMT W . 2.37 16.83 9.45
H FMT W . 3.70 15.42 9.06
C FMT X . 24.76 18.20 16.35
O1 FMT X . 25.35 17.23 16.81
O2 FMT X . 24.31 18.32 15.21
H FMT X . 24.59 19.07 17.00
ZN ZN Y . 21.35 14.41 7.97
C FMT Z . 13.99 2.24 -12.41
O1 FMT Z . 14.82 1.42 -12.01
O2 FMT Z . 13.61 2.26 -13.57
H FMT Z . 13.62 2.95 -11.69
C FMT AA . 34.08 7.59 -4.38
O1 FMT AA . 34.20 6.45 -4.90
O2 FMT AA . 34.72 8.64 -4.60
H FMT AA . 33.30 7.64 -3.63
ZN ZN BA . 9.06 -22.29 -12.24
CL CL CA . 25.88 -9.91 -4.55
CL CL DA . 7.98 -29.00 -1.10
C FMT EA . 13.85 -9.39 8.40
O1 FMT EA . 13.83 -9.23 9.63
O2 FMT EA . 14.83 -9.07 7.76
H FMT EA . 12.96 -9.80 7.92
C FMT FA . 5.17 -21.59 -12.27
O1 FMT FA . 5.32 -22.80 -12.44
O2 FMT FA . 5.92 -20.71 -12.62
H FMT FA . 4.27 -21.25 -11.75
C FMT GA . 6.74 -21.76 10.54
O1 FMT GA . 5.52 -21.51 10.78
O2 FMT GA . 7.15 -22.91 10.59
H FMT GA . 7.39 -20.93 10.29
C FMT HA . 8.50 -26.97 -20.51
O1 FMT HA . 7.76 -26.76 -19.56
O2 FMT HA . 8.63 -26.19 -21.48
H FMT HA . 9.12 -27.87 -20.53
C FMT IA . 27.12 -23.77 -3.77
O1 FMT IA . 26.34 -22.80 -3.91
O2 FMT IA . 27.35 -24.68 -4.61
H FMT IA . 27.64 -23.82 -2.81
ZN ZN JA . 3.71 -24.46 10.34
C FMT KA . -7.26 -14.49 -9.61
O1 FMT KA . -8.15 -15.01 -8.92
O2 FMT KA . -7.23 -14.49 -10.86
H FMT KA . -6.43 -13.99 -9.12
C FMT LA . 6.77 -28.75 18.36
O1 FMT LA . 6.24 -28.35 19.41
O2 FMT LA . 7.18 -28.00 17.50
H FMT LA . 6.87 -29.83 18.23
#